data_3BY8
# 
_entry.id   3BY8 
# 
_audit_conform.dict_name       mmcif_pdbx.dic 
_audit_conform.dict_version    5.387 
_audit_conform.dict_location   http://mmcif.pdb.org/dictionaries/ascii/mmcif_pdbx.dic 
# 
loop_
_database_2.database_id 
_database_2.database_code 
_database_2.pdbx_database_accession 
_database_2.pdbx_DOI 
PDB   3BY8         pdb_00003by8 10.2210/pdb3by8/pdb 
RCSB  RCSB046105   ?            ?                   
WWPDB D_1000046105 ?            ?                   
# 
loop_
_pdbx_audit_revision_history.ordinal 
_pdbx_audit_revision_history.data_content_type 
_pdbx_audit_revision_history.major_revision 
_pdbx_audit_revision_history.minor_revision 
_pdbx_audit_revision_history.revision_date 
1 'Structure model' 1 0 2008-08-12 
2 'Structure model' 1 1 2011-07-13 
3 'Structure model' 1 2 2017-10-25 
4 'Structure model' 2 0 2021-04-21 
5 'Structure model' 2 1 2024-02-21 
# 
_pdbx_audit_revision_details.ordinal             1 
_pdbx_audit_revision_details.revision_ordinal    1 
_pdbx_audit_revision_details.data_content_type   'Structure model' 
_pdbx_audit_revision_details.provider            repository 
_pdbx_audit_revision_details.type                'Initial release' 
_pdbx_audit_revision_details.description         ? 
_pdbx_audit_revision_details.details             ? 
# 
loop_
_pdbx_audit_revision_group.ordinal 
_pdbx_audit_revision_group.revision_ordinal 
_pdbx_audit_revision_group.data_content_type 
_pdbx_audit_revision_group.group 
1  2 'Structure model' 'Version format compliance' 
2  3 'Structure model' 'Refinement description'    
3  4 'Structure model' 'Atomic model'              
4  4 'Structure model' 'Data collection'           
5  4 'Structure model' 'Database references'       
6  4 'Structure model' 'Derived calculations'      
7  4 'Structure model' 'Non-polymer description'   
8  4 'Structure model' 'Structure summary'         
9  5 'Structure model' 'Data collection'           
10 5 'Structure model' 'Database references'       
# 
loop_
_pdbx_audit_revision_category.ordinal 
_pdbx_audit_revision_category.revision_ordinal 
_pdbx_audit_revision_category.data_content_type 
_pdbx_audit_revision_category.category 
1  3 'Structure model' software             
2  4 'Structure model' atom_site            
3  4 'Structure model' chem_comp            
4  4 'Structure model' entity               
5  4 'Structure model' pdbx_entity_nonpoly  
6  4 'Structure model' pdbx_nonpoly_scheme  
7  4 'Structure model' pdbx_validate_chiral 
8  4 'Structure model' struct_ref_seq_dif   
9  4 'Structure model' struct_site          
10 5 'Structure model' chem_comp_atom       
11 5 'Structure model' chem_comp_bond       
12 5 'Structure model' database_2           
# 
loop_
_pdbx_audit_revision_item.ordinal 
_pdbx_audit_revision_item.revision_ordinal 
_pdbx_audit_revision_item.data_content_type 
_pdbx_audit_revision_item.item 
1  4 'Structure model' '_atom_site.B_iso_or_equiv'           
2  4 'Structure model' '_atom_site.Cartn_x'                  
3  4 'Structure model' '_atom_site.Cartn_y'                  
4  4 'Structure model' '_atom_site.Cartn_z'                  
5  4 'Structure model' '_atom_site.auth_atom_id'             
6  4 'Structure model' '_atom_site.auth_comp_id'             
7  4 'Structure model' '_atom_site.label_atom_id'            
8  4 'Structure model' '_atom_site.label_comp_id'            
9  4 'Structure model' '_chem_comp.formula'                  
10 4 'Structure model' '_chem_comp.formula_weight'           
11 4 'Structure model' '_chem_comp.id'                       
12 4 'Structure model' '_chem_comp.mon_nstd_flag'            
13 4 'Structure model' '_chem_comp.name'                     
14 4 'Structure model' '_chem_comp.pdbx_synonyms'            
15 4 'Structure model' '_chem_comp.type'                     
16 4 'Structure model' '_entity.pdbx_description'            
17 4 'Structure model' '_pdbx_entity_nonpoly.comp_id'        
18 4 'Structure model' '_pdbx_entity_nonpoly.name'           
19 4 'Structure model' '_pdbx_nonpoly_scheme.mon_id'         
20 4 'Structure model' '_pdbx_nonpoly_scheme.pdb_mon_id'     
21 4 'Structure model' '_struct_ref_seq_dif.details'         
22 4 'Structure model' '_struct_site.details'                
23 4 'Structure model' '_struct_site.pdbx_auth_asym_id'      
24 4 'Structure model' '_struct_site.pdbx_auth_comp_id'      
25 4 'Structure model' '_struct_site.pdbx_auth_seq_id'       
26 5 'Structure model' '_database_2.pdbx_DOI'                
27 5 'Structure model' '_database_2.pdbx_database_accession' 
# 
_pdbx_database_status.entry_id                        3BY8 
_pdbx_database_status.deposit_site                    RCSB 
_pdbx_database_status.process_site                    RCSB 
_pdbx_database_status.recvd_initial_deposition_date   2008-01-15 
_pdbx_database_status.status_code                     REL 
_pdbx_database_status.status_code_sf                  REL 
_pdbx_database_status.status_code_mr                  ? 
_pdbx_database_status.SG_entry                        ? 
_pdbx_database_status.pdb_format_compatible           Y 
_pdbx_database_status.status_code_cs                  ? 
_pdbx_database_status.methods_development_category    ? 
_pdbx_database_status.status_code_nmr_data            ? 
# 
_pdbx_database_related.db_name        PDB 
_pdbx_database_related.db_id          3BY9 
_pdbx_database_related.details        'Crystal structure of the V. cholerae Histidine Kinase DctB Sensor Domain' 
_pdbx_database_related.content_type   unspecified 
# 
loop_
_audit_author.name 
_audit_author.pdbx_ordinal 
'Cheung, J.'        1 
'Hendrickson, W.A.' 2 
# 
_citation.id                        primary 
_citation.title                     
'Crystal Structures of C4-Dicarboxylate Ligand Complexes with Sensor Domains of Histidine Kinases DcuS and DctB.' 
_citation.journal_abbrev            J.Biol.Chem. 
_citation.journal_volume            283 
_citation.page_first                30256 
_citation.page_last                 30265 
_citation.year                      2008 
_citation.journal_id_ASTM           JBCHA3 
_citation.country                   US 
_citation.journal_id_ISSN           0021-9258 
_citation.journal_id_CSD            0071 
_citation.book_publisher            ? 
_citation.pdbx_database_id_PubMed   18701447 
_citation.pdbx_database_id_DOI      10.1074/jbc.M805253200 
# 
loop_
_citation_author.citation_id 
_citation_author.name 
_citation_author.ordinal 
_citation_author.identifier_ORCID 
primary 'Cheung, J.'        1 ? 
primary 'Hendrickson, W.A.' 2 ? 
# 
loop_
_entity.id 
_entity.type 
_entity.src_method 
_entity.pdbx_description 
_entity.formula_weight 
_entity.pdbx_number_of_molecules 
_entity.pdbx_ec 
_entity.pdbx_mutation 
_entity.pdbx_fragment 
_entity.details 
1 polymer     man 'Sensor protein dcuS'            15757.835 1   2.7.13.3 ? 'residues 42-181' ? 
2 non-polymer syn '(2S)-2-hydroxybutanedioic acid' 134.087   1   ?        ? ?                 ? 
3 water       nat water                            18.015    152 ?        ? ?                 ? 
# 
_entity_poly.entity_id                      1 
_entity_poly.type                           'polypeptide(L)' 
_entity_poly.nstd_linkage                   no 
_entity_poly.nstd_monomer                   no 
_entity_poly.pdbx_seq_one_letter_code       
;GSSQISDMTRDGLANKALAVARTLADSPEIRQGLQKKPQESGIQAIAEAVRKRNDLLFIVVTDMQSLRYSHPEAQRIGQP
FKGDDILKALNGEENVAINRGFLAQALRVFTPIYDENHKQIGVVAIGLELSRVTQQINDSRW
;
_entity_poly.pdbx_seq_one_letter_code_can   
;GSSQISDMTRDGLANKALAVARTLADSPEIRQGLQKKPQESGIQAIAEAVRKRNDLLFIVVTDMQSLRYSHPEAQRIGQP
FKGDDILKALNGEENVAINRGFLAQALRVFTPIYDENHKQIGVVAIGLELSRVTQQINDSRW
;
_entity_poly.pdbx_strand_id                 A 
_entity_poly.pdbx_target_identifier         ? 
# 
loop_
_pdbx_entity_nonpoly.entity_id 
_pdbx_entity_nonpoly.name 
_pdbx_entity_nonpoly.comp_id 
2 '(2S)-2-hydroxybutanedioic acid' LMR 
3 water                            HOH 
# 
loop_
_entity_poly_seq.entity_id 
_entity_poly_seq.num 
_entity_poly_seq.mon_id 
_entity_poly_seq.hetero 
1 1   GLY n 
1 2   SER n 
1 3   SER n 
1 4   GLN n 
1 5   ILE n 
1 6   SER n 
1 7   ASP n 
1 8   MET n 
1 9   THR n 
1 10  ARG n 
1 11  ASP n 
1 12  GLY n 
1 13  LEU n 
1 14  ALA n 
1 15  ASN n 
1 16  LYS n 
1 17  ALA n 
1 18  LEU n 
1 19  ALA n 
1 20  VAL n 
1 21  ALA n 
1 22  ARG n 
1 23  THR n 
1 24  LEU n 
1 25  ALA n 
1 26  ASP n 
1 27  SER n 
1 28  PRO n 
1 29  GLU n 
1 30  ILE n 
1 31  ARG n 
1 32  GLN n 
1 33  GLY n 
1 34  LEU n 
1 35  GLN n 
1 36  LYS n 
1 37  LYS n 
1 38  PRO n 
1 39  GLN n 
1 40  GLU n 
1 41  SER n 
1 42  GLY n 
1 43  ILE n 
1 44  GLN n 
1 45  ALA n 
1 46  ILE n 
1 47  ALA n 
1 48  GLU n 
1 49  ALA n 
1 50  VAL n 
1 51  ARG n 
1 52  LYS n 
1 53  ARG n 
1 54  ASN n 
1 55  ASP n 
1 56  LEU n 
1 57  LEU n 
1 58  PHE n 
1 59  ILE n 
1 60  VAL n 
1 61  VAL n 
1 62  THR n 
1 63  ASP n 
1 64  MET n 
1 65  GLN n 
1 66  SER n 
1 67  LEU n 
1 68  ARG n 
1 69  TYR n 
1 70  SER n 
1 71  HIS n 
1 72  PRO n 
1 73  GLU n 
1 74  ALA n 
1 75  GLN n 
1 76  ARG n 
1 77  ILE n 
1 78  GLY n 
1 79  GLN n 
1 80  PRO n 
1 81  PHE n 
1 82  LYS n 
1 83  GLY n 
1 84  ASP n 
1 85  ASP n 
1 86  ILE n 
1 87  LEU n 
1 88  LYS n 
1 89  ALA n 
1 90  LEU n 
1 91  ASN n 
1 92  GLY n 
1 93  GLU n 
1 94  GLU n 
1 95  ASN n 
1 96  VAL n 
1 97  ALA n 
1 98  ILE n 
1 99  ASN n 
1 100 ARG n 
1 101 GLY n 
1 102 PHE n 
1 103 LEU n 
1 104 ALA n 
1 105 GLN n 
1 106 ALA n 
1 107 LEU n 
1 108 ARG n 
1 109 VAL n 
1 110 PHE n 
1 111 THR n 
1 112 PRO n 
1 113 ILE n 
1 114 TYR n 
1 115 ASP n 
1 116 GLU n 
1 117 ASN n 
1 118 HIS n 
1 119 LYS n 
1 120 GLN n 
1 121 ILE n 
1 122 GLY n 
1 123 VAL n 
1 124 VAL n 
1 125 ALA n 
1 126 ILE n 
1 127 GLY n 
1 128 LEU n 
1 129 GLU n 
1 130 LEU n 
1 131 SER n 
1 132 ARG n 
1 133 VAL n 
1 134 THR n 
1 135 GLN n 
1 136 GLN n 
1 137 ILE n 
1 138 ASN n 
1 139 ASP n 
1 140 SER n 
1 141 ARG n 
1 142 TRP n 
# 
_entity_src_gen.entity_id                          1 
_entity_src_gen.pdbx_src_id                        1 
_entity_src_gen.pdbx_alt_source_flag               sample 
_entity_src_gen.pdbx_seq_type                      ? 
_entity_src_gen.pdbx_beg_seq_num                   ? 
_entity_src_gen.pdbx_end_seq_num                   ? 
_entity_src_gen.gene_src_common_name               ? 
_entity_src_gen.gene_src_genus                     ? 
_entity_src_gen.pdbx_gene_src_gene                 'dcuS, yjdH' 
_entity_src_gen.gene_src_species                   ? 
_entity_src_gen.gene_src_strain                    ? 
_entity_src_gen.gene_src_tissue                    ? 
_entity_src_gen.gene_src_tissue_fraction           ? 
_entity_src_gen.gene_src_details                   ? 
_entity_src_gen.pdbx_gene_src_fragment             ? 
_entity_src_gen.pdbx_gene_src_scientific_name      'Escherichia coli' 
_entity_src_gen.pdbx_gene_src_ncbi_taxonomy_id     ? 
_entity_src_gen.pdbx_gene_src_variant              ? 
_entity_src_gen.pdbx_gene_src_cell_line            ? 
_entity_src_gen.pdbx_gene_src_atcc                 ? 
_entity_src_gen.pdbx_gene_src_organ                ? 
_entity_src_gen.pdbx_gene_src_organelle            ? 
_entity_src_gen.pdbx_gene_src_cell                 ? 
_entity_src_gen.pdbx_gene_src_cellular_location    ? 
_entity_src_gen.host_org_common_name               ? 
_entity_src_gen.pdbx_host_org_scientific_name      'Escherichia coli' 
_entity_src_gen.pdbx_host_org_ncbi_taxonomy_id     ? 
_entity_src_gen.host_org_genus                     ? 
_entity_src_gen.pdbx_host_org_gene                 ? 
_entity_src_gen.pdbx_host_org_organ                ? 
_entity_src_gen.host_org_species                   ? 
_entity_src_gen.pdbx_host_org_tissue               ? 
_entity_src_gen.pdbx_host_org_tissue_fraction      ? 
_entity_src_gen.pdbx_host_org_strain               'BL21(DE3)' 
_entity_src_gen.pdbx_host_org_variant              ? 
_entity_src_gen.pdbx_host_org_cell_line            ? 
_entity_src_gen.pdbx_host_org_atcc                 ? 
_entity_src_gen.pdbx_host_org_culture_collection   ? 
_entity_src_gen.pdbx_host_org_cell                 ? 
_entity_src_gen.pdbx_host_org_organelle            ? 
_entity_src_gen.pdbx_host_org_cellular_location    ? 
_entity_src_gen.pdbx_host_org_vector_type          plasmid 
_entity_src_gen.pdbx_host_org_vector               ? 
_entity_src_gen.host_org_details                   ? 
_entity_src_gen.expression_system_id               ? 
_entity_src_gen.plasmid_name                       pGEX4T2 
_entity_src_gen.plasmid_details                    ? 
_entity_src_gen.pdbx_description                   ? 
# 
loop_
_chem_comp.id 
_chem_comp.type 
_chem_comp.mon_nstd_flag 
_chem_comp.name 
_chem_comp.pdbx_synonyms 
_chem_comp.formula 
_chem_comp.formula_weight 
ALA 'L-peptide linking' y ALANINE                          ?        'C3 H7 N O2'     89.093  
ARG 'L-peptide linking' y ARGININE                         ?        'C6 H15 N4 O2 1' 175.209 
ASN 'L-peptide linking' y ASPARAGINE                       ?        'C4 H8 N2 O3'    132.118 
ASP 'L-peptide linking' y 'ASPARTIC ACID'                  ?        'C4 H7 N O4'     133.103 
GLN 'L-peptide linking' y GLUTAMINE                        ?        'C5 H10 N2 O3'   146.144 
GLU 'L-peptide linking' y 'GLUTAMIC ACID'                  ?        'C5 H9 N O4'     147.129 
GLY 'peptide linking'   y GLYCINE                          ?        'C2 H5 N O2'     75.067  
HIS 'L-peptide linking' y HISTIDINE                        ?        'C6 H10 N3 O2 1' 156.162 
HOH non-polymer         . WATER                            ?        'H2 O'           18.015  
ILE 'L-peptide linking' y ISOLEUCINE                       ?        'C6 H13 N O2'    131.173 
LEU 'L-peptide linking' y LEUCINE                          ?        'C6 H13 N O2'    131.173 
LMR non-polymer         . '(2S)-2-hydroxybutanedioic acid' L-Malate 'C4 H6 O5'       134.087 
LYS 'L-peptide linking' y LYSINE                           ?        'C6 H15 N2 O2 1' 147.195 
MET 'L-peptide linking' y METHIONINE                       ?        'C5 H11 N O2 S'  149.211 
PHE 'L-peptide linking' y PHENYLALANINE                    ?        'C9 H11 N O2'    165.189 
PRO 'L-peptide linking' y PROLINE                          ?        'C5 H9 N O2'     115.130 
SER 'L-peptide linking' y SERINE                           ?        'C3 H7 N O3'     105.093 
THR 'L-peptide linking' y THREONINE                        ?        'C4 H9 N O3'     119.119 
TRP 'L-peptide linking' y TRYPTOPHAN                       ?        'C11 H12 N2 O2'  204.225 
TYR 'L-peptide linking' y TYROSINE                         ?        'C9 H11 N O3'    181.189 
VAL 'L-peptide linking' y VALINE                           ?        'C5 H11 N O2'    117.146 
# 
loop_
_pdbx_poly_seq_scheme.asym_id 
_pdbx_poly_seq_scheme.entity_id 
_pdbx_poly_seq_scheme.seq_id 
_pdbx_poly_seq_scheme.mon_id 
_pdbx_poly_seq_scheme.ndb_seq_num 
_pdbx_poly_seq_scheme.pdb_seq_num 
_pdbx_poly_seq_scheme.auth_seq_num 
_pdbx_poly_seq_scheme.pdb_mon_id 
_pdbx_poly_seq_scheme.auth_mon_id 
_pdbx_poly_seq_scheme.pdb_strand_id 
_pdbx_poly_seq_scheme.pdb_ins_code 
_pdbx_poly_seq_scheme.hetero 
A 1 1   GLY 1   40  ?   ?   ?   A . n 
A 1 2   SER 2   41  ?   ?   ?   A . n 
A 1 3   SER 3   42  ?   ?   ?   A . n 
A 1 4   GLN 4   43  ?   ?   ?   A . n 
A 1 5   ILE 5   44  ?   ?   ?   A . n 
A 1 6   SER 6   45  ?   ?   ?   A . n 
A 1 7   ASP 7   46  46  ASP ASP A . n 
A 1 8   MET 8   47  47  MET MET A . n 
A 1 9   THR 9   48  48  THR THR A . n 
A 1 10  ARG 10  49  49  ARG ARG A . n 
A 1 11  ASP 11  50  50  ASP ASP A . n 
A 1 12  GLY 12  51  51  GLY GLY A . n 
A 1 13  LEU 13  52  52  LEU LEU A . n 
A 1 14  ALA 14  53  53  ALA ALA A . n 
A 1 15  ASN 15  54  54  ASN ASN A . n 
A 1 16  LYS 16  55  55  LYS LYS A . n 
A 1 17  ALA 17  56  56  ALA ALA A . n 
A 1 18  LEU 18  57  57  LEU LEU A . n 
A 1 19  ALA 19  58  58  ALA ALA A . n 
A 1 20  VAL 20  59  59  VAL VAL A . n 
A 1 21  ALA 21  60  60  ALA ALA A . n 
A 1 22  ARG 22  61  61  ARG ARG A . n 
A 1 23  THR 23  62  62  THR THR A . n 
A 1 24  LEU 24  63  63  LEU LEU A . n 
A 1 25  ALA 25  64  64  ALA ALA A . n 
A 1 26  ASP 26  65  65  ASP ASP A . n 
A 1 27  SER 27  66  66  SER SER A . n 
A 1 28  PRO 28  67  67  PRO PRO A . n 
A 1 29  GLU 29  68  68  GLU GLU A . n 
A 1 30  ILE 30  69  69  ILE ILE A . n 
A 1 31  ARG 31  70  70  ARG ARG A . n 
A 1 32  GLN 32  71  71  GLN GLN A . n 
A 1 33  GLY 33  72  72  GLY GLY A . n 
A 1 34  LEU 34  73  73  LEU LEU A . n 
A 1 35  GLN 35  74  74  GLN GLN A . n 
A 1 36  LYS 36  75  75  LYS LYS A . n 
A 1 37  LYS 37  76  76  LYS LYS A . n 
A 1 38  PRO 38  77  77  PRO PRO A . n 
A 1 39  GLN 39  78  78  GLN GLN A . n 
A 1 40  GLU 40  79  79  GLU GLU A . n 
A 1 41  SER 41  80  80  SER SER A . n 
A 1 42  GLY 42  81  81  GLY GLY A . n 
A 1 43  ILE 43  82  82  ILE ILE A . n 
A 1 44  GLN 44  83  83  GLN GLN A . n 
A 1 45  ALA 45  84  84  ALA ALA A . n 
A 1 46  ILE 46  85  85  ILE ILE A . n 
A 1 47  ALA 47  86  86  ALA ALA A . n 
A 1 48  GLU 48  87  87  GLU GLU A . n 
A 1 49  ALA 49  88  88  ALA ALA A . n 
A 1 50  VAL 50  89  89  VAL VAL A . n 
A 1 51  ARG 51  90  90  ARG ARG A . n 
A 1 52  LYS 52  91  91  LYS LYS A . n 
A 1 53  ARG 53  92  92  ARG ARG A . n 
A 1 54  ASN 54  93  93  ASN ASN A . n 
A 1 55  ASP 55  94  94  ASP ASP A . n 
A 1 56  LEU 56  95  95  LEU LEU A . n 
A 1 57  LEU 57  96  96  LEU LEU A . n 
A 1 58  PHE 58  97  97  PHE PHE A . n 
A 1 59  ILE 59  98  98  ILE ILE A . n 
A 1 60  VAL 60  99  99  VAL VAL A . n 
A 1 61  VAL 61  100 100 VAL VAL A . n 
A 1 62  THR 62  101 101 THR THR A . n 
A 1 63  ASP 63  102 102 ASP ASP A . n 
A 1 64  MET 64  103 103 MET MET A . n 
A 1 65  GLN 65  104 104 GLN GLN A . n 
A 1 66  SER 66  105 105 SER SER A . n 
A 1 67  LEU 67  106 106 LEU LEU A . n 
A 1 68  ARG 68  107 107 ARG ARG A . n 
A 1 69  TYR 69  108 108 TYR TYR A . n 
A 1 70  SER 70  109 109 SER SER A . n 
A 1 71  HIS 71  110 110 HIS HIS A . n 
A 1 72  PRO 72  111 111 PRO PRO A . n 
A 1 73  GLU 73  112 112 GLU GLU A . n 
A 1 74  ALA 74  113 113 ALA ALA A . n 
A 1 75  GLN 75  114 114 GLN GLN A . n 
A 1 76  ARG 76  115 115 ARG ARG A . n 
A 1 77  ILE 77  116 116 ILE ILE A . n 
A 1 78  GLY 78  117 117 GLY GLY A . n 
A 1 79  GLN 79  118 118 GLN GLN A . n 
A 1 80  PRO 80  119 119 PRO PRO A . n 
A 1 81  PHE 81  120 120 PHE PHE A . n 
A 1 82  LYS 82  121 121 LYS LYS A . n 
A 1 83  GLY 83  122 122 GLY GLY A . n 
A 1 84  ASP 84  123 123 ASP ASP A . n 
A 1 85  ASP 85  124 124 ASP ASP A . n 
A 1 86  ILE 86  125 125 ILE ILE A . n 
A 1 87  LEU 87  126 126 LEU LEU A . n 
A 1 88  LYS 88  127 127 LYS LYS A . n 
A 1 89  ALA 89  128 128 ALA ALA A . n 
A 1 90  LEU 90  129 129 LEU LEU A . n 
A 1 91  ASN 91  130 130 ASN ASN A . n 
A 1 92  GLY 92  131 131 GLY GLY A . n 
A 1 93  GLU 93  132 132 GLU GLU A . n 
A 1 94  GLU 94  133 133 GLU GLU A . n 
A 1 95  ASN 95  134 134 ASN ASN A . n 
A 1 96  VAL 96  135 135 VAL VAL A . n 
A 1 97  ALA 97  136 136 ALA ALA A . n 
A 1 98  ILE 98  137 137 ILE ILE A . n 
A 1 99  ASN 99  138 138 ASN ASN A . n 
A 1 100 ARG 100 139 139 ARG ARG A . n 
A 1 101 GLY 101 140 140 GLY GLY A . n 
A 1 102 PHE 102 141 141 PHE PHE A . n 
A 1 103 LEU 103 142 142 LEU LEU A . n 
A 1 104 ALA 104 143 143 ALA ALA A . n 
A 1 105 GLN 105 144 144 GLN GLN A . n 
A 1 106 ALA 106 145 145 ALA ALA A . n 
A 1 107 LEU 107 146 146 LEU LEU A . n 
A 1 108 ARG 108 147 147 ARG ARG A . n 
A 1 109 VAL 109 148 148 VAL VAL A . n 
A 1 110 PHE 110 149 149 PHE PHE A . n 
A 1 111 THR 111 150 150 THR THR A . n 
A 1 112 PRO 112 151 151 PRO PRO A . n 
A 1 113 ILE 113 152 152 ILE ILE A . n 
A 1 114 TYR 114 153 153 TYR TYR A . n 
A 1 115 ASP 115 154 154 ASP ASP A . n 
A 1 116 GLU 116 155 155 GLU GLU A . n 
A 1 117 ASN 117 156 156 ASN ASN A . n 
A 1 118 HIS 118 157 157 HIS HIS A . n 
A 1 119 LYS 119 158 158 LYS LYS A . n 
A 1 120 GLN 120 159 159 GLN GLN A . n 
A 1 121 ILE 121 160 160 ILE ILE A . n 
A 1 122 GLY 122 161 161 GLY GLY A . n 
A 1 123 VAL 123 162 162 VAL VAL A . n 
A 1 124 VAL 124 163 163 VAL VAL A . n 
A 1 125 ALA 125 164 164 ALA ALA A . n 
A 1 126 ILE 126 165 165 ILE ILE A . n 
A 1 127 GLY 127 166 166 GLY GLY A . n 
A 1 128 LEU 128 167 167 LEU LEU A . n 
A 1 129 GLU 129 168 168 GLU GLU A . n 
A 1 130 LEU 130 169 169 LEU LEU A . n 
A 1 131 SER 131 170 170 SER SER A . n 
A 1 132 ARG 132 171 171 ARG ARG A . n 
A 1 133 VAL 133 172 172 VAL VAL A . n 
A 1 134 THR 134 173 173 THR THR A . n 
A 1 135 GLN 135 174 174 GLN GLN A . n 
A 1 136 GLN 136 175 175 GLN GLN A . n 
A 1 137 ILE 137 176 176 ILE ILE A . n 
A 1 138 ASN 138 177 177 ASN ASN A . n 
A 1 139 ASP 139 178 178 ASP ASP A . n 
A 1 140 SER 140 179 ?   ?   ?   A . n 
A 1 141 ARG 141 180 ?   ?   ?   A . n 
A 1 142 TRP 142 181 ?   ?   ?   A . n 
# 
loop_
_pdbx_nonpoly_scheme.asym_id 
_pdbx_nonpoly_scheme.entity_id 
_pdbx_nonpoly_scheme.mon_id 
_pdbx_nonpoly_scheme.ndb_seq_num 
_pdbx_nonpoly_scheme.pdb_seq_num 
_pdbx_nonpoly_scheme.auth_seq_num 
_pdbx_nonpoly_scheme.pdb_mon_id 
_pdbx_nonpoly_scheme.auth_mon_id 
_pdbx_nonpoly_scheme.pdb_strand_id 
_pdbx_nonpoly_scheme.pdb_ins_code 
B 2 LMR 1   1   1   LMR MLT A . 
C 3 HOH 1   182 1   HOH HOH A . 
C 3 HOH 2   183 2   HOH HOH A . 
C 3 HOH 3   184 3   HOH HOH A . 
C 3 HOH 4   185 4   HOH HOH A . 
C 3 HOH 5   186 5   HOH HOH A . 
C 3 HOH 6   187 6   HOH HOH A . 
C 3 HOH 7   188 7   HOH HOH A . 
C 3 HOH 8   189 8   HOH HOH A . 
C 3 HOH 9   190 9   HOH HOH A . 
C 3 HOH 10  191 10  HOH HOH A . 
C 3 HOH 11  192 11  HOH HOH A . 
C 3 HOH 12  193 12  HOH HOH A . 
C 3 HOH 13  194 13  HOH HOH A . 
C 3 HOH 14  195 14  HOH HOH A . 
C 3 HOH 15  196 15  HOH HOH A . 
C 3 HOH 16  197 16  HOH HOH A . 
C 3 HOH 17  198 17  HOH HOH A . 
C 3 HOH 18  199 18  HOH HOH A . 
C 3 HOH 19  200 19  HOH HOH A . 
C 3 HOH 20  201 20  HOH HOH A . 
C 3 HOH 21  202 21  HOH HOH A . 
C 3 HOH 22  203 22  HOH HOH A . 
C 3 HOH 23  204 23  HOH HOH A . 
C 3 HOH 24  205 24  HOH HOH A . 
C 3 HOH 25  206 25  HOH HOH A . 
C 3 HOH 26  207 26  HOH HOH A . 
C 3 HOH 27  208 27  HOH HOH A . 
C 3 HOH 28  209 28  HOH HOH A . 
C 3 HOH 29  210 29  HOH HOH A . 
C 3 HOH 30  211 30  HOH HOH A . 
C 3 HOH 31  212 31  HOH HOH A . 
C 3 HOH 32  213 32  HOH HOH A . 
C 3 HOH 33  214 33  HOH HOH A . 
C 3 HOH 34  215 34  HOH HOH A . 
C 3 HOH 35  216 35  HOH HOH A . 
C 3 HOH 36  217 36  HOH HOH A . 
C 3 HOH 37  218 37  HOH HOH A . 
C 3 HOH 38  219 38  HOH HOH A . 
C 3 HOH 39  220 39  HOH HOH A . 
C 3 HOH 40  221 40  HOH HOH A . 
C 3 HOH 41  222 41  HOH HOH A . 
C 3 HOH 42  223 42  HOH HOH A . 
C 3 HOH 43  224 43  HOH HOH A . 
C 3 HOH 44  225 44  HOH HOH A . 
C 3 HOH 45  226 45  HOH HOH A . 
C 3 HOH 46  227 46  HOH HOH A . 
C 3 HOH 47  228 47  HOH HOH A . 
C 3 HOH 48  229 48  HOH HOH A . 
C 3 HOH 49  230 49  HOH HOH A . 
C 3 HOH 50  231 50  HOH HOH A . 
C 3 HOH 51  232 51  HOH HOH A . 
C 3 HOH 52  233 52  HOH HOH A . 
C 3 HOH 53  234 53  HOH HOH A . 
C 3 HOH 54  235 54  HOH HOH A . 
C 3 HOH 55  236 55  HOH HOH A . 
C 3 HOH 56  237 56  HOH HOH A . 
C 3 HOH 57  238 57  HOH HOH A . 
C 3 HOH 58  239 58  HOH HOH A . 
C 3 HOH 59  240 59  HOH HOH A . 
C 3 HOH 60  241 60  HOH HOH A . 
C 3 HOH 61  242 61  HOH HOH A . 
C 3 HOH 62  243 62  HOH HOH A . 
C 3 HOH 63  244 63  HOH HOH A . 
C 3 HOH 64  245 64  HOH HOH A . 
C 3 HOH 65  246 65  HOH HOH A . 
C 3 HOH 66  247 66  HOH HOH A . 
C 3 HOH 67  248 67  HOH HOH A . 
C 3 HOH 68  249 68  HOH HOH A . 
C 3 HOH 69  250 69  HOH HOH A . 
C 3 HOH 70  251 70  HOH HOH A . 
C 3 HOH 71  252 71  HOH HOH A . 
C 3 HOH 72  253 72  HOH HOH A . 
C 3 HOH 73  254 73  HOH HOH A . 
C 3 HOH 74  255 74  HOH HOH A . 
C 3 HOH 75  256 75  HOH HOH A . 
C 3 HOH 76  257 76  HOH HOH A . 
C 3 HOH 77  258 77  HOH HOH A . 
C 3 HOH 78  259 78  HOH HOH A . 
C 3 HOH 79  260 79  HOH HOH A . 
C 3 HOH 80  261 80  HOH HOH A . 
C 3 HOH 81  262 81  HOH HOH A . 
C 3 HOH 82  263 82  HOH HOH A . 
C 3 HOH 83  264 83  HOH HOH A . 
C 3 HOH 84  265 84  HOH HOH A . 
C 3 HOH 85  266 85  HOH HOH A . 
C 3 HOH 86  267 86  HOH HOH A . 
C 3 HOH 87  268 87  HOH HOH A . 
C 3 HOH 88  269 88  HOH HOH A . 
C 3 HOH 89  270 89  HOH HOH A . 
C 3 HOH 90  271 90  HOH HOH A . 
C 3 HOH 91  272 91  HOH HOH A . 
C 3 HOH 92  273 92  HOH HOH A . 
C 3 HOH 93  274 93  HOH HOH A . 
C 3 HOH 94  275 94  HOH HOH A . 
C 3 HOH 95  276 95  HOH HOH A . 
C 3 HOH 96  277 96  HOH HOH A . 
C 3 HOH 97  278 97  HOH HOH A . 
C 3 HOH 98  279 98  HOH HOH A . 
C 3 HOH 99  280 99  HOH HOH A . 
C 3 HOH 100 281 100 HOH HOH A . 
C 3 HOH 101 282 101 HOH HOH A . 
C 3 HOH 102 283 102 HOH HOH A . 
C 3 HOH 103 284 103 HOH HOH A . 
C 3 HOH 104 285 104 HOH HOH A . 
C 3 HOH 105 286 105 HOH HOH A . 
C 3 HOH 106 287 106 HOH HOH A . 
C 3 HOH 107 288 107 HOH HOH A . 
C 3 HOH 108 289 108 HOH HOH A . 
C 3 HOH 109 290 109 HOH HOH A . 
C 3 HOH 110 291 110 HOH HOH A . 
C 3 HOH 111 292 111 HOH HOH A . 
C 3 HOH 112 293 112 HOH HOH A . 
C 3 HOH 113 294 113 HOH HOH A . 
C 3 HOH 114 295 114 HOH HOH A . 
C 3 HOH 115 296 115 HOH HOH A . 
C 3 HOH 116 297 116 HOH HOH A . 
C 3 HOH 117 298 117 HOH HOH A . 
C 3 HOH 118 299 118 HOH HOH A . 
C 3 HOH 119 300 119 HOH HOH A . 
C 3 HOH 120 301 120 HOH HOH A . 
C 3 HOH 121 302 121 HOH HOH A . 
C 3 HOH 122 303 122 HOH HOH A . 
C 3 HOH 123 304 123 HOH HOH A . 
C 3 HOH 124 305 124 HOH HOH A . 
C 3 HOH 125 306 125 HOH HOH A . 
C 3 HOH 126 307 126 HOH HOH A . 
C 3 HOH 127 308 127 HOH HOH A . 
C 3 HOH 128 309 128 HOH HOH A . 
C 3 HOH 129 310 129 HOH HOH A . 
C 3 HOH 130 311 130 HOH HOH A . 
C 3 HOH 131 312 131 HOH HOH A . 
C 3 HOH 132 313 132 HOH HOH A . 
C 3 HOH 133 314 133 HOH HOH A . 
C 3 HOH 134 315 134 HOH HOH A . 
C 3 HOH 135 316 135 HOH HOH A . 
C 3 HOH 136 317 136 HOH HOH A . 
C 3 HOH 137 318 137 HOH HOH A . 
C 3 HOH 138 319 138 HOH HOH A . 
C 3 HOH 139 320 139 HOH HOH A . 
C 3 HOH 140 321 140 HOH HOH A . 
C 3 HOH 141 322 141 HOH HOH A . 
C 3 HOH 142 323 142 HOH HOH A . 
C 3 HOH 143 324 143 HOH HOH A . 
C 3 HOH 144 325 144 HOH HOH A . 
C 3 HOH 145 326 145 HOH HOH A . 
C 3 HOH 146 327 146 HOH HOH A . 
C 3 HOH 147 328 147 HOH HOH A . 
C 3 HOH 148 329 148 HOH HOH A . 
C 3 HOH 149 330 149 HOH HOH A . 
C 3 HOH 150 331 150 HOH HOH A . 
C 3 HOH 151 332 151 HOH HOH A . 
C 3 HOH 152 333 152 HOH HOH A . 
# 
loop_
_software.name 
_software.version 
_software.date 
_software.type 
_software.contact_author 
_software.contact_author_email 
_software.classification 
_software.location 
_software.language 
_software.citation_id 
_software.pdbx_ordinal 
DENZO       .     ?                    package 'Zbyszek Otwinowski' zbyszek@mix.swmed.edu    'data reduction'  
http://www.lnls.br/infra/linhasluz/denzo-hkl.htm ?          ? 1 
SCALEPACK   .     ?                    package 'Zbyszek Otwinowski' zbyszek@mix.swmed.edu    'data scaling'    
http://www.lnls.br/infra/linhasluz/denzo-hkl.htm ?          ? 2 
DM          4.0   ?                    program 'K. Cowtan'          ccp4@dl.ac.uk            phasing           
http://www.ccp4.ac.uk/main.html                  Fortran_77 ? 3 
CNS         1.1   ?                    package 'Axel T. Brunger'    axel.brunger@yale.edu    refinement        
http://cns.csb.yale.edu/v1.1/                    Fortran_77 ? 4 
PDB_EXTRACT 3.004 'September 10, 2007' package PDB                  sw-help@rcsb.rutgers.edu 'data extraction' 
http://pdb.rutgers.edu/software/                 C++        ? 5 
# 
_cell.length_a           86.111 
_cell.length_b           86.111 
_cell.length_c           35.207 
_cell.angle_alpha        90.000 
_cell.angle_beta         90.000 
_cell.angle_gamma        120.000 
_cell.entry_id           3BY8 
_cell.pdbx_unique_axis   ? 
_cell.Z_PDB              6 
_cell.length_a_esd       ? 
_cell.length_b_esd       ? 
_cell.length_c_esd       ? 
_cell.angle_alpha_esd    ? 
_cell.angle_beta_esd     ? 
_cell.angle_gamma_esd    ? 
# 
_symmetry.space_group_name_H-M             'P 31 2 1' 
_symmetry.entry_id                         3BY8 
_symmetry.Int_Tables_number                152 
_symmetry.pdbx_full_space_group_name_H-M   ? 
_symmetry.cell_setting                     ? 
_symmetry.space_group_name_Hall            ? 
# 
_exptl.crystals_number   1 
_exptl.entry_id          3BY8 
_exptl.method            'X-RAY DIFFRACTION' 
# 
_exptl_crystal.id                    1 
_exptl_crystal.density_Matthews      2.39 
_exptl_crystal.density_meas          ? 
_exptl_crystal.density_percent_sol   48.56 
_exptl_crystal.description           ? 
_exptl_crystal.F_000                 ? 
_exptl_crystal.preparation           ? 
# 
_exptl_crystal_grow.crystal_id      1 
_exptl_crystal_grow.method          'VAPOR DIFFUSION' 
_exptl_crystal_grow.pH              4.5 
_exptl_crystal_grow.temp            277 
_exptl_crystal_grow.pdbx_details    'PEG MME 2000, isopropanol, ammonium citrate, pH 4.5, vapor diffusion, temperature 277K' 
_exptl_crystal_grow.temp_details    ? 
_exptl_crystal_grow.pdbx_pH_range   . 
# 
_diffrn.id                     1 
_diffrn.ambient_temp           100 
_diffrn.ambient_temp_details   ? 
_diffrn.crystal_id             1 
# 
_diffrn_detector.diffrn_id              1 
_diffrn_detector.detector               CCD 
_diffrn_detector.type                   ? 
_diffrn_detector.pdbx_collection_date   2001-04-07 
_diffrn_detector.details                ? 
# 
_diffrn_radiation.diffrn_id                        1 
_diffrn_radiation.pdbx_diffrn_protocol             MAD 
_diffrn_radiation.monochromator                    ? 
_diffrn_radiation.wavelength_id                    1 
_diffrn_radiation.pdbx_monochromatic_or_laue_m_l   M 
_diffrn_radiation.pdbx_scattering_type             x-ray 
# 
loop_
_diffrn_radiation_wavelength.id 
_diffrn_radiation_wavelength.wavelength 
_diffrn_radiation_wavelength.wt 
1 0.9678 1.0 
2 0.9787 1.0 
3 0.9793 1.0 
4 0.9918 1.0 
# 
_diffrn_source.diffrn_id                   1 
_diffrn_source.source                      SYNCHROTRON 
_diffrn_source.type                        'NSLS BEAMLINE X4A' 
_diffrn_source.pdbx_wavelength_list        '0.9678, 0.9787, 0.9793, 0.9918' 
_diffrn_source.pdbx_wavelength             ? 
_diffrn_source.pdbx_synchrotron_site       NSLS 
_diffrn_source.pdbx_synchrotron_beamline   X4A 
# 
_reflns.entry_id                     3BY8 
_reflns.d_resolution_high            1.400 
_reflns.d_resolution_low             30.000 
_reflns.number_obs                   29824 
_reflns.pdbx_Rmerge_I_obs            0.046 
_reflns.pdbx_netI_over_sigmaI        17.000 
_reflns.pdbx_chi_squared             1.013 
_reflns.percent_possible_obs         99.900 
_reflns.observed_criterion_sigma_F   ? 
_reflns.observed_criterion_sigma_I   ? 
_reflns.number_all                   ? 
_reflns.pdbx_Rsym_value              ? 
_reflns.B_iso_Wilson_estimate        ? 
_reflns.pdbx_redundancy              ? 
_reflns.R_free_details               ? 
_reflns.limit_h_max                  ? 
_reflns.limit_h_min                  ? 
_reflns.limit_k_max                  ? 
_reflns.limit_k_min                  ? 
_reflns.limit_l_max                  ? 
_reflns.limit_l_min                  ? 
_reflns.observed_criterion_F_max     ? 
_reflns.observed_criterion_F_min     ? 
_reflns.pdbx_scaling_rejects         ? 
_reflns.pdbx_diffrn_id               1 
_reflns.pdbx_ordinal                 1 
# 
loop_
_reflns_shell.d_res_high 
_reflns_shell.d_res_low 
_reflns_shell.number_measured_obs 
_reflns_shell.number_measured_all 
_reflns_shell.number_unique_obs 
_reflns_shell.Rmerge_I_obs 
_reflns_shell.meanI_over_sigI_obs 
_reflns_shell.pdbx_Rsym_value 
_reflns_shell.pdbx_chi_squared 
_reflns_shell.pdbx_redundancy 
_reflns_shell.percent_possible_obs 
_reflns_shell.number_unique_all 
_reflns_shell.percent_possible_all 
_reflns_shell.pdbx_diffrn_id 
_reflns_shell.pdbx_ordinal 
1.40 1.45  ? ? ? 0.238 ? ? 0.982 ? ? 2950 98.90  ? 1  
1.45 1.51  ? ? ? 0.203 ? ? 1.024 ? ? 2937 99.90  ? 2  
1.51 1.58  ? ? ? 0.152 ? ? 1.027 ? ? 2953 100.00 ? 3  
1.58 1.66  ? ? ? 0.113 ? ? 1.031 ? ? 2982 100.00 ? 4  
1.66 1.76  ? ? ? 0.083 ? ? 1.014 ? ? 2944 100.00 ? 5  
1.76 1.90  ? ? ? 0.059 ? ? 1.000 ? ? 2963 100.00 ? 6  
1.90 2.09  ? ? ? 0.044 ? ? 1.007 ? ? 2977 100.00 ? 7  
2.09 2.39  ? ? ? 0.036 ? ? 1.003 ? ? 3006 100.00 ? 8  
2.39 3.02  ? ? ? 0.058 ? ? 1.013 ? ? 2999 100.00 ? 9  
3.02 30.00 ? ? ? 0.041 ? ? 1.012 ? ? 3113 100.00 ? 10 
# 
_refine.entry_id                                 3BY8 
_refine.ls_d_res_high                            1.450 
_refine.ls_d_res_low                             28.190 
_refine.pdbx_ls_sigma_F                          0.00 
_refine.pdbx_data_cutoff_high_absF               1110909.875 
_refine.pdbx_data_cutoff_low_absF                0.000 
_refine.ls_percent_reflns_obs                    100.000 
_refine.ls_number_reflns_obs                     26860 
_refine.pdbx_ls_cross_valid_method               THROUGHOUT 
_refine.pdbx_R_Free_selection_details            RANDOM 
_refine.ls_R_factor_R_work                       0.219 
_refine.ls_R_factor_R_free                       0.232 
_refine.ls_percent_reflns_R_free                 5.000 
_refine.ls_number_reflns_R_free                  1351 
_refine.ls_R_factor_R_free_error                 0.006 
_refine.B_iso_mean                               25.100 
_refine.solvent_model_param_bsol                 58.772 
_refine.solvent_model_param_ksol                 0.400 
_refine.pdbx_isotropic_thermal_model             RESTRAINED 
_refine.aniso_B[1][1]                            2.400 
_refine.aniso_B[2][2]                            2.400 
_refine.aniso_B[3][3]                            -4.800 
_refine.aniso_B[1][2]                            1.820 
_refine.aniso_B[1][3]                            0.000 
_refine.aniso_B[2][3]                            0.000 
_refine.solvent_model_details                    'FLAT MODEL' 
_refine.pdbx_method_to_determine_struct          MAD 
_refine.overall_FOM_work_R_set                   0.836 
_refine.pdbx_ls_sigma_I                          ? 
_refine.ls_number_reflns_all                     ? 
_refine.ls_R_factor_all                          ? 
_refine.ls_R_factor_obs                          ? 
_refine.ls_redundancy_reflns_obs                 ? 
_refine.ls_number_parameters                     ? 
_refine.ls_number_restraints                     ? 
_refine.ls_R_factor_R_free_error_details         ? 
_refine.pdbx_starting_model                      ? 
_refine.pdbx_stereochem_target_val_spec_case     ? 
_refine.pdbx_stereochemistry_target_values       ? 
_refine.occupancy_max                            ? 
_refine.occupancy_min                            ? 
_refine.details                                  ? 
_refine.B_iso_min                                ? 
_refine.B_iso_max                                ? 
_refine.correlation_coeff_Fo_to_Fc               ? 
_refine.correlation_coeff_Fo_to_Fc_free          ? 
_refine.pdbx_solvent_vdw_probe_radii             ? 
_refine.pdbx_solvent_ion_probe_radii             ? 
_refine.pdbx_solvent_shrinkage_radii             ? 
_refine.overall_SU_R_Cruickshank_DPI             ? 
_refine.overall_SU_R_free                        ? 
_refine.overall_SU_ML                            ? 
_refine.overall_SU_B                             ? 
_refine.pdbx_overall_ESU_R_Free                  ? 
_refine.pdbx_data_cutoff_high_rms_absF           ? 
_refine.pdbx_overall_ESU_R                       ? 
_refine.ls_wR_factor_R_free                      ? 
_refine.ls_wR_factor_R_work                      ? 
_refine.overall_FOM_free_R_set                   ? 
_refine.pdbx_overall_phase_error                 ? 
_refine.pdbx_refine_id                           'X-RAY DIFFRACTION' 
_refine.pdbx_diffrn_id                           1 
_refine.pdbx_TLS_residual_ADP_flag               ? 
_refine.pdbx_overall_SU_R_free_Cruickshank_DPI   ? 
_refine.pdbx_overall_SU_R_Blow_DPI               ? 
_refine.pdbx_overall_SU_R_free_Blow_DPI          ? 
# 
_refine_analyze.entry_id                        3BY8 
_refine_analyze.Luzzati_coordinate_error_obs    0.180 
_refine_analyze.Luzzati_sigma_a_obs             0.130 
_refine_analyze.Luzzati_d_res_low_obs           5.000 
_refine_analyze.Luzzati_coordinate_error_free   0.210 
_refine_analyze.Luzzati_sigma_a_free            0.160 
_refine_analyze.Luzzati_d_res_low_free          ? 
_refine_analyze.number_disordered_residues      ? 
_refine_analyze.occupancy_sum_non_hydrogen      ? 
_refine_analyze.occupancy_sum_hydrogen          ? 
_refine_analyze.pdbx_Luzzati_d_res_high_obs     ? 
_refine_analyze.pdbx_refine_id                  'X-RAY DIFFRACTION' 
# 
_refine_hist.pdbx_refine_id                   'X-RAY DIFFRACTION' 
_refine_hist.cycle_id                         LAST 
_refine_hist.pdbx_number_atoms_protein        1150 
_refine_hist.pdbx_number_atoms_nucleic_acid   0 
_refine_hist.pdbx_number_atoms_ligand         9 
_refine_hist.number_atoms_solvent             152 
_refine_hist.number_atoms_total               1311 
_refine_hist.d_res_high                       1.450 
_refine_hist.d_res_low                        28.190 
# 
loop_
_refine_ls_restr.type 
_refine_ls_restr.number 
_refine_ls_restr.dev_ideal 
_refine_ls_restr.dev_ideal_target 
_refine_ls_restr.weight 
_refine_ls_restr.pdbx_refine_id 
_refine_ls_restr.pdbx_restraint_function 
c_bond_d           ? 0.010  ?     ? 'X-RAY DIFFRACTION' ? 
c_angle_deg        ? 1.600  ?     ? 'X-RAY DIFFRACTION' ? 
c_dihedral_angle_d ? 23.300 ?     ? 'X-RAY DIFFRACTION' ? 
c_improper_angle_d ? 1.260  ?     ? 'X-RAY DIFFRACTION' ? 
c_mcbond_it        ? 1.760  1.500 ? 'X-RAY DIFFRACTION' ? 
c_mcangle_it       ? 2.600  2.000 ? 'X-RAY DIFFRACTION' ? 
c_scbond_it        ? 2.570  2.000 ? 'X-RAY DIFFRACTION' ? 
c_scangle_it       ? 3.810  2.500 ? 'X-RAY DIFFRACTION' ? 
# 
_refine_ls_shell.d_res_high                       1.450 
_refine_ls_shell.d_res_low                        1.540 
_refine_ls_shell.pdbx_total_number_of_bins_used   6 
_refine_ls_shell.percent_reflns_obs               99.900 
_refine_ls_shell.number_reflns_R_work             4212 
_refine_ls_shell.R_factor_all                     ? 
_refine_ls_shell.R_factor_R_work                  0.261 
_refine_ls_shell.R_factor_R_free                  0.291 
_refine_ls_shell.percent_reflns_R_free            5.100 
_refine_ls_shell.number_reflns_R_free             226 
_refine_ls_shell.R_factor_R_free_error            0.019 
_refine_ls_shell.number_reflns_all                4438 
_refine_ls_shell.number_reflns_obs                ? 
_refine_ls_shell.redundancy_reflns_obs            ? 
_refine_ls_shell.pdbx_refine_id                   'X-RAY DIFFRACTION' 
# 
loop_
_pdbx_xplor_file.serial_no 
_pdbx_xplor_file.param_file 
_pdbx_xplor_file.topol_file 
_pdbx_xplor_file.pdbx_refine_id 
1 protein_rep.param protein.top       'X-RAY DIFFRACTION' 
2 water_rep.param   mal_xplor_top.txt 'X-RAY DIFFRACTION' 
3 mal_xplor_par.txt water.top         'X-RAY DIFFRACTION' 
# 
_struct.entry_id                  3BY8 
_struct.title                     'Crystal Structure of the E.coli DcuS Sensor Domain' 
_struct.pdbx_model_details        ? 
_struct.pdbx_CASP_flag            ? 
_struct.pdbx_model_type_details   ? 
# 
_struct_keywords.entry_id        3BY8 
_struct_keywords.text            
;histidine kinase sensor domain, Inner membrane, Membrane, Phosphoprotein, Transferase, Transmembrane, Two-component regulatory system
;
_struct_keywords.pdbx_keywords   TRANSFERASE 
# 
loop_
_struct_asym.id 
_struct_asym.pdbx_blank_PDB_chainid_flag 
_struct_asym.pdbx_modified 
_struct_asym.entity_id 
_struct_asym.details 
A N N 1 ? 
B N N 2 ? 
C N N 3 ? 
# 
_struct_ref.id                         1 
_struct_ref.db_name                    UNP 
_struct_ref.db_code                    DCUS_ECOLI 
_struct_ref.pdbx_db_accession          P0AEC8 
_struct_ref.entity_id                  1 
_struct_ref.pdbx_seq_one_letter_code   
;SQISDMTRDGLANKALAVARTLADSPEIRQGLQKKPQESGIQAIAEAVRKRNDLLFIVVTDMQSLRYSHPEAQRIGQPFK
GDDILKALNGEENVAINRGFLAQALRVFTPIYDENHKQIGVVAIGLELSRVTQQINDSRW
;
_struct_ref.pdbx_align_begin           42 
_struct_ref.pdbx_db_isoform            ? 
# 
_struct_ref_seq.align_id                      1 
_struct_ref_seq.ref_id                        1 
_struct_ref_seq.pdbx_PDB_id_code              3BY8 
_struct_ref_seq.pdbx_strand_id                A 
_struct_ref_seq.seq_align_beg                 3 
_struct_ref_seq.pdbx_seq_align_beg_ins_code   ? 
_struct_ref_seq.seq_align_end                 142 
_struct_ref_seq.pdbx_seq_align_end_ins_code   ? 
_struct_ref_seq.pdbx_db_accession             P0AEC8 
_struct_ref_seq.db_align_beg                  42 
_struct_ref_seq.pdbx_db_align_beg_ins_code    ? 
_struct_ref_seq.db_align_end                  181 
_struct_ref_seq.pdbx_db_align_end_ins_code    ? 
_struct_ref_seq.pdbx_auth_seq_align_beg       42 
_struct_ref_seq.pdbx_auth_seq_align_end       181 
# 
loop_
_struct_ref_seq_dif.align_id 
_struct_ref_seq_dif.pdbx_pdb_id_code 
_struct_ref_seq_dif.mon_id 
_struct_ref_seq_dif.pdbx_pdb_strand_id 
_struct_ref_seq_dif.seq_num 
_struct_ref_seq_dif.pdbx_pdb_ins_code 
_struct_ref_seq_dif.pdbx_seq_db_name 
_struct_ref_seq_dif.pdbx_seq_db_accession_code 
_struct_ref_seq_dif.db_mon_id 
_struct_ref_seq_dif.pdbx_seq_db_seq_num 
_struct_ref_seq_dif.details 
_struct_ref_seq_dif.pdbx_auth_seq_num 
_struct_ref_seq_dif.pdbx_ordinal 
1 3BY8 GLY A 1 ? UNP P0AEC8 ? ? 'expression tag' 40 1 
1 3BY8 SER A 2 ? UNP P0AEC8 ? ? 'expression tag' 41 2 
# 
loop_
_pdbx_struct_assembly.id 
_pdbx_struct_assembly.details 
_pdbx_struct_assembly.method_details 
_pdbx_struct_assembly.oligomeric_details 
_pdbx_struct_assembly.oligomeric_count 
1 author_defined_assembly   ?    monomeric 1 
2 software_defined_assembly PISA dimeric   2 
# 
_pdbx_struct_assembly_prop.biol_id   2 
_pdbx_struct_assembly_prop.type      'ABSA (A^2)' 
_pdbx_struct_assembly_prop.value     2390 
_pdbx_struct_assembly_prop.details   ? 
# 
loop_
_pdbx_struct_assembly_gen.assembly_id 
_pdbx_struct_assembly_gen.oper_expression 
_pdbx_struct_assembly_gen.asym_id_list 
1 1   A,B,C 
2 1,2 A,B,C 
# 
loop_
_pdbx_struct_oper_list.id 
_pdbx_struct_oper_list.type 
_pdbx_struct_oper_list.name 
_pdbx_struct_oper_list.symmetry_operation 
_pdbx_struct_oper_list.matrix[1][1] 
_pdbx_struct_oper_list.matrix[1][2] 
_pdbx_struct_oper_list.matrix[1][3] 
_pdbx_struct_oper_list.vector[1] 
_pdbx_struct_oper_list.matrix[2][1] 
_pdbx_struct_oper_list.matrix[2][2] 
_pdbx_struct_oper_list.matrix[2][3] 
_pdbx_struct_oper_list.vector[2] 
_pdbx_struct_oper_list.matrix[3][1] 
_pdbx_struct_oper_list.matrix[3][2] 
_pdbx_struct_oper_list.matrix[3][3] 
_pdbx_struct_oper_list.vector[3] 
1 'identity operation'         1_555 x,y,z  1.0000000000 0.0000000000 0.0000000000  0.0000000000 0.0000000000 1.0000000000  0.0000000000  0.0000000000   0.0000000000  0.0000000000  1.0000000000  0.0000000000  
2 'crystal symmetry operation' 4_555 y,x,-z 0.0295426334 0.2627108511 -0.9644222320 4.7873540759 0.2627108511 -0.9329634451 -0.2460939228 -21.1221849576 -0.9644222320 -0.2460939228 -0.0965791883 -0.6431229434 
# 
_struct_biol.id        1 
_struct_biol.details   ? 
# 
loop_
_struct_conf.conf_type_id 
_struct_conf.id 
_struct_conf.pdbx_PDB_helix_id 
_struct_conf.beg_label_comp_id 
_struct_conf.beg_label_asym_id 
_struct_conf.beg_label_seq_id 
_struct_conf.pdbx_beg_PDB_ins_code 
_struct_conf.end_label_comp_id 
_struct_conf.end_label_asym_id 
_struct_conf.end_label_seq_id 
_struct_conf.pdbx_end_PDB_ins_code 
_struct_conf.beg_auth_comp_id 
_struct_conf.beg_auth_asym_id 
_struct_conf.beg_auth_seq_id 
_struct_conf.end_auth_comp_id 
_struct_conf.end_auth_asym_id 
_struct_conf.end_auth_seq_id 
_struct_conf.pdbx_PDB_helix_class 
_struct_conf.details 
_struct_conf.pdbx_PDB_helix_length 
HELX_P HELX_P1 1 ASP A 7   ? ASP A 26  ? ASP A 46  ASP A 65  1 ? 20 
HELX_P HELX_P2 2 SER A 27  ? LEU A 34  ? SER A 66  LEU A 73  1 ? 8  
HELX_P HELX_P3 3 GLN A 35  ? LYS A 36  ? GLN A 74  LYS A 75  5 ? 2  
HELX_P HELX_P4 4 LYS A 37  ? SER A 41  ? LYS A 76  SER A 80  5 ? 5  
HELX_P HELX_P5 5 GLY A 42  ? ASN A 54  ? GLY A 81  ASN A 93  1 ? 13 
HELX_P HELX_P6 6 GLU A 73  ? ILE A 77  ? GLU A 112 ILE A 116 5 ? 5  
HELX_P HELX_P7 7 GLY A 83  ? GLY A 92  ? GLY A 122 GLY A 131 5 ? 10 
HELX_P HELX_P8 8 LEU A 130 ? ASP A 139 ? LEU A 169 ASP A 178 1 ? 10 
# 
_struct_conf_type.id          HELX_P 
_struct_conf_type.criteria    ? 
_struct_conf_type.reference   ? 
# 
_struct_sheet.id               A 
_struct_sheet.type             ? 
_struct_sheet.number_strands   4 
_struct_sheet.details          ? 
# 
loop_
_struct_sheet_order.sheet_id 
_struct_sheet_order.range_id_1 
_struct_sheet_order.range_id_2 
_struct_sheet_order.offset 
_struct_sheet_order.sense 
A 1 2 ? anti-parallel 
A 2 3 ? anti-parallel 
A 3 4 ? anti-parallel 
# 
loop_
_struct_sheet_range.sheet_id 
_struct_sheet_range.id 
_struct_sheet_range.beg_label_comp_id 
_struct_sheet_range.beg_label_asym_id 
_struct_sheet_range.beg_label_seq_id 
_struct_sheet_range.pdbx_beg_PDB_ins_code 
_struct_sheet_range.end_label_comp_id 
_struct_sheet_range.end_label_asym_id 
_struct_sheet_range.end_label_seq_id 
_struct_sheet_range.pdbx_end_PDB_ins_code 
_struct_sheet_range.beg_auth_comp_id 
_struct_sheet_range.beg_auth_asym_id 
_struct_sheet_range.beg_auth_seq_id 
_struct_sheet_range.end_auth_comp_id 
_struct_sheet_range.end_auth_asym_id 
_struct_sheet_range.end_auth_seq_id 
A 1 PHE A 58  ? ASP A 63  ? PHE A 97  ASP A 102 
A 2 GLN A 120 ? GLU A 129 ? GLN A 159 GLU A 168 
A 3 ALA A 106 ? TYR A 114 ? ALA A 145 TYR A 153 
A 4 ASN A 95  ? ASN A 99  ? ASN A 134 ASN A 138 
# 
loop_
_pdbx_struct_sheet_hbond.sheet_id 
_pdbx_struct_sheet_hbond.range_id_1 
_pdbx_struct_sheet_hbond.range_id_2 
_pdbx_struct_sheet_hbond.range_1_label_atom_id 
_pdbx_struct_sheet_hbond.range_1_label_comp_id 
_pdbx_struct_sheet_hbond.range_1_label_asym_id 
_pdbx_struct_sheet_hbond.range_1_label_seq_id 
_pdbx_struct_sheet_hbond.range_1_PDB_ins_code 
_pdbx_struct_sheet_hbond.range_1_auth_atom_id 
_pdbx_struct_sheet_hbond.range_1_auth_comp_id 
_pdbx_struct_sheet_hbond.range_1_auth_asym_id 
_pdbx_struct_sheet_hbond.range_1_auth_seq_id 
_pdbx_struct_sheet_hbond.range_2_label_atom_id 
_pdbx_struct_sheet_hbond.range_2_label_comp_id 
_pdbx_struct_sheet_hbond.range_2_label_asym_id 
_pdbx_struct_sheet_hbond.range_2_label_seq_id 
_pdbx_struct_sheet_hbond.range_2_PDB_ins_code 
_pdbx_struct_sheet_hbond.range_2_auth_atom_id 
_pdbx_struct_sheet_hbond.range_2_auth_comp_id 
_pdbx_struct_sheet_hbond.range_2_auth_asym_id 
_pdbx_struct_sheet_hbond.range_2_auth_seq_id 
A 1 2 N VAL A 60  ? N VAL A 99  O ALA A 125 ? O ALA A 164 
A 2 3 O ILE A 121 ? O ILE A 160 N ILE A 113 ? N ILE A 152 
A 3 4 O ARG A 108 ? O ARG A 147 N ALA A 97  ? N ALA A 136 
# 
_struct_site.id                   AC1 
_struct_site.pdbx_evidence_code   Software 
_struct_site.pdbx_auth_asym_id    A 
_struct_site.pdbx_auth_comp_id    LMR 
_struct_site.pdbx_auth_seq_id     1 
_struct_site.pdbx_auth_ins_code   ? 
_struct_site.pdbx_num_residues    9 
_struct_site.details              'BINDING SITE FOR RESIDUE LMR A 1' 
# 
loop_
_struct_site_gen.id 
_struct_site_gen.site_id 
_struct_site_gen.pdbx_num_res 
_struct_site_gen.label_comp_id 
_struct_site_gen.label_asym_id 
_struct_site_gen.label_seq_id 
_struct_site_gen.pdbx_auth_ins_code 
_struct_site_gen.auth_comp_id 
_struct_site_gen.auth_asym_id 
_struct_site_gen.auth_seq_id 
_struct_site_gen.label_atom_id 
_struct_site_gen.label_alt_id 
_struct_site_gen.symmetry 
_struct_site_gen.details 
1 AC1 9 ARG A 68  ? ARG A 107 . ? 1_555 ? 
2 AC1 9 HIS A 71  ? HIS A 110 . ? 1_555 ? 
3 AC1 9 PHE A 81  ? PHE A 120 . ? 1_555 ? 
4 AC1 9 LYS A 82  ? LYS A 121 . ? 1_555 ? 
5 AC1 9 GLY A 101 ? GLY A 140 . ? 1_555 ? 
6 AC1 9 PHE A 102 ? PHE A 141 . ? 1_555 ? 
7 AC1 9 LEU A 103 ? LEU A 142 . ? 1_555 ? 
8 AC1 9 ARG A 108 ? ARG A 147 . ? 1_555 ? 
9 AC1 9 HOH C .   ? HOH A 182 . ? 1_555 ? 
# 
loop_
_pdbx_validate_torsion.id 
_pdbx_validate_torsion.PDB_model_num 
_pdbx_validate_torsion.auth_comp_id 
_pdbx_validate_torsion.auth_asym_id 
_pdbx_validate_torsion.auth_seq_id 
_pdbx_validate_torsion.PDB_ins_code 
_pdbx_validate_torsion.label_alt_id 
_pdbx_validate_torsion.phi 
_pdbx_validate_torsion.psi 
1 1 SER A 105 ? ? 80.75   11.11  
2 1 HIS A 110 ? ? -176.29 147.10 
# 
_diffrn_reflns.diffrn_id                   1 
_diffrn_reflns.pdbx_d_res_high             2.000 
_diffrn_reflns.pdbx_d_res_low              30.000 
_diffrn_reflns.pdbx_number_obs             19869 
_diffrn_reflns.pdbx_Rmerge_I_obs           0.076 
_diffrn_reflns.pdbx_Rsym_value             ? 
_diffrn_reflns.pdbx_chi_squared            1.03 
_diffrn_reflns.av_sigmaI_over_netI         9.60 
_diffrn_reflns.pdbx_redundancy             ? 
_diffrn_reflns.pdbx_percent_possible_obs   99.80 
_diffrn_reflns.number                      116612 
_diffrn_reflns.pdbx_observed_criterion     ? 
_diffrn_reflns.limit_h_max                 ? 
_diffrn_reflns.limit_h_min                 ? 
_diffrn_reflns.limit_k_max                 ? 
_diffrn_reflns.limit_k_min                 ? 
_diffrn_reflns.limit_l_max                 ? 
_diffrn_reflns.limit_l_min                 ? 
# 
loop_
_pdbx_diffrn_reflns_shell.diffrn_id 
_pdbx_diffrn_reflns_shell.d_res_high 
_pdbx_diffrn_reflns_shell.d_res_low 
_pdbx_diffrn_reflns_shell.number_obs 
_pdbx_diffrn_reflns_shell.rejects 
_pdbx_diffrn_reflns_shell.Rmerge_I_obs 
_pdbx_diffrn_reflns_shell.Rsym_value 
_pdbx_diffrn_reflns_shell.chi_squared 
_pdbx_diffrn_reflns_shell.redundancy 
_pdbx_diffrn_reflns_shell.percent_possible_obs 
1 4.31 30.00 ? ? 0.037 ? 1.011 ? 98.40  
1 3.42 4.31  ? ? 0.042 ? 1.024 ? 99.70  
1 2.99 3.42  ? ? 0.061 ? 1.031 ? 99.90  
1 2.71 2.99  ? ? 0.090 ? 1.039 ? 99.90  
1 2.52 2.71  ? ? 0.114 ? 1.049 ? 100.00 
1 2.37 2.52  ? ? 0.143 ? 1.056 ? 99.90  
1 2.25 2.37  ? ? 0.184 ? 1.022 ? 100.00 
1 2.15 2.25  ? ? 0.224 ? 0.998 ? 100.00 
1 2.07 2.15  ? ? 0.283 ? 1.047 ? 100.00 
1 2.00 2.07  ? ? 0.341 ? 1.017 ? 100.00 
# 
_pdbx_phasing_dm.entry_id   3BY8 
_pdbx_phasing_dm.method     'Solvent flattening  and Histogram matching' 
_pdbx_phasing_dm.reflns     29802 
# 
loop_
_pdbx_phasing_dm_shell.d_res_high 
_pdbx_phasing_dm_shell.d_res_low 
_pdbx_phasing_dm_shell.delta_phi_final 
_pdbx_phasing_dm_shell.delta_phi_initial 
_pdbx_phasing_dm_shell.fom_acentric 
_pdbx_phasing_dm_shell.fom_centric 
_pdbx_phasing_dm_shell.fom 
_pdbx_phasing_dm_shell.reflns_acentric 
_pdbx_phasing_dm_shell.reflns_centric 
_pdbx_phasing_dm_shell.reflns 
5.620 100.000 46.100 ? ? ? 0.861 ? ? 511  
4.400 5.620   45.100 ? ? ? 0.936 ? ? 508  
3.810 4.400   44.800 ? ? ? 0.941 ? ? 552  
3.400 3.810   46.400 ? ? ? 0.924 ? ? 609  
3.110 3.400   51.600 ? ? ? 0.911 ? ? 659  
2.870 3.110   48.700 ? ? ? 0.902 ? ? 735  
2.690 2.870   47.600 ? ? ? 0.905 ? ? 773  
2.530 2.690   46.800 ? ? ? 0.912 ? ? 815  
2.400 2.530   51.300 ? ? ? 0.910 ? ? 881  
2.290 2.400   52.600 ? ? ? 0.911 ? ? 916  
2.190 2.290   60.300 ? ? ? 0.902 ? ? 932  
2.110 2.190   64.900 ? ? ? 0.906 ? ? 1003 
2.030 2.110   65.500 ? ? ? 0.901 ? ? 1046 
1.960 2.030   81.600 ? ? ? 0.904 ? ? 1046 
1.900 1.960   89.900 ? ? ? 0.899 ? ? 1122 
1.840 1.900   90.900 ? ? ? 0.895 ? ? 1134 
1.790 1.840   89.800 ? ? ? 0.887 ? ? 1153 
1.740 1.790   87.900 ? ? ? 0.882 ? ? 1217 
1.700 1.740   91.400 ? ? ? 0.887 ? ? 1224 
1.660 1.700   90.100 ? ? ? 0.892 ? ? 1260 
1.620 1.660   87.100 ? ? ? 0.874 ? ? 1283 
1.580 1.620   91.200 ? ? ? 0.878 ? ? 1320 
1.550 1.580   88.300 ? ? ? 0.887 ? ? 1345 
1.520 1.550   89.200 ? ? ? 0.878 ? ? 1371 
1.490 1.520   92.200 ? ? ? 0.872 ? ? 1418 
1.460 1.490   88.900 ? ? ? 0.839 ? ? 1402 
1.430 1.460   89.300 ? ? ? 0.834 ? ? 1477 
1.400 1.430   90.800 ? ? ? 0.717 ? ? 2090 
# 
loop_
_pdbx_unobs_or_zero_occ_residues.id 
_pdbx_unobs_or_zero_occ_residues.PDB_model_num 
_pdbx_unobs_or_zero_occ_residues.polymer_flag 
_pdbx_unobs_or_zero_occ_residues.occupancy_flag 
_pdbx_unobs_or_zero_occ_residues.auth_asym_id 
_pdbx_unobs_or_zero_occ_residues.auth_comp_id 
_pdbx_unobs_or_zero_occ_residues.auth_seq_id 
_pdbx_unobs_or_zero_occ_residues.PDB_ins_code 
_pdbx_unobs_or_zero_occ_residues.label_asym_id 
_pdbx_unobs_or_zero_occ_residues.label_comp_id 
_pdbx_unobs_or_zero_occ_residues.label_seq_id 
1 1 Y 1 A GLY 40  ? A GLY 1   
2 1 Y 1 A SER 41  ? A SER 2   
3 1 Y 1 A SER 42  ? A SER 3   
4 1 Y 1 A GLN 43  ? A GLN 4   
5 1 Y 1 A ILE 44  ? A ILE 5   
6 1 Y 1 A SER 45  ? A SER 6   
7 1 Y 1 A SER 179 ? A SER 140 
8 1 Y 1 A ARG 180 ? A ARG 141 
9 1 Y 1 A TRP 181 ? A TRP 142 
# 
loop_
_chem_comp_atom.comp_id 
_chem_comp_atom.atom_id 
_chem_comp_atom.type_symbol 
_chem_comp_atom.pdbx_aromatic_flag 
_chem_comp_atom.pdbx_stereo_config 
_chem_comp_atom.pdbx_ordinal 
ALA N    N N N 1   
ALA CA   C N S 2   
ALA C    C N N 3   
ALA O    O N N 4   
ALA CB   C N N 5   
ALA OXT  O N N 6   
ALA H    H N N 7   
ALA H2   H N N 8   
ALA HA   H N N 9   
ALA HB1  H N N 10  
ALA HB2  H N N 11  
ALA HB3  H N N 12  
ALA HXT  H N N 13  
ARG N    N N N 14  
ARG CA   C N S 15  
ARG C    C N N 16  
ARG O    O N N 17  
ARG CB   C N N 18  
ARG CG   C N N 19  
ARG CD   C N N 20  
ARG NE   N N N 21  
ARG CZ   C N N 22  
ARG NH1  N N N 23  
ARG NH2  N N N 24  
ARG OXT  O N N 25  
ARG H    H N N 26  
ARG H2   H N N 27  
ARG HA   H N N 28  
ARG HB2  H N N 29  
ARG HB3  H N N 30  
ARG HG2  H N N 31  
ARG HG3  H N N 32  
ARG HD2  H N N 33  
ARG HD3  H N N 34  
ARG HE   H N N 35  
ARG HH11 H N N 36  
ARG HH12 H N N 37  
ARG HH21 H N N 38  
ARG HH22 H N N 39  
ARG HXT  H N N 40  
ASN N    N N N 41  
ASN CA   C N S 42  
ASN C    C N N 43  
ASN O    O N N 44  
ASN CB   C N N 45  
ASN CG   C N N 46  
ASN OD1  O N N 47  
ASN ND2  N N N 48  
ASN OXT  O N N 49  
ASN H    H N N 50  
ASN H2   H N N 51  
ASN HA   H N N 52  
ASN HB2  H N N 53  
ASN HB3  H N N 54  
ASN HD21 H N N 55  
ASN HD22 H N N 56  
ASN HXT  H N N 57  
ASP N    N N N 58  
ASP CA   C N S 59  
ASP C    C N N 60  
ASP O    O N N 61  
ASP CB   C N N 62  
ASP CG   C N N 63  
ASP OD1  O N N 64  
ASP OD2  O N N 65  
ASP OXT  O N N 66  
ASP H    H N N 67  
ASP H2   H N N 68  
ASP HA   H N N 69  
ASP HB2  H N N 70  
ASP HB3  H N N 71  
ASP HD2  H N N 72  
ASP HXT  H N N 73  
GLN N    N N N 74  
GLN CA   C N S 75  
GLN C    C N N 76  
GLN O    O N N 77  
GLN CB   C N N 78  
GLN CG   C N N 79  
GLN CD   C N N 80  
GLN OE1  O N N 81  
GLN NE2  N N N 82  
GLN OXT  O N N 83  
GLN H    H N N 84  
GLN H2   H N N 85  
GLN HA   H N N 86  
GLN HB2  H N N 87  
GLN HB3  H N N 88  
GLN HG2  H N N 89  
GLN HG3  H N N 90  
GLN HE21 H N N 91  
GLN HE22 H N N 92  
GLN HXT  H N N 93  
GLU N    N N N 94  
GLU CA   C N S 95  
GLU C    C N N 96  
GLU O    O N N 97  
GLU CB   C N N 98  
GLU CG   C N N 99  
GLU CD   C N N 100 
GLU OE1  O N N 101 
GLU OE2  O N N 102 
GLU OXT  O N N 103 
GLU H    H N N 104 
GLU H2   H N N 105 
GLU HA   H N N 106 
GLU HB2  H N N 107 
GLU HB3  H N N 108 
GLU HG2  H N N 109 
GLU HG3  H N N 110 
GLU HE2  H N N 111 
GLU HXT  H N N 112 
GLY N    N N N 113 
GLY CA   C N N 114 
GLY C    C N N 115 
GLY O    O N N 116 
GLY OXT  O N N 117 
GLY H    H N N 118 
GLY H2   H N N 119 
GLY HA2  H N N 120 
GLY HA3  H N N 121 
GLY HXT  H N N 122 
HIS N    N N N 123 
HIS CA   C N S 124 
HIS C    C N N 125 
HIS O    O N N 126 
HIS CB   C N N 127 
HIS CG   C Y N 128 
HIS ND1  N Y N 129 
HIS CD2  C Y N 130 
HIS CE1  C Y N 131 
HIS NE2  N Y N 132 
HIS OXT  O N N 133 
HIS H    H N N 134 
HIS H2   H N N 135 
HIS HA   H N N 136 
HIS HB2  H N N 137 
HIS HB3  H N N 138 
HIS HD1  H N N 139 
HIS HD2  H N N 140 
HIS HE1  H N N 141 
HIS HE2  H N N 142 
HIS HXT  H N N 143 
HOH O    O N N 144 
HOH H1   H N N 145 
HOH H2   H N N 146 
ILE N    N N N 147 
ILE CA   C N S 148 
ILE C    C N N 149 
ILE O    O N N 150 
ILE CB   C N S 151 
ILE CG1  C N N 152 
ILE CG2  C N N 153 
ILE CD1  C N N 154 
ILE OXT  O N N 155 
ILE H    H N N 156 
ILE H2   H N N 157 
ILE HA   H N N 158 
ILE HB   H N N 159 
ILE HG12 H N N 160 
ILE HG13 H N N 161 
ILE HG21 H N N 162 
ILE HG22 H N N 163 
ILE HG23 H N N 164 
ILE HD11 H N N 165 
ILE HD12 H N N 166 
ILE HD13 H N N 167 
ILE HXT  H N N 168 
LEU N    N N N 169 
LEU CA   C N S 170 
LEU C    C N N 171 
LEU O    O N N 172 
LEU CB   C N N 173 
LEU CG   C N N 174 
LEU CD1  C N N 175 
LEU CD2  C N N 176 
LEU OXT  O N N 177 
LEU H    H N N 178 
LEU H2   H N N 179 
LEU HA   H N N 180 
LEU HB2  H N N 181 
LEU HB3  H N N 182 
LEU HG   H N N 183 
LEU HD11 H N N 184 
LEU HD12 H N N 185 
LEU HD13 H N N 186 
LEU HD21 H N N 187 
LEU HD22 H N N 188 
LEU HD23 H N N 189 
LEU HXT  H N N 190 
LMR C1   C N N 191 
LMR O1A  O N N 192 
LMR O1B  O N N 193 
LMR C2   C N S 194 
LMR O2   O N N 195 
LMR C3   C N N 196 
LMR C4   C N N 197 
LMR O4A  O N N 198 
LMR O4B  O N N 199 
LMR H2   H N N 200 
LMR HO2  H N N 201 
LMR H3   H N N 202 
LMR H3A  H N N 203 
LMR H4   H N N 204 
LMR H5   H N N 205 
LYS N    N N N 206 
LYS CA   C N S 207 
LYS C    C N N 208 
LYS O    O N N 209 
LYS CB   C N N 210 
LYS CG   C N N 211 
LYS CD   C N N 212 
LYS CE   C N N 213 
LYS NZ   N N N 214 
LYS OXT  O N N 215 
LYS H    H N N 216 
LYS H2   H N N 217 
LYS HA   H N N 218 
LYS HB2  H N N 219 
LYS HB3  H N N 220 
LYS HG2  H N N 221 
LYS HG3  H N N 222 
LYS HD2  H N N 223 
LYS HD3  H N N 224 
LYS HE2  H N N 225 
LYS HE3  H N N 226 
LYS HZ1  H N N 227 
LYS HZ2  H N N 228 
LYS HZ3  H N N 229 
LYS HXT  H N N 230 
MET N    N N N 231 
MET CA   C N S 232 
MET C    C N N 233 
MET O    O N N 234 
MET CB   C N N 235 
MET CG   C N N 236 
MET SD   S N N 237 
MET CE   C N N 238 
MET OXT  O N N 239 
MET H    H N N 240 
MET H2   H N N 241 
MET HA   H N N 242 
MET HB2  H N N 243 
MET HB3  H N N 244 
MET HG2  H N N 245 
MET HG3  H N N 246 
MET HE1  H N N 247 
MET HE2  H N N 248 
MET HE3  H N N 249 
MET HXT  H N N 250 
PHE N    N N N 251 
PHE CA   C N S 252 
PHE C    C N N 253 
PHE O    O N N 254 
PHE CB   C N N 255 
PHE CG   C Y N 256 
PHE CD1  C Y N 257 
PHE CD2  C Y N 258 
PHE CE1  C Y N 259 
PHE CE2  C Y N 260 
PHE CZ   C Y N 261 
PHE OXT  O N N 262 
PHE H    H N N 263 
PHE H2   H N N 264 
PHE HA   H N N 265 
PHE HB2  H N N 266 
PHE HB3  H N N 267 
PHE HD1  H N N 268 
PHE HD2  H N N 269 
PHE HE1  H N N 270 
PHE HE2  H N N 271 
PHE HZ   H N N 272 
PHE HXT  H N N 273 
PRO N    N N N 274 
PRO CA   C N S 275 
PRO C    C N N 276 
PRO O    O N N 277 
PRO CB   C N N 278 
PRO CG   C N N 279 
PRO CD   C N N 280 
PRO OXT  O N N 281 
PRO H    H N N 282 
PRO HA   H N N 283 
PRO HB2  H N N 284 
PRO HB3  H N N 285 
PRO HG2  H N N 286 
PRO HG3  H N N 287 
PRO HD2  H N N 288 
PRO HD3  H N N 289 
PRO HXT  H N N 290 
SER N    N N N 291 
SER CA   C N S 292 
SER C    C N N 293 
SER O    O N N 294 
SER CB   C N N 295 
SER OG   O N N 296 
SER OXT  O N N 297 
SER H    H N N 298 
SER H2   H N N 299 
SER HA   H N N 300 
SER HB2  H N N 301 
SER HB3  H N N 302 
SER HG   H N N 303 
SER HXT  H N N 304 
THR N    N N N 305 
THR CA   C N S 306 
THR C    C N N 307 
THR O    O N N 308 
THR CB   C N R 309 
THR OG1  O N N 310 
THR CG2  C N N 311 
THR OXT  O N N 312 
THR H    H N N 313 
THR H2   H N N 314 
THR HA   H N N 315 
THR HB   H N N 316 
THR HG1  H N N 317 
THR HG21 H N N 318 
THR HG22 H N N 319 
THR HG23 H N N 320 
THR HXT  H N N 321 
TRP N    N N N 322 
TRP CA   C N S 323 
TRP C    C N N 324 
TRP O    O N N 325 
TRP CB   C N N 326 
TRP CG   C Y N 327 
TRP CD1  C Y N 328 
TRP CD2  C Y N 329 
TRP NE1  N Y N 330 
TRP CE2  C Y N 331 
TRP CE3  C Y N 332 
TRP CZ2  C Y N 333 
TRP CZ3  C Y N 334 
TRP CH2  C Y N 335 
TRP OXT  O N N 336 
TRP H    H N N 337 
TRP H2   H N N 338 
TRP HA   H N N 339 
TRP HB2  H N N 340 
TRP HB3  H N N 341 
TRP HD1  H N N 342 
TRP HE1  H N N 343 
TRP HE3  H N N 344 
TRP HZ2  H N N 345 
TRP HZ3  H N N 346 
TRP HH2  H N N 347 
TRP HXT  H N N 348 
TYR N    N N N 349 
TYR CA   C N S 350 
TYR C    C N N 351 
TYR O    O N N 352 
TYR CB   C N N 353 
TYR CG   C Y N 354 
TYR CD1  C Y N 355 
TYR CD2  C Y N 356 
TYR CE1  C Y N 357 
TYR CE2  C Y N 358 
TYR CZ   C Y N 359 
TYR OH   O N N 360 
TYR OXT  O N N 361 
TYR H    H N N 362 
TYR H2   H N N 363 
TYR HA   H N N 364 
TYR HB2  H N N 365 
TYR HB3  H N N 366 
TYR HD1  H N N 367 
TYR HD2  H N N 368 
TYR HE1  H N N 369 
TYR HE2  H N N 370 
TYR HH   H N N 371 
TYR HXT  H N N 372 
VAL N    N N N 373 
VAL CA   C N S 374 
VAL C    C N N 375 
VAL O    O N N 376 
VAL CB   C N N 377 
VAL CG1  C N N 378 
VAL CG2  C N N 379 
VAL OXT  O N N 380 
VAL H    H N N 381 
VAL H2   H N N 382 
VAL HA   H N N 383 
VAL HB   H N N 384 
VAL HG11 H N N 385 
VAL HG12 H N N 386 
VAL HG13 H N N 387 
VAL HG21 H N N 388 
VAL HG22 H N N 389 
VAL HG23 H N N 390 
VAL HXT  H N N 391 
# 
loop_
_chem_comp_bond.comp_id 
_chem_comp_bond.atom_id_1 
_chem_comp_bond.atom_id_2 
_chem_comp_bond.value_order 
_chem_comp_bond.pdbx_aromatic_flag 
_chem_comp_bond.pdbx_stereo_config 
_chem_comp_bond.pdbx_ordinal 
ALA N   CA   sing N N 1   
ALA N   H    sing N N 2   
ALA N   H2   sing N N 3   
ALA CA  C    sing N N 4   
ALA CA  CB   sing N N 5   
ALA CA  HA   sing N N 6   
ALA C   O    doub N N 7   
ALA C   OXT  sing N N 8   
ALA CB  HB1  sing N N 9   
ALA CB  HB2  sing N N 10  
ALA CB  HB3  sing N N 11  
ALA OXT HXT  sing N N 12  
ARG N   CA   sing N N 13  
ARG N   H    sing N N 14  
ARG N   H2   sing N N 15  
ARG CA  C    sing N N 16  
ARG CA  CB   sing N N 17  
ARG CA  HA   sing N N 18  
ARG C   O    doub N N 19  
ARG C   OXT  sing N N 20  
ARG CB  CG   sing N N 21  
ARG CB  HB2  sing N N 22  
ARG CB  HB3  sing N N 23  
ARG CG  CD   sing N N 24  
ARG CG  HG2  sing N N 25  
ARG CG  HG3  sing N N 26  
ARG CD  NE   sing N N 27  
ARG CD  HD2  sing N N 28  
ARG CD  HD3  sing N N 29  
ARG NE  CZ   sing N N 30  
ARG NE  HE   sing N N 31  
ARG CZ  NH1  sing N N 32  
ARG CZ  NH2  doub N N 33  
ARG NH1 HH11 sing N N 34  
ARG NH1 HH12 sing N N 35  
ARG NH2 HH21 sing N N 36  
ARG NH2 HH22 sing N N 37  
ARG OXT HXT  sing N N 38  
ASN N   CA   sing N N 39  
ASN N   H    sing N N 40  
ASN N   H2   sing N N 41  
ASN CA  C    sing N N 42  
ASN CA  CB   sing N N 43  
ASN CA  HA   sing N N 44  
ASN C   O    doub N N 45  
ASN C   OXT  sing N N 46  
ASN CB  CG   sing N N 47  
ASN CB  HB2  sing N N 48  
ASN CB  HB3  sing N N 49  
ASN CG  OD1  doub N N 50  
ASN CG  ND2  sing N N 51  
ASN ND2 HD21 sing N N 52  
ASN ND2 HD22 sing N N 53  
ASN OXT HXT  sing N N 54  
ASP N   CA   sing N N 55  
ASP N   H    sing N N 56  
ASP N   H2   sing N N 57  
ASP CA  C    sing N N 58  
ASP CA  CB   sing N N 59  
ASP CA  HA   sing N N 60  
ASP C   O    doub N N 61  
ASP C   OXT  sing N N 62  
ASP CB  CG   sing N N 63  
ASP CB  HB2  sing N N 64  
ASP CB  HB3  sing N N 65  
ASP CG  OD1  doub N N 66  
ASP CG  OD2  sing N N 67  
ASP OD2 HD2  sing N N 68  
ASP OXT HXT  sing N N 69  
GLN N   CA   sing N N 70  
GLN N   H    sing N N 71  
GLN N   H2   sing N N 72  
GLN CA  C    sing N N 73  
GLN CA  CB   sing N N 74  
GLN CA  HA   sing N N 75  
GLN C   O    doub N N 76  
GLN C   OXT  sing N N 77  
GLN CB  CG   sing N N 78  
GLN CB  HB2  sing N N 79  
GLN CB  HB3  sing N N 80  
GLN CG  CD   sing N N 81  
GLN CG  HG2  sing N N 82  
GLN CG  HG3  sing N N 83  
GLN CD  OE1  doub N N 84  
GLN CD  NE2  sing N N 85  
GLN NE2 HE21 sing N N 86  
GLN NE2 HE22 sing N N 87  
GLN OXT HXT  sing N N 88  
GLU N   CA   sing N N 89  
GLU N   H    sing N N 90  
GLU N   H2   sing N N 91  
GLU CA  C    sing N N 92  
GLU CA  CB   sing N N 93  
GLU CA  HA   sing N N 94  
GLU C   O    doub N N 95  
GLU C   OXT  sing N N 96  
GLU CB  CG   sing N N 97  
GLU CB  HB2  sing N N 98  
GLU CB  HB3  sing N N 99  
GLU CG  CD   sing N N 100 
GLU CG  HG2  sing N N 101 
GLU CG  HG3  sing N N 102 
GLU CD  OE1  doub N N 103 
GLU CD  OE2  sing N N 104 
GLU OE2 HE2  sing N N 105 
GLU OXT HXT  sing N N 106 
GLY N   CA   sing N N 107 
GLY N   H    sing N N 108 
GLY N   H2   sing N N 109 
GLY CA  C    sing N N 110 
GLY CA  HA2  sing N N 111 
GLY CA  HA3  sing N N 112 
GLY C   O    doub N N 113 
GLY C   OXT  sing N N 114 
GLY OXT HXT  sing N N 115 
HIS N   CA   sing N N 116 
HIS N   H    sing N N 117 
HIS N   H2   sing N N 118 
HIS CA  C    sing N N 119 
HIS CA  CB   sing N N 120 
HIS CA  HA   sing N N 121 
HIS C   O    doub N N 122 
HIS C   OXT  sing N N 123 
HIS CB  CG   sing N N 124 
HIS CB  HB2  sing N N 125 
HIS CB  HB3  sing N N 126 
HIS CG  ND1  sing Y N 127 
HIS CG  CD2  doub Y N 128 
HIS ND1 CE1  doub Y N 129 
HIS ND1 HD1  sing N N 130 
HIS CD2 NE2  sing Y N 131 
HIS CD2 HD2  sing N N 132 
HIS CE1 NE2  sing Y N 133 
HIS CE1 HE1  sing N N 134 
HIS NE2 HE2  sing N N 135 
HIS OXT HXT  sing N N 136 
HOH O   H1   sing N N 137 
HOH O   H2   sing N N 138 
ILE N   CA   sing N N 139 
ILE N   H    sing N N 140 
ILE N   H2   sing N N 141 
ILE CA  C    sing N N 142 
ILE CA  CB   sing N N 143 
ILE CA  HA   sing N N 144 
ILE C   O    doub N N 145 
ILE C   OXT  sing N N 146 
ILE CB  CG1  sing N N 147 
ILE CB  CG2  sing N N 148 
ILE CB  HB   sing N N 149 
ILE CG1 CD1  sing N N 150 
ILE CG1 HG12 sing N N 151 
ILE CG1 HG13 sing N N 152 
ILE CG2 HG21 sing N N 153 
ILE CG2 HG22 sing N N 154 
ILE CG2 HG23 sing N N 155 
ILE CD1 HD11 sing N N 156 
ILE CD1 HD12 sing N N 157 
ILE CD1 HD13 sing N N 158 
ILE OXT HXT  sing N N 159 
LEU N   CA   sing N N 160 
LEU N   H    sing N N 161 
LEU N   H2   sing N N 162 
LEU CA  C    sing N N 163 
LEU CA  CB   sing N N 164 
LEU CA  HA   sing N N 165 
LEU C   O    doub N N 166 
LEU C   OXT  sing N N 167 
LEU CB  CG   sing N N 168 
LEU CB  HB2  sing N N 169 
LEU CB  HB3  sing N N 170 
LEU CG  CD1  sing N N 171 
LEU CG  CD2  sing N N 172 
LEU CG  HG   sing N N 173 
LEU CD1 HD11 sing N N 174 
LEU CD1 HD12 sing N N 175 
LEU CD1 HD13 sing N N 176 
LEU CD2 HD21 sing N N 177 
LEU CD2 HD22 sing N N 178 
LEU CD2 HD23 sing N N 179 
LEU OXT HXT  sing N N 180 
LMR C1  O1A  doub N N 181 
LMR C1  O1B  sing N N 182 
LMR C1  C2   sing N N 183 
LMR C2  O2   sing N N 184 
LMR C2  C3   sing N N 185 
LMR C3  C4   sing N N 186 
LMR C4  O4A  sing N N 187 
LMR C4  O4B  doub N N 188 
LMR C2  H2   sing N N 189 
LMR O2  HO2  sing N N 190 
LMR C3  H3   sing N N 191 
LMR C3  H3A  sing N N 192 
LMR O1B H4   sing N N 193 
LMR O4A H5   sing N N 194 
LYS N   CA   sing N N 195 
LYS N   H    sing N N 196 
LYS N   H2   sing N N 197 
LYS CA  C    sing N N 198 
LYS CA  CB   sing N N 199 
LYS CA  HA   sing N N 200 
LYS C   O    doub N N 201 
LYS C   OXT  sing N N 202 
LYS CB  CG   sing N N 203 
LYS CB  HB2  sing N N 204 
LYS CB  HB3  sing N N 205 
LYS CG  CD   sing N N 206 
LYS CG  HG2  sing N N 207 
LYS CG  HG3  sing N N 208 
LYS CD  CE   sing N N 209 
LYS CD  HD2  sing N N 210 
LYS CD  HD3  sing N N 211 
LYS CE  NZ   sing N N 212 
LYS CE  HE2  sing N N 213 
LYS CE  HE3  sing N N 214 
LYS NZ  HZ1  sing N N 215 
LYS NZ  HZ2  sing N N 216 
LYS NZ  HZ3  sing N N 217 
LYS OXT HXT  sing N N 218 
MET N   CA   sing N N 219 
MET N   H    sing N N 220 
MET N   H2   sing N N 221 
MET CA  C    sing N N 222 
MET CA  CB   sing N N 223 
MET CA  HA   sing N N 224 
MET C   O    doub N N 225 
MET C   OXT  sing N N 226 
MET CB  CG   sing N N 227 
MET CB  HB2  sing N N 228 
MET CB  HB3  sing N N 229 
MET CG  SD   sing N N 230 
MET CG  HG2  sing N N 231 
MET CG  HG3  sing N N 232 
MET SD  CE   sing N N 233 
MET CE  HE1  sing N N 234 
MET CE  HE2  sing N N 235 
MET CE  HE3  sing N N 236 
MET OXT HXT  sing N N 237 
PHE N   CA   sing N N 238 
PHE N   H    sing N N 239 
PHE N   H2   sing N N 240 
PHE CA  C    sing N N 241 
PHE CA  CB   sing N N 242 
PHE CA  HA   sing N N 243 
PHE C   O    doub N N 244 
PHE C   OXT  sing N N 245 
PHE CB  CG   sing N N 246 
PHE CB  HB2  sing N N 247 
PHE CB  HB3  sing N N 248 
PHE CG  CD1  doub Y N 249 
PHE CG  CD2  sing Y N 250 
PHE CD1 CE1  sing Y N 251 
PHE CD1 HD1  sing N N 252 
PHE CD2 CE2  doub Y N 253 
PHE CD2 HD2  sing N N 254 
PHE CE1 CZ   doub Y N 255 
PHE CE1 HE1  sing N N 256 
PHE CE2 CZ   sing Y N 257 
PHE CE2 HE2  sing N N 258 
PHE CZ  HZ   sing N N 259 
PHE OXT HXT  sing N N 260 
PRO N   CA   sing N N 261 
PRO N   CD   sing N N 262 
PRO N   H    sing N N 263 
PRO CA  C    sing N N 264 
PRO CA  CB   sing N N 265 
PRO CA  HA   sing N N 266 
PRO C   O    doub N N 267 
PRO C   OXT  sing N N 268 
PRO CB  CG   sing N N 269 
PRO CB  HB2  sing N N 270 
PRO CB  HB3  sing N N 271 
PRO CG  CD   sing N N 272 
PRO CG  HG2  sing N N 273 
PRO CG  HG3  sing N N 274 
PRO CD  HD2  sing N N 275 
PRO CD  HD3  sing N N 276 
PRO OXT HXT  sing N N 277 
SER N   CA   sing N N 278 
SER N   H    sing N N 279 
SER N   H2   sing N N 280 
SER CA  C    sing N N 281 
SER CA  CB   sing N N 282 
SER CA  HA   sing N N 283 
SER C   O    doub N N 284 
SER C   OXT  sing N N 285 
SER CB  OG   sing N N 286 
SER CB  HB2  sing N N 287 
SER CB  HB3  sing N N 288 
SER OG  HG   sing N N 289 
SER OXT HXT  sing N N 290 
THR N   CA   sing N N 291 
THR N   H    sing N N 292 
THR N   H2   sing N N 293 
THR CA  C    sing N N 294 
THR CA  CB   sing N N 295 
THR CA  HA   sing N N 296 
THR C   O    doub N N 297 
THR C   OXT  sing N N 298 
THR CB  OG1  sing N N 299 
THR CB  CG2  sing N N 300 
THR CB  HB   sing N N 301 
THR OG1 HG1  sing N N 302 
THR CG2 HG21 sing N N 303 
THR CG2 HG22 sing N N 304 
THR CG2 HG23 sing N N 305 
THR OXT HXT  sing N N 306 
TRP N   CA   sing N N 307 
TRP N   H    sing N N 308 
TRP N   H2   sing N N 309 
TRP CA  C    sing N N 310 
TRP CA  CB   sing N N 311 
TRP CA  HA   sing N N 312 
TRP C   O    doub N N 313 
TRP C   OXT  sing N N 314 
TRP CB  CG   sing N N 315 
TRP CB  HB2  sing N N 316 
TRP CB  HB3  sing N N 317 
TRP CG  CD1  doub Y N 318 
TRP CG  CD2  sing Y N 319 
TRP CD1 NE1  sing Y N 320 
TRP CD1 HD1  sing N N 321 
TRP CD2 CE2  doub Y N 322 
TRP CD2 CE3  sing Y N 323 
TRP NE1 CE2  sing Y N 324 
TRP NE1 HE1  sing N N 325 
TRP CE2 CZ2  sing Y N 326 
TRP CE3 CZ3  doub Y N 327 
TRP CE3 HE3  sing N N 328 
TRP CZ2 CH2  doub Y N 329 
TRP CZ2 HZ2  sing N N 330 
TRP CZ3 CH2  sing Y N 331 
TRP CZ3 HZ3  sing N N 332 
TRP CH2 HH2  sing N N 333 
TRP OXT HXT  sing N N 334 
TYR N   CA   sing N N 335 
TYR N   H    sing N N 336 
TYR N   H2   sing N N 337 
TYR CA  C    sing N N 338 
TYR CA  CB   sing N N 339 
TYR CA  HA   sing N N 340 
TYR C   O    doub N N 341 
TYR C   OXT  sing N N 342 
TYR CB  CG   sing N N 343 
TYR CB  HB2  sing N N 344 
TYR CB  HB3  sing N N 345 
TYR CG  CD1  doub Y N 346 
TYR CG  CD2  sing Y N 347 
TYR CD1 CE1  sing Y N 348 
TYR CD1 HD1  sing N N 349 
TYR CD2 CE2  doub Y N 350 
TYR CD2 HD2  sing N N 351 
TYR CE1 CZ   doub Y N 352 
TYR CE1 HE1  sing N N 353 
TYR CE2 CZ   sing Y N 354 
TYR CE2 HE2  sing N N 355 
TYR CZ  OH   sing N N 356 
TYR OH  HH   sing N N 357 
TYR OXT HXT  sing N N 358 
VAL N   CA   sing N N 359 
VAL N   H    sing N N 360 
VAL N   H2   sing N N 361 
VAL CA  C    sing N N 362 
VAL CA  CB   sing N N 363 
VAL CA  HA   sing N N 364 
VAL C   O    doub N N 365 
VAL C   OXT  sing N N 366 
VAL CB  CG1  sing N N 367 
VAL CB  CG2  sing N N 368 
VAL CB  HB   sing N N 369 
VAL CG1 HG11 sing N N 370 
VAL CG1 HG12 sing N N 371 
VAL CG1 HG13 sing N N 372 
VAL CG2 HG21 sing N N 373 
VAL CG2 HG22 sing N N 374 
VAL CG2 HG23 sing N N 375 
VAL OXT HXT  sing N N 376 
# 
_atom_sites.entry_id                    3BY8 
_atom_sites.fract_transf_matrix[1][1]   0.01135544 
_atom_sites.fract_transf_matrix[1][2]   -0.00362297 
_atom_sites.fract_transf_matrix[1][3]   -0.00614384 
_atom_sites.fract_transf_matrix[2][1]   0.00530853 
_atom_sites.fract_transf_matrix[2][2]   0.00787501 
_atom_sites.fract_transf_matrix[2][3]   -0.00946600 
_atom_sites.fract_transf_matrix[3][1]   0.01508039 
_atom_sites.fract_transf_matrix[3][2]   0.01365730 
_atom_sites.fract_transf_matrix[3][3]   0.01981894 
_atom_sites.fract_transf_vector[1]      0.328578 
_atom_sites.fract_transf_vector[2]      0.463393 
_atom_sites.fract_transf_vector[3]      0.114511 
# 
loop_
_atom_type.symbol 
C 
N 
O 
S 
# 
loop_
_atom_site.group_PDB 
_atom_site.id 
_atom_site.type_symbol 
_atom_site.label_atom_id 
_atom_site.label_alt_id 
_atom_site.label_comp_id 
_atom_site.label_asym_id 
_atom_site.label_entity_id 
_atom_site.label_seq_id 
_atom_site.pdbx_PDB_ins_code 
_atom_site.Cartn_x 
_atom_site.Cartn_y 
_atom_site.Cartn_z 
_atom_site.occupancy 
_atom_site.B_iso_or_equiv 
_atom_site.pdbx_formal_charge 
_atom_site.auth_seq_id 
_atom_site.auth_comp_id 
_atom_site.auth_asym_id 
_atom_site.auth_atom_id 
_atom_site.pdbx_PDB_model_num 
ATOM   1    N N   . ASP A 1 7   ? 18.676  1.452   -15.349 1.00 61.00 ? 46  ASP A N   1 
ATOM   2    C CA  . ASP A 1 7   ? 17.806  1.456   -14.137 1.00 59.75 ? 46  ASP A CA  1 
ATOM   3    C C   . ASP A 1 7   ? 16.968  0.184   -14.042 1.00 58.59 ? 46  ASP A C   1 
ATOM   4    O O   . ASP A 1 7   ? 15.776  0.225   -13.723 1.00 58.50 ? 46  ASP A O   1 
ATOM   5    C CB  . ASP A 1 7   ? 16.897  2.687   -14.139 1.00 60.89 ? 46  ASP A CB  1 
ATOM   6    C CG  . ASP A 1 7   ? 16.134  2.843   -15.434 1.00 62.19 ? 46  ASP A CG  1 
ATOM   7    O OD1 . ASP A 1 7   ? 15.260  3.732   -15.503 1.00 63.32 ? 46  ASP A OD1 1 
ATOM   8    O OD2 . ASP A 1 7   ? 16.412  2.083   -16.385 1.00 62.28 ? 46  ASP A OD2 1 
ATOM   9    N N   . MET A 1 8   ? 17.607  -0.946  -14.328 1.00 56.40 ? 47  MET A N   1 
ATOM   10   C CA  . MET A 1 8   ? 16.955  -2.246  -14.254 1.00 53.91 ? 47  MET A CA  1 
ATOM   11   C C   . MET A 1 8   ? 16.748  -2.505  -12.766 1.00 50.74 ? 47  MET A C   1 
ATOM   12   O O   . MET A 1 8   ? 15.849  -3.244  -12.360 1.00 50.42 ? 47  MET A O   1 
ATOM   13   C CB  . MET A 1 8   ? 17.873  -3.321  -14.845 1.00 56.67 ? 47  MET A CB  1 
ATOM   14   C CG  . MET A 1 8   ? 17.255  -4.712  -14.963 1.00 60.56 ? 47  MET A CG  1 
ATOM   15   S SD  . MET A 1 8   ? 16.037  -4.854  -16.298 1.00 65.04 ? 47  MET A SD  1 
ATOM   16   C CE  . MET A 1 8   ? 14.478  -4.680  -15.372 1.00 64.42 ? 47  MET A CE  1 
ATOM   17   N N   . THR A 1 9   ? 17.605  -1.878  -11.963 1.00 46.21 ? 48  THR A N   1 
ATOM   18   C CA  . THR A 1 9   ? 17.559  -2.003  -10.513 1.00 40.24 ? 48  THR A CA  1 
ATOM   19   C C   . THR A 1 9   ? 16.291  -1.355  -9.968  1.00 36.86 ? 48  THR A C   1 
ATOM   20   O O   . THR A 1 9   ? 15.613  -1.920  -9.103  1.00 34.81 ? 48  THR A O   1 
ATOM   21   C CB  . THR A 1 9   ? 18.777  -1.322  -9.874  1.00 41.97 ? 48  THR A CB  1 
ATOM   22   O OG1 . THR A 1 9   ? 19.971  -1.860  -10.453 1.00 44.08 ? 48  THR A OG1 1 
ATOM   23   C CG2 . THR A 1 9   ? 18.794  -1.552  -8.369  1.00 41.35 ? 48  THR A CG2 1 
ATOM   24   N N   A ARG A 1 10  ? 15.962  -0.163  -10.460 0.50 34.34 ? 49  ARG A N   1 
ATOM   25   N N   B ARG A 1 10  ? 15.982  -0.175  -10.492 0.50 34.05 ? 49  ARG A N   1 
ATOM   26   C CA  A ARG A 1 10  ? 14.764  0.507   -9.980  0.50 32.45 ? 49  ARG A CA  1 
ATOM   27   C CA  B ARG A 1 10  ? 14.806  0.573   -10.092 0.50 31.90 ? 49  ARG A CA  1 
ATOM   28   C C   A ARG A 1 10  ? 13.526  -0.292  -10.343 0.50 30.26 ? 49  ARG A C   1 
ATOM   29   C C   B ARG A 1 10  ? 13.548  -0.235  -10.367 0.50 29.83 ? 49  ARG A C   1 
ATOM   30   O O   A ARG A 1 10  ? 12.648  -0.491  -9.502  0.50 28.11 ? 49  ARG A O   1 
ATOM   31   O O   B ARG A 1 10  ? 12.695  -0.397  -9.492  0.50 27.63 ? 49  ARG A O   1 
ATOM   32   C CB  A ARG A 1 10  ? 14.628  1.924   -10.543 0.50 32.70 ? 49  ARG A CB  1 
ATOM   33   C CB  B ARG A 1 10  ? 14.759  1.885   -10.869 0.50 31.66 ? 49  ARG A CB  1 
ATOM   34   C CG  A ARG A 1 10  ? 13.310  2.573   -10.125 0.50 33.94 ? 49  ARG A CG  1 
ATOM   35   C CG  B ARG A 1 10  ? 13.533  2.738   -10.631 0.50 31.73 ? 49  ARG A CG  1 
ATOM   36   C CD  A ARG A 1 10  ? 13.252  4.042   -10.461 0.50 35.15 ? 49  ARG A CD  1 
ATOM   37   C CD  B ARG A 1 10  ? 13.641  3.968   -11.500 0.50 32.73 ? 49  ARG A CD  1 
ATOM   38   N NE  A ARG A 1 10  ? 13.454  4.284   -11.882 0.50 36.00 ? 49  ARG A NE  1 
ATOM   39   N NE  B ARG A 1 10  ? 14.977  4.543   -11.374 0.50 30.58 ? 49  ARG A NE  1 
ATOM   40   C CZ  A ARG A 1 10  ? 13.269  5.462   -12.464 0.50 35.41 ? 49  ARG A CZ  1 
ATOM   41   C CZ  B ARG A 1 10  ? 15.635  5.137   -12.362 0.50 31.13 ? 49  ARG A CZ  1 
ATOM   42   N NH1 A ARG A 1 10  ? 12.871  6.500   -11.744 0.50 33.64 ? 49  ARG A NH1 1 
ATOM   43   N NH1 B ARG A 1 10  ? 15.082  5.248   -13.563 0.50 30.78 ? 49  ARG A NH1 1 
ATOM   44   N NH2 A ARG A 1 10  ? 13.481  5.600   -13.761 0.50 34.68 ? 49  ARG A NH2 1 
ATOM   45   N NH2 B ARG A 1 10  ? 16.860  5.597   -12.154 0.50 28.88 ? 49  ARG A NH2 1 
ATOM   46   N N   . ASP A 1 11  ? 13.444  -0.742  -11.591 1.00 29.32 ? 50  ASP A N   1 
ATOM   47   C CA  . ASP A 1 11  ? 12.292  -1.529  -12.012 1.00 25.68 ? 50  ASP A CA  1 
ATOM   48   C C   . ASP A 1 11  ? 12.152  -2.766  -11.145 1.00 23.74 ? 50  ASP A C   1 
ATOM   49   O O   . ASP A 1 11  ? 11.040  -3.140  -10.783 1.00 21.05 ? 50  ASP A O   1 
ATOM   50   C CB  . ASP A 1 11  ? 12.421  -1.947  -13.475 1.00 31.54 ? 50  ASP A CB  1 
ATOM   51   C CG  . ASP A 1 11  ? 12.163  -0.798  -14.426 1.00 36.49 ? 50  ASP A CG  1 
ATOM   52   O OD1 . ASP A 1 11  ? 12.257  -1.014  -15.654 1.00 40.64 ? 50  ASP A OD1 1 
ATOM   53   O OD2 . ASP A 1 11  ? 11.859  0.319   -13.945 1.00 40.29 ? 50  ASP A OD2 1 
ATOM   54   N N   . GLY A 1 12  ? 13.283  -3.392  -10.829 1.00 21.56 ? 51  GLY A N   1 
ATOM   55   C CA  . GLY A 1 12  ? 13.279  -4.583  -9.998  1.00 21.35 ? 51  GLY A CA  1 
ATOM   56   C C   . GLY A 1 12  ? 12.646  -4.277  -8.660  1.00 18.52 ? 51  GLY A C   1 
ATOM   57   O O   . GLY A 1 12  ? 11.804  -5.032  -8.175  1.00 18.62 ? 51  GLY A O   1 
ATOM   58   N N   . LEU A 1 13  ? 13.036  -3.154  -8.070  1.00 17.50 ? 52  LEU A N   1 
ATOM   59   C CA  . LEU A 1 13  ? 12.513  -2.756  -6.776  1.00 16.81 ? 52  LEU A CA  1 
ATOM   60   C C   . LEU A 1 13  ? 11.024  -2.454  -6.840  1.00 16.46 ? 52  LEU A C   1 
ATOM   61   O O   . LEU A 1 13  ? 10.258  -2.876  -5.966  1.00 15.71 ? 52  LEU A O   1 
ATOM   62   C CB  . LEU A 1 13  ? 13.285  -1.536  -6.251  1.00 18.51 ? 52  LEU A CB  1 
ATOM   63   C CG  . LEU A 1 13  ? 14.734  -1.864  -5.872  1.00 19.23 ? 52  LEU A CG  1 
ATOM   64   C CD1 . LEU A 1 13  ? 15.525  -0.580  -5.673  1.00 19.86 ? 52  LEU A CD1 1 
ATOM   65   C CD2 . LEU A 1 13  ? 14.742  -2.716  -4.597  1.00 23.94 ? 52  LEU A CD2 1 
ATOM   66   N N   . ALA A 1 14  ? 10.603  -1.739  -7.875  1.00 15.61 ? 53  ALA A N   1 
ATOM   67   C CA  . ALA A 1 14  ? 9.202   -1.415  -8.028  1.00 15.49 ? 53  ALA A CA  1 
ATOM   68   C C   . ALA A 1 14  ? 8.395   -2.705  -8.224  1.00 14.63 ? 53  ALA A C   1 
ATOM   69   O O   . ALA A 1 14  ? 7.311   -2.833  -7.682  1.00 13.45 ? 53  ALA A O   1 
ATOM   70   C CB  . ALA A 1 14  ? 9.008   -0.467  -9.206  1.00 15.13 ? 53  ALA A CB  1 
ATOM   71   N N   . ASN A 1 15  ? 8.919   -3.660  -8.994  1.00 15.22 ? 54  ASN A N   1 
ATOM   72   C CA  . ASN A 1 15  ? 8.185   -4.908  -9.227  1.00 14.34 ? 54  ASN A CA  1 
ATOM   73   C C   . ASN A 1 15  ? 8.071   -5.708  -7.941  1.00 14.27 ? 54  ASN A C   1 
ATOM   74   O O   . ASN A 1 15  ? 7.048   -6.350  -7.707  1.00 13.38 ? 54  ASN A O   1 
ATOM   75   C CB  . ASN A 1 15  ? 8.876   -5.769  -10.287 1.00 17.90 ? 54  ASN A CB  1 
ATOM   76   C CG  . ASN A 1 15  ? 8.805   -5.152  -11.670 1.00 20.99 ? 54  ASN A CG  1 
ATOM   77   O OD1 . ASN A 1 15  ? 7.874   -4.408  -11.984 1.00 23.73 ? 54  ASN A OD1 1 
ATOM   78   N ND2 . ASN A 1 15  ? 9.779   -5.471  -12.513 1.00 23.54 ? 54  ASN A ND2 1 
ATOM   79   N N   . LYS A 1 16  ? 9.115   -5.693  -7.123  1.00 14.04 ? 55  LYS A N   1 
ATOM   80   C CA  . LYS A 1 16  ? 9.029   -6.426  -5.865  1.00 15.92 ? 55  LYS A CA  1 
ATOM   81   C C   . LYS A 1 16  ? 7.981   -5.783  -4.990  1.00 13.76 ? 55  LYS A C   1 
ATOM   82   O O   . LYS A 1 16  ? 7.155   -6.484  -4.375  1.00 13.46 ? 55  LYS A O   1 
ATOM   83   C CB  . LYS A 1 16  ? 10.369  -6.462  -5.129  1.00 18.08 ? 55  LYS A CB  1 
ATOM   84   C CG  . LYS A 1 16  ? 11.351  -7.436  -5.761  1.00 23.67 ? 55  LYS A CG  1 
ATOM   85   C CD  . LYS A 1 16  ? 12.564  -7.674  -4.883  1.00 25.37 ? 55  LYS A CD  1 
ATOM   86   C CE  . LYS A 1 16  ? 13.399  -6.423  -4.694  1.00 26.59 ? 55  LYS A CE  1 
ATOM   87   N NZ  . LYS A 1 16  ? 14.638  -6.719  -3.912  1.00 29.94 ? 55  LYS A NZ  1 
ATOM   88   N N   . ALA A 1 17  ? 7.997   -4.450  -4.928  1.00 11.99 ? 56  ALA A N   1 
ATOM   89   C CA  . ALA A 1 17  ? 7.023   -3.706  -4.125  1.00 12.03 ? 56  ALA A CA  1 
ATOM   90   C C   . ALA A 1 17  ? 5.608   -3.990  -4.663  1.00 11.75 ? 56  ALA A C   1 
ATOM   91   O O   . ALA A 1 17  ? 4.682   -4.170  -3.860  1.00 9.93  ? 56  ALA A O   1 
ATOM   92   C CB  . ALA A 1 17  ? 7.336   -2.230  -4.200  1.00 12.01 ? 56  ALA A CB  1 
ATOM   93   N N   . LEU A 1 18  ? 5.433   -4.032  -5.986  1.00 10.11 ? 57  LEU A N   1 
ATOM   94   C CA  . LEU A 1 18  ? 4.127   -4.341  -6.546  1.00 12.79 ? 57  LEU A CA  1 
ATOM   95   C C   . LEU A 1 18  ? 3.668   -5.761  -6.182  1.00 11.43 ? 57  LEU A C   1 
ATOM   96   O O   . LEU A 1 18  ? 2.484   -5.990  -5.945  1.00 12.16 ? 57  LEU A O   1 
ATOM   97   C CB  . LEU A 1 18  ? 4.117   -4.148  -8.067  1.00 14.80 ? 57  LEU A CB  1 
ATOM   98   C CG  . LEU A 1 18  ? 3.522   -2.830  -8.577  1.00 20.47 ? 57  LEU A CG  1 
ATOM   99   C CD1 . LEU A 1 18  ? 3.689   -2.806  -10.088 1.00 22.07 ? 57  LEU A CD1 1 
ATOM   100  C CD2 . LEU A 1 18  ? 2.025   -2.706  -8.167  1.00 19.13 ? 57  LEU A CD2 1 
ATOM   101  N N   . ALA A 1 19  ? 4.606   -6.711  -6.122  1.00 12.44 ? 58  ALA A N   1 
ATOM   102  C CA  . ALA A 1 19  ? 4.247   -8.085  -5.772  1.00 12.70 ? 58  ALA A CA  1 
ATOM   103  C C   . ALA A 1 19  ? 3.723   -8.104  -4.334  1.00 10.79 ? 58  ALA A C   1 
ATOM   104  O O   . ALA A 1 19  ? 2.733   -8.777  -4.029  1.00 11.43 ? 58  ALA A O   1 
ATOM   105  C CB  . ALA A 1 19  ? 5.466   -8.985  -5.910  1.00 12.63 ? 58  ALA A CB  1 
ATOM   106  N N   . VAL A 1 20  ? 4.359   -7.362  -3.439  1.00 9.27  ? 59  VAL A N   1 
ATOM   107  C CA  . VAL A 1 20  ? 3.862   -7.262  -2.069  1.00 9.21  ? 59  VAL A CA  1 
ATOM   108  C C   . VAL A 1 20  ? 2.463   -6.627  -2.056  1.00 10.35 ? 59  VAL A C   1 
ATOM   109  O O   . VAL A 1 20  ? 1.555   -7.137  -1.402  1.00 11.90 ? 59  VAL A O   1 
ATOM   110  C CB  . VAL A 1 20  ? 4.823   -6.419  -1.179  1.00 9.74  ? 59  VAL A CB  1 
ATOM   111  C CG1 . VAL A 1 20  ? 4.270   -6.226  0.227   1.00 9.80  ? 59  VAL A CG1 1 
ATOM   112  C CG2 . VAL A 1 20  ? 6.224   -7.099  -1.144  1.00 10.74 ? 59  VAL A CG2 1 
ATOM   113  N N   . ALA A 1 21  ? 2.285   -5.540  -2.810  1.00 10.66 ? 60  ALA A N   1 
ATOM   114  C CA  . ALA A 1 21  ? 1.001   -4.846  -2.817  1.00 10.99 ? 60  ALA A CA  1 
ATOM   115  C C   . ALA A 1 21  ? -0.110  -5.733  -3.342  1.00 9.90  ? 60  ALA A C   1 
ATOM   116  O O   . ALA A 1 21  ? -1.189  -5.785  -2.767  1.00 10.41 ? 60  ALA A O   1 
ATOM   117  C CB  . ALA A 1 21  ? 1.137   -3.610  -3.664  1.00 11.61 ? 60  ALA A CB  1 
ATOM   118  N N   . ARG A 1 22  ? 0.163   -6.462  -4.417  1.00 10.61 ? 61  ARG A N   1 
ATOM   119  C CA  . ARG A 1 22  ? -0.819  -7.351  -5.026  1.00 9.88  ? 61  ARG A CA  1 
ATOM   120  C C   . ARG A 1 22  ? -1.184  -8.469  -4.061  1.00 12.19 ? 61  ARG A C   1 
ATOM   121  O O   . ARG A 1 22  ? -2.341  -8.852  -3.934  1.00 12.49 ? 61  ARG A O   1 
ATOM   122  C CB  . ARG A 1 22  ? -0.260  -7.954  -6.318  1.00 12.11 ? 61  ARG A CB  1 
ATOM   123  C CG  . ARG A 1 22  ? -0.134  -6.940  -7.449  1.00 12.77 ? 61  ARG A CG  1 
ATOM   124  C CD  . ARG A 1 22  ? 0.677   -7.575  -8.578  1.00 15.65 ? 61  ARG A CD  1 
ATOM   125  N NE  . ARG A 1 22  ? 0.729   -6.719  -9.750  1.00 15.05 ? 61  ARG A NE  1 
ATOM   126  C CZ  . ARG A 1 22  ? 1.323   -7.048  -10.893 1.00 20.31 ? 61  ARG A CZ  1 
ATOM   127  N NH1 . ARG A 1 22  ? 1.921   -8.235  -11.025 1.00 20.49 ? 61  ARG A NH1 1 
ATOM   128  N NH2 . ARG A 1 22  ? 1.323   -6.191  -11.914 1.00 18.59 ? 61  ARG A NH2 1 
ATOM   129  N N   . THR A 1 23  ? -0.186  -8.983  -3.354  1.00 12.41 ? 62  THR A N   1 
ATOM   130  C CA  . THR A 1 23  ? -0.458  -10.045 -2.413  1.00 13.47 ? 62  THR A CA  1 
ATOM   131  C C   . THR A 1 23  ? -1.393  -9.552  -1.311  1.00 12.66 ? 62  THR A C   1 
ATOM   132  O O   . THR A 1 23  ? -2.401  -10.217 -0.979  1.00 13.35 ? 62  THR A O   1 
ATOM   133  C CB  . THR A 1 23  ? 0.860   -10.547 -1.828  1.00 9.22  ? 62  THR A CB  1 
ATOM   134  O OG1 . THR A 1 23  ? 1.680   -11.048 -2.890  1.00 12.29 ? 62  THR A OG1 1 
ATOM   135  C CG2 . THR A 1 23  ? 0.581   -11.692 -0.826  1.00 12.71 ? 62  THR A CG2 1 
ATOM   136  N N   . LEU A 1 24  ? -1.094  -8.390  -0.745  1.00 10.55 ? 63  LEU A N   1 
ATOM   137  C CA  . LEU A 1 24  ? -1.945  -7.823  0.297   1.00 11.44 ? 63  LEU A CA  1 
ATOM   138  C C   . LEU A 1 24  ? -3.336  -7.495  -0.236  1.00 13.10 ? 63  LEU A C   1 
ATOM   139  O O   . LEU A 1 24  ? -4.316  -7.617  0.516   1.00 16.22 ? 63  LEU A O   1 
ATOM   140  C CB  . LEU A 1 24  ? -1.320  -6.564  0.858   1.00 12.25 ? 63  LEU A CB  1 
ATOM   141  C CG  . LEU A 1 24  ? -0.082  -6.811  1.685   1.00 13.71 ? 63  LEU A CG  1 
ATOM   142  C CD1 . LEU A 1 24  ? 0.551   -5.499  2.112   1.00 14.41 ? 63  LEU A CD1 1 
ATOM   143  C CD2 . LEU A 1 24  ? -0.461  -7.605  2.893   1.00 17.54 ? 63  LEU A CD2 1 
ATOM   144  N N   A ALA A 1 25  ? -3.445  -7.058  -1.479  0.50 11.50 ? 64  ALA A N   1 
ATOM   145  N N   B ALA A 1 25  ? -3.399  -7.111  -1.522  0.50 12.45 ? 64  ALA A N   1 
ATOM   146  C CA  A ALA A 1 25  ? -4.771  -6.738  -2.006  0.50 12.96 ? 64  ALA A CA  1 
ATOM   147  C CA  B ALA A 1 25  ? -4.645  -6.750  -2.237  0.50 14.18 ? 64  ALA A CA  1 
ATOM   148  C C   A ALA A 1 25  ? -5.745  -7.918  -1.822  0.50 9.90  ? 64  ALA A C   1 
ATOM   149  C C   B ALA A 1 25  ? -5.532  -7.948  -2.609  0.50 14.10 ? 64  ALA A C   1 
ATOM   150  O O   A ALA A 1 25  ? -6.962  -7.728  -1.801  0.50 12.23 ? 64  ALA A O   1 
ATOM   151  O O   B ALA A 1 25  ? -6.765  -7.826  -2.669  0.50 14.55 ? 64  ALA A O   1 
ATOM   152  C CB  A ALA A 1 25  ? -4.657  -6.370  -3.475  0.50 12.34 ? 64  ALA A CB  1 
ATOM   153  C CB  B ALA A 1 25  ? -4.311  -5.952  -3.503  0.50 13.53 ? 64  ALA A CB  1 
ATOM   154  N N   A ASP A 1 26  ? -5.213  -9.128  -1.681  0.50 8.70  ? 65  ASP A N   1 
ATOM   155  N N   B ASP A 1 26  ? -4.911  -9.093  -2.883  0.50 12.59 ? 65  ASP A N   1 
ATOM   156  C CA  A ASP A 1 26  ? -6.041  -10.320 -1.550  0.50 12.01 ? 65  ASP A CA  1 
ATOM   157  C CA  B ASP A 1 26  ? -5.669  -10.300 -3.229  0.50 17.21 ? 65  ASP A CA  1 
ATOM   158  C C   A ASP A 1 26  ? -6.271  -10.824 -0.129  0.50 14.86 ? 65  ASP A C   1 
ATOM   159  C C   B ASP A 1 26  ? -5.992  -11.141 -2.024  0.50 18.00 ? 65  ASP A C   1 
ATOM   160  O O   A ASP A 1 26  ? -6.705  -11.961 0.061   0.50 15.98 ? 65  ASP A O   1 
ATOM   161  O O   B ASP A 1 26  ? -6.690  -12.144 -2.142  0.50 19.42 ? 65  ASP A O   1 
ATOM   162  C CB  A ASP A 1 26  ? -5.461  -11.456 -2.407  0.50 15.36 ? 65  ASP A CB  1 
ATOM   163  C CB  B ASP A 1 26  ? -4.884  -11.181 -4.179  0.50 21.17 ? 65  ASP A CB  1 
ATOM   164  C CG  A ASP A 1 26  ? -5.602  -11.198 -3.894  0.50 18.35 ? 65  ASP A CG  1 
ATOM   165  C CG  B ASP A 1 26  ? -4.398  -10.433 -5.349  0.50 22.77 ? 65  ASP A CG  1 
ATOM   166  O OD1 A ASP A 1 26  ? -6.405  -10.332 -4.277  0.50 18.97 ? 65  ASP A OD1 1 
ATOM   167  O OD1 B ASP A 1 26  ? -5.218  -9.690  -5.917  0.50 26.11 ? 65  ASP A OD1 1 
ATOM   168  O OD2 A ASP A 1 26  ? -4.922  -11.877 -4.686  0.50 18.08 ? 65  ASP A OD2 1 
ATOM   169  O OD2 B ASP A 1 26  ? -3.209  -10.584 -5.685  0.50 29.52 ? 65  ASP A OD2 1 
ATOM   170  N N   A SER A 1 27  ? -6.005  -9.986  0.866   0.50 14.44 ? 66  SER A N   1 
ATOM   171  N N   B SER A 1 27  ? -5.478  -10.744 -0.873  0.50 16.36 ? 66  SER A N   1 
ATOM   172  C CA  A SER A 1 27  ? -6.220  -10.386 2.255   0.50 13.71 ? 66  SER A CA  1 
ATOM   173  C CA  B SER A 1 27  ? -5.689  -11.512 0.334   0.50 16.74 ? 66  SER A CA  1 
ATOM   174  C C   A SER A 1 27  ? -7.695  -10.349 2.647   0.50 14.57 ? 66  SER A C   1 
ATOM   175  C C   B SER A 1 27  ? -7.064  -11.321 0.941   0.50 15.19 ? 66  SER A C   1 
ATOM   176  O O   A SER A 1 27  ? -8.361  -9.322  2.507   0.50 13.81 ? 66  SER A O   1 
ATOM   177  O O   B SER A 1 27  ? -7.516  -10.202 1.160   0.50 15.43 ? 66  SER A O   1 
ATOM   178  C CB  A SER A 1 27  ? -5.440  -9.465  3.197   0.50 14.85 ? 66  SER A CB  1 
ATOM   179  C CB  B SER A 1 27  ? -4.626  -11.157 1.366   0.50 17.72 ? 66  SER A CB  1 
ATOM   180  O OG  A SER A 1 27  ? -5.963  -9.507  4.517   0.50 13.23 ? 66  SER A OG  1 
ATOM   181  O OG  B SER A 1 27  ? -4.815  -11.917 2.548   0.50 19.69 ? 66  SER A OG  1 
ATOM   182  N N   A PRO A 1 28  ? -8.227  -11.475 3.135   0.50 15.38 ? 67  PRO A N   1 
ATOM   183  N N   B PRO A 1 28  ? -7.767  -12.425 1.203   0.50 16.91 ? 67  PRO A N   1 
ATOM   184  C CA  A PRO A 1 28  ? -9.636  -11.465 3.532   0.50 14.68 ? 67  PRO A CA  1 
ATOM   185  C CA  B PRO A 1 28  ? -9.099  -12.295 1.804   0.50 17.51 ? 67  PRO A CA  1 
ATOM   186  C C   A PRO A 1 28  ? -9.885  -10.465 4.663   0.50 13.44 ? 67  PRO A C   1 
ATOM   187  C C   B PRO A 1 28  ? -8.960  -11.590 3.152   0.50 18.60 ? 67  PRO A C   1 
ATOM   188  O O   A PRO A 1 28  ? -10.871 -9.720  4.638   0.50 14.17 ? 67  PRO A O   1 
ATOM   189  O O   B PRO A 1 28  ? -9.882  -10.949 3.636   0.50 17.79 ? 67  PRO A O   1 
ATOM   190  C CB  A PRO A 1 28  ? -9.878  -12.904 3.984   0.50 14.37 ? 67  PRO A CB  1 
ATOM   191  C CB  B PRO A 1 28  ? -9.552  -13.744 1.937   0.50 16.92 ? 67  PRO A CB  1 
ATOM   192  C CG  A PRO A 1 28  ? -8.976  -13.681 3.082   0.50 15.13 ? 67  PRO A CG  1 
ATOM   193  C CG  B PRO A 1 28  ? -8.922  -14.389 0.719   0.50 18.14 ? 67  PRO A CG  1 
ATOM   194  C CD  A PRO A 1 28  ? -7.696  -12.849 3.100   0.50 13.80 ? 67  PRO A CD  1 
ATOM   195  C CD  B PRO A 1 28  ? -7.533  -13.788 0.696   0.50 17.22 ? 67  PRO A CD  1 
ATOM   196  N N   A GLU A 1 29  ? -8.989  -10.437 5.650   0.50 14.63 ? 68  GLU A N   1 
ATOM   197  N N   B GLU A 1 29  ? -7.776  -11.690 3.744   0.50 21.70 ? 68  GLU A N   1 
ATOM   198  C CA  A GLU A 1 29  ? -9.153  -9.523  6.776   0.50 15.85 ? 68  GLU A CA  1 
ATOM   199  C CA  B GLU A 1 29  ? -7.504  -11.072 5.033   0.50 22.74 ? 68  GLU A CA  1 
ATOM   200  C C   A GLU A 1 29  ? -9.124  -8.057  6.353   0.50 15.45 ? 68  GLU A C   1 
ATOM   201  C C   B GLU A 1 29  ? -7.544  -9.556  5.031   0.50 22.03 ? 68  GLU A C   1 
ATOM   202  O O   A GLU A 1 29  ? -9.852  -7.224  6.922   0.50 15.85 ? 68  GLU A O   1 
ATOM   203  O O   B GLU A 1 29  ? -8.079  -8.930  5.944   0.50 21.65 ? 68  GLU A O   1 
ATOM   204  C CB  A GLU A 1 29  ? -8.104  -9.824  7.857   0.50 16.45 ? 68  GLU A CB  1 
ATOM   205  C CB  B GLU A 1 29  ? -6.150  -11.540 5.512   0.50 27.25 ? 68  GLU A CB  1 
ATOM   206  C CG  A GLU A 1 29  ? -8.498  -11.048 8.691   0.50 20.82 ? 68  GLU A CG  1 
ATOM   207  C CG  B GLU A 1 29  ? -6.271  -12.675 6.463   0.50 29.84 ? 68  GLU A CG  1 
ATOM   208  C CD  A GLU A 1 29  ? -7.414  -11.539 9.649   0.50 22.75 ? 68  GLU A CD  1 
ATOM   209  C CD  B GLU A 1 29  ? -7.471  -13.543 6.181   0.50 34.33 ? 68  GLU A CD  1 
ATOM   210  O OE1 A GLU A 1 29  ? -7.664  -12.548 10.350  0.50 27.30 ? 68  GLU A OE1 1 
ATOM   211  O OE1 B GLU A 1 29  ? -7.577  -14.067 5.052   0.50 35.96 ? 68  GLU A OE1 1 
ATOM   212  O OE2 A GLU A 1 29  ? -6.316  -10.939 9.712   0.50 23.20 ? 68  GLU A OE2 1 
ATOM   213  O OE2 B GLU A 1 29  ? -8.312  -13.700 7.095   0.50 35.31 ? 68  GLU A OE2 1 
ATOM   214  N N   A ILE A 1 30  ? -8.317  -7.730  5.342   0.50 15.37 ? 69  ILE A N   1 
ATOM   215  N N   B ILE A 1 30  ? -6.930  -8.971  4.018   0.50 19.85 ? 69  ILE A N   1 
ATOM   216  C CA  A ILE A 1 30  ? -8.272  -6.351  4.858   0.50 14.40 ? 69  ILE A CA  1 
ATOM   217  C CA  B ILE A 1 30  ? -6.904  -7.527  3.882   0.50 19.51 ? 69  ILE A CA  1 
ATOM   218  C C   A ILE A 1 30  ? -9.607  -6.054  4.164   0.50 15.57 ? 69  ILE A C   1 
ATOM   219  C C   B ILE A 1 30  ? -8.292  -7.053  3.493   0.50 19.53 ? 69  ILE A C   1 
ATOM   220  O O   A ILE A 1 30  ? -10.197 -4.990  4.369   0.50 14.57 ? 69  ILE A O   1 
ATOM   221  O O   B ILE A 1 30  ? -8.823  -6.100  4.054   0.50 18.25 ? 69  ILE A O   1 
ATOM   222  C CB  A ILE A 1 30  ? -7.071  -6.108  3.891   0.50 12.32 ? 69  ILE A CB  1 
ATOM   223  C CB  B ILE A 1 30  ? -5.884  -7.100  2.799   0.50 18.33 ? 69  ILE A CB  1 
ATOM   224  C CG1 A ILE A 1 30  ? -5.767  -6.097  4.691   0.50 14.79 ? 69  ILE A CG1 1 
ATOM   225  C CG1 B ILE A 1 30  ? -4.465  -7.259  3.344   0.50 19.29 ? 69  ILE A CG1 1 
ATOM   226  C CG2 A ILE A 1 30  ? -7.221  -4.766  3.175   0.50 14.21 ? 69  ILE A CG2 1 
ATOM   227  C CG2 B ILE A 1 30  ? -6.137  -5.664  2.345   0.50 19.03 ? 69  ILE A CG2 1 
ATOM   228  C CD1 A ILE A 1 30  ? -4.529  -5.764  3.870   0.50 13.92 ? 69  ILE A CD1 1 
ATOM   229  C CD1 B ILE A 1 30  ? -4.169  -6.393  4.546   0.50 16.70 ? 69  ILE A CD1 1 
ATOM   230  N N   A ARG A 1 31  ? -10.091 -7.004  3.371   0.50 15.85 ? 70  ARG A N   1 
ATOM   231  N N   B ARG A 1 31  ? -8.886  -7.747  2.534   0.50 19.77 ? 70  ARG A N   1 
ATOM   232  C CA  A ARG A 1 31  ? -11.373 -6.868  2.683   0.50 18.11 ? 70  ARG A CA  1 
ATOM   233  C CA  B ARG A 1 31  ? -10.197 -7.379  2.045   0.50 20.80 ? 70  ARG A CA  1 
ATOM   234  C C   A ARG A 1 31  ? -12.446 -6.596  3.741   0.50 17.37 ? 70  ARG A C   1 
ATOM   235  C C   B ARG A 1 31  ? -11.279 -7.376  3.117   0.50 22.59 ? 70  ARG A C   1 
ATOM   236  O O   A ARG A 1 31  ? -13.277 -5.694  3.588   0.50 18.64 ? 70  ARG A O   1 
ATOM   237  O O   B ARG A 1 31  ? -12.181 -6.547  3.077   0.50 21.92 ? 70  ARG A O   1 
ATOM   238  C CB  A ARG A 1 31  ? -11.704 -8.167  1.937   0.50 18.35 ? 70  ARG A CB  1 
ATOM   239  C CB  B ARG A 1 31  ? -10.565 -8.291  0.878   0.50 19.69 ? 70  ARG A CB  1 
ATOM   240  C CG  A ARG A 1 31  ? -12.988 -8.140  1.130   0.50 23.35 ? 70  ARG A CG  1 
ATOM   241  C CG  B ARG A 1 31  ? -9.466  -8.290  -0.190  0.50 21.00 ? 70  ARG A CG  1 
ATOM   242  C CD  A ARG A 1 31  ? -13.539 -9.549  0.930   0.50 26.80 ? 70  ARG A CD  1 
ATOM   243  C CD  B ARG A 1 31  ? -9.979  -8.733  -1.533  0.50 23.27 ? 70  ARG A CD  1 
ATOM   244  N NE  A ARG A 1 31  ? -12.550 -10.468 0.371   0.50 29.53 ? 70  ARG A NE  1 
ATOM   245  N NE  B ARG A 1 31  ? -10.662 -10.011 -1.437  0.50 24.05 ? 70  ARG A NE  1 
ATOM   246  C CZ  A ARG A 1 31  ? -12.502 -11.769 0.644   0.50 30.70 ? 70  ARG A CZ  1 
ATOM   247  C CZ  B ARG A 1 31  ? -11.029 -10.741 -2.481  0.50 28.15 ? 70  ARG A CZ  1 
ATOM   248  N NH1 A ARG A 1 31  ? -13.384 -12.310 1.472   0.50 32.24 ? 70  ARG A NH1 1 
ATOM   249  N NH1 B ARG A 1 31  ? -10.772 -10.319 -3.712  0.50 28.06 ? 70  ARG A NH1 1 
ATOM   250  N NH2 A ARG A 1 31  ? -11.573 -12.532 0.090   0.50 31.85 ? 70  ARG A NH2 1 
ATOM   251  N NH2 B ARG A 1 31  ? -11.656 -11.891 -2.295  0.50 29.52 ? 70  ARG A NH2 1 
ATOM   252  N N   A GLN A 1 32  ? -12.427 -7.390  4.805   0.50 18.20 ? 71  GLN A N   1 
ATOM   253  N N   B GLN A 1 32  ? -11.183 -8.282  4.084   0.50 24.07 ? 71  GLN A N   1 
ATOM   254  C CA  A GLN A 1 32  ? -13.376 -7.250  5.908   0.50 22.24 ? 71  GLN A CA  1 
ATOM   255  C CA  B GLN A 1 32  ? -12.169 -8.342  5.159   0.50 27.66 ? 71  GLN A CA  1 
ATOM   256  C C   A GLN A 1 32  ? -13.165 -5.919  6.619   0.50 23.89 ? 71  GLN A C   1 
ATOM   257  C C   B GLN A 1 32  ? -11.992 -7.236  6.208   0.50 29.61 ? 71  GLN A C   1 
ATOM   258  O O   A GLN A 1 32  ? -14.102 -5.136  6.794   0.50 23.79 ? 71  GLN A O   1 
ATOM   259  O O   B GLN A 1 32  ? -12.763 -7.152  7.164   0.50 29.13 ? 71  GLN A O   1 
ATOM   260  C CB  A GLN A 1 32  ? -13.189 -8.400  6.909   0.50 22.63 ? 71  GLN A CB  1 
ATOM   261  C CB  B GLN A 1 32  ? -12.118 -9.711  5.846   0.50 29.23 ? 71  GLN A CB  1 
ATOM   262  C CG  A GLN A 1 32  ? -13.685 -9.764  6.433   0.50 27.12 ? 71  GLN A CG  1 
ATOM   263  C CG  B GLN A 1 32  ? -12.507 -10.883 4.946   0.50 32.19 ? 71  GLN A CG  1 
ATOM   264  C CD  A GLN A 1 32  ? -12.821 -10.911 6.943   0.50 28.49 ? 71  GLN A CD  1 
ATOM   265  C CD  B GLN A 1 32  ? -13.917 -10.765 4.393   0.50 34.14 ? 71  GLN A CD  1 
ATOM   266  O OE1 A GLN A 1 32  ? -12.364 -10.902 8.087   0.50 29.60 ? 71  GLN A OE1 1 
ATOM   267  O OE1 B GLN A 1 32  ? -14.889 -10.708 5.145   0.50 35.24 ? 71  GLN A OE1 1 
ATOM   268  N NE2 A GLN A 1 32  ? -12.603 -11.909 6.095   0.50 31.00 ? 71  GLN A NE2 1 
ATOM   269  N NE2 B GLN A 1 32  ? -14.034 -10.729 3.067   0.50 36.36 ? 71  GLN A NE2 1 
ATOM   270  N N   A GLY A 1 33  ? -11.921 -5.677  7.023   0.50 24.16 ? 72  GLY A N   1 
ATOM   271  N N   B GLY A 1 33  ? -10.993 -6.376  6.026   0.50 31.74 ? 72  GLY A N   1 
ATOM   272  C CA  A GLY A 1 33  ? -11.553 -4.455  7.719   0.50 25.56 ? 72  GLY A CA  1 
ATOM   273  C CA  B GLY A 1 33  ? -10.767 -5.312  6.993   0.50 33.97 ? 72  GLY A CA  1 
ATOM   274  C C   A GLY A 1 33  ? -11.977 -3.212  6.978   0.50 27.88 ? 72  GLY A C   1 
ATOM   275  C C   B GLY A 1 33  ? -11.289 -3.913  6.680   0.50 36.13 ? 72  GLY A C   1 
ATOM   276  O O   A GLY A 1 33  ? -12.313 -2.198  7.592   0.50 26.16 ? 72  GLY A O   1 
ATOM   277  O O   B GLY A 1 33  ? -11.310 -3.067  7.572   0.50 35.56 ? 72  GLY A O   1 
ATOM   278  N N   A LEU A 1 34  ? -11.947 -3.287  5.651   0.50 29.64 ? 73  LEU A N   1 
ATOM   279  N N   B LEU A 1 34  ? -11.729 -3.672  5.443   0.50 36.96 ? 73  LEU A N   1 
ATOM   280  C CA  A LEU A 1 34  ? -12.356 -2.168  4.837   0.50 32.86 ? 73  LEU A CA  1 
ATOM   281  C CA  B LEU A 1 34  ? -12.221 -2.354  5.001   0.50 38.03 ? 73  LEU A CA  1 
ATOM   282  C C   A LEU A 1 34  ? -13.841 -1.959  5.073   0.50 36.73 ? 73  LEU A C   1 
ATOM   283  C C   B LEU A 1 34  ? -13.682 -1.960  5.293   0.50 40.15 ? 73  LEU A C   1 
ATOM   284  O O   A LEU A 1 34  ? -14.408 -0.948  4.652   0.50 38.31 ? 73  LEU A O   1 
ATOM   285  O O   B LEU A 1 34  ? -14.069 -0.805  5.105   0.50 40.76 ? 73  LEU A O   1 
ATOM   286  C CB  A LEU A 1 34  ? -12.053 -2.440  3.360   0.50 28.73 ? 73  LEU A CB  1 
ATOM   287  C CB  B LEU A 1 34  ? -11.986 -2.207  3.493   0.50 36.23 ? 73  LEU A CB  1 
ATOM   288  C CG  A LEU A 1 34  ? -10.568 -2.282  3.003   0.50 25.66 ? 73  LEU A CG  1 
ATOM   289  C CG  B LEU A 1 34  ? -10.563 -2.097  2.934   0.50 34.46 ? 73  LEU A CG  1 
ATOM   290  C CD1 A LEU A 1 34  ? -10.303 -2.757  1.578   0.50 20.57 ? 73  LEU A CD1 1 
ATOM   291  C CD1 B LEU A 1 34  ? -9.693  -3.229  3.439   0.50 33.58 ? 73  LEU A CD1 1 
ATOM   292  C CD2 A LEU A 1 34  ? -10.170 -0.819  3.167   0.50 23.11 ? 73  LEU A CD2 1 
ATOM   293  C CD2 B LEU A 1 34  ? -10.634 -2.129  1.414   0.50 32.59 ? 73  LEU A CD2 1 
ATOM   294  N N   . GLN A 1 35  ? -14.480 -2.918  5.747   1.00 42.03 ? 74  GLN A N   1 
ATOM   295  C CA  . GLN A 1 35  ? -15.903 -2.743  6.056   1.00 47.17 ? 74  GLN A CA  1 
ATOM   296  C C   . GLN A 1 35  ? -16.044 -2.099  7.435   1.00 48.74 ? 74  GLN A C   1 
ATOM   297  O O   . GLN A 1 35  ? -17.091 -1.549  7.781   1.00 50.04 ? 74  GLN A O   1 
ATOM   298  C CB  . GLN A 1 35  ? -16.619 -4.099  6.065   1.00 50.20 ? 74  GLN A CB  1 
ATOM   299  C CG  . GLN A 1 35  ? -16.601 -4.835  4.737   1.00 54.66 ? 74  GLN A CG  1 
ATOM   300  C CD  . GLN A 1 35  ? -16.934 -6.308  4.889   1.00 57.05 ? 74  GLN A CD  1 
ATOM   301  O OE1 . GLN A 1 35  ? -17.943 -6.668  5.497   1.00 59.45 ? 74  GLN A OE1 1 
ATOM   302  N NE2 . GLN A 1 35  ? -16.087 -7.168  4.333   1.00 58.68 ? 74  GLN A NE2 1 
ATOM   303  N N   . LYS A 1 36  ? -14.969 -2.175  8.212   1.00 50.73 ? 75  LYS A N   1 
ATOM   304  C CA  . LYS A 1 36  ? -14.933 -1.633  9.564   1.00 50.87 ? 75  LYS A CA  1 
ATOM   305  C C   . LYS A 1 36  ? -14.491 -0.177  9.571   1.00 50.69 ? 75  LYS A C   1 
ATOM   306  O O   . LYS A 1 36  ? -14.453 0.497   8.536   1.00 51.20 ? 75  LYS A O   1 
ATOM   307  C CB  . LYS A 1 36  ? -13.946 -2.437  10.410  1.00 51.56 ? 75  LYS A CB  1 
ATOM   308  C CG  . LYS A 1 36  ? -14.033 -3.939  10.227  1.00 54.00 ? 75  LYS A CG  1 
ATOM   309  C CD  . LYS A 1 36  ? -12.874 -4.642  10.920  1.00 54.99 ? 75  LYS A CD  1 
ATOM   310  C CE  . LYS A 1 36  ? -12.919 -6.146  10.687  1.00 56.31 ? 75  LYS A CE  1 
ATOM   311  N NZ  . LYS A 1 36  ? -11.789 -6.855  11.356  1.00 57.40 ? 75  LYS A NZ  1 
ATOM   312  N N   . LYS A 1 37  ? -14.161 0.301   10.762  1.00 49.61 ? 76  LYS A N   1 
ATOM   313  C CA  . LYS A 1 37  ? -13.673 1.656   10.933  1.00 47.95 ? 76  LYS A CA  1 
ATOM   314  C C   . LYS A 1 37  ? -12.160 1.533   10.811  1.00 45.72 ? 76  LYS A C   1 
ATOM   315  O O   . LYS A 1 37  ? -11.575 0.521   11.203  1.00 44.03 ? 76  LYS A O   1 
ATOM   316  C CB  . LYS A 1 37  ? -14.066 2.192   12.311  1.00 49.43 ? 76  LYS A CB  1 
ATOM   317  C CG  . LYS A 1 37  ? -15.503 2.684   12.395  1.00 51.61 ? 76  LYS A CG  1 
ATOM   318  C CD  . LYS A 1 37  ? -16.516 1.675   11.840  1.00 55.21 ? 76  LYS A CD  1 
ATOM   319  C CE  . LYS A 1 37  ? -16.709 0.452   12.740  1.00 55.37 ? 76  LYS A CE  1 
ATOM   320  N NZ  . LYS A 1 37  ? -15.511 -0.428  12.834  1.00 56.42 ? 76  LYS A NZ  1 
ATOM   321  N N   . PRO A 1 38  ? -11.507 2.548   10.236  1.00 43.97 ? 77  PRO A N   1 
ATOM   322  C CA  . PRO A 1 38  ? -10.052 2.481   10.091  1.00 44.01 ? 77  PRO A CA  1 
ATOM   323  C C   . PRO A 1 38  ? -9.365  2.096   11.401  1.00 44.05 ? 77  PRO A C   1 
ATOM   324  O O   . PRO A 1 38  ? -8.582  1.150   11.448  1.00 42.41 ? 77  PRO A O   1 
ATOM   325  C CB  . PRO A 1 38  ? -9.689  3.892   9.637   1.00 43.14 ? 77  PRO A CB  1 
ATOM   326  C CG  . PRO A 1 38  ? -10.884 4.298   8.830   1.00 42.88 ? 77  PRO A CG  1 
ATOM   327  C CD  . PRO A 1 38  ? -12.041 3.806   9.684   1.00 43.39 ? 77  PRO A CD  1 
ATOM   328  N N   . GLN A 1 39  ? -9.690  2.823   12.465  1.00 46.44 ? 78  GLN A N   1 
ATOM   329  C CA  . GLN A 1 39  ? -9.094  2.586   13.776  1.00 48.17 ? 78  GLN A CA  1 
ATOM   330  C C   . GLN A 1 39  ? -9.298  1.195   14.372  1.00 48.38 ? 78  GLN A C   1 
ATOM   331  O O   . GLN A 1 39  ? -8.576  0.803   15.287  1.00 49.41 ? 78  GLN A O   1 
ATOM   332  C CB  . GLN A 1 39  ? -9.584  3.655   14.759  1.00 49.96 ? 78  GLN A CB  1 
ATOM   333  C CG  . GLN A 1 39  ? -8.896  5.002   14.575  1.00 53.09 ? 78  GLN A CG  1 
ATOM   334  C CD  . GLN A 1 39  ? -9.648  6.154   15.227  1.00 56.44 ? 78  GLN A CD  1 
ATOM   335  O OE1 . GLN A 1 39  ? -10.012 6.092   16.405  1.00 58.23 ? 78  GLN A OE1 1 
ATOM   336  N NE2 . GLN A 1 39  ? -9.878  7.221   14.460  1.00 57.35 ? 78  GLN A NE2 1 
ATOM   337  N N   . GLU A 1 40  ? -10.259 0.436   13.858  1.00 48.80 ? 79  GLU A N   1 
ATOM   338  C CA  . GLU A 1 40  ? -10.514 -0.901  14.393  1.00 48.59 ? 79  GLU A CA  1 
ATOM   339  C C   . GLU A 1 40  ? -10.436 -1.988  13.323  1.00 46.83 ? 79  GLU A C   1 
ATOM   340  O O   . GLU A 1 40  ? -11.243 -2.915  13.326  1.00 46.53 ? 79  GLU A O   1 
ATOM   341  C CB  . GLU A 1 40  ? -11.897 -0.935  15.047  1.00 51.06 ? 79  GLU A CB  1 
ATOM   342  C CG  . GLU A 1 40  ? -12.571 0.432   15.144  1.00 55.09 ? 79  GLU A CG  1 
ATOM   343  C CD  . GLU A 1 40  ? -13.998 0.353   15.662  1.00 57.56 ? 79  GLU A CD  1 
ATOM   344  O OE1 . GLU A 1 40  ? -14.681 1.402   15.705  1.00 59.46 ? 79  GLU A OE1 1 
ATOM   345  O OE2 . GLU A 1 40  ? -14.439 -0.759  16.027  1.00 59.15 ? 79  GLU A OE2 1 
ATOM   346  N N   . SER A 1 41  ? -9.452  -1.887  12.430  1.00 44.39 ? 80  SER A N   1 
ATOM   347  C CA  . SER A 1 41  ? -9.298  -2.847  11.334  1.00 41.53 ? 80  SER A CA  1 
ATOM   348  C C   . SER A 1 41  ? -8.532  -4.124  11.639  1.00 40.57 ? 80  SER A C   1 
ATOM   349  O O   . SER A 1 41  ? -9.109  -5.207  11.674  1.00 44.55 ? 80  SER A O   1 
ATOM   350  C CB  . SER A 1 41  ? -8.628  -2.167  10.130  1.00 41.88 ? 80  SER A CB  1 
ATOM   351  O OG  . SER A 1 41  ? -9.332  -1.006  9.731   1.00 39.57 ? 80  SER A OG  1 
ATOM   352  N N   . GLY A 1 42  ? -7.227  -3.989  11.849  1.00 36.90 ? 81  GLY A N   1 
ATOM   353  C CA  . GLY A 1 42  ? -6.365  -5.133  12.088  1.00 34.41 ? 81  GLY A CA  1 
ATOM   354  C C   . GLY A 1 42  ? -5.366  -5.078  10.945  1.00 29.21 ? 81  GLY A C   1 
ATOM   355  O O   . GLY A 1 42  ? -4.382  -5.831  10.893  1.00 30.31 ? 81  GLY A O   1 
ATOM   356  N N   A ILE A 1 43  ? -5.633  -4.152  10.032  0.50 30.25 ? 82  ILE A N   1 
ATOM   357  N N   B ILE A 1 43  ? -5.625  -4.151  10.026  0.50 30.63 ? 82  ILE A N   1 
ATOM   358  C CA  A ILE A 1 43  ? -4.821  -3.927  8.847   0.50 27.69 ? 82  ILE A CA  1 
ATOM   359  C CA  B ILE A 1 43  ? -4.794  -3.931  8.848   0.50 28.41 ? 82  ILE A CA  1 
ATOM   360  C C   A ILE A 1 43  ? -3.447  -3.346  9.207   0.50 24.42 ? 82  ILE A C   1 
ATOM   361  C C   B ILE A 1 43  ? -3.427  -3.363  9.228   0.50 24.90 ? 82  ILE A C   1 
ATOM   362  O O   A ILE A 1 43  ? -2.421  -3.780  8.679   0.50 24.92 ? 82  ILE A O   1 
ATOM   363  O O   B ILE A 1 43  ? -2.392  -3.804  8.724   0.50 24.83 ? 82  ILE A O   1 
ATOM   364  C CB  A ILE A 1 43  ? -5.593  -2.996  7.877   0.50 27.91 ? 82  ILE A CB  1 
ATOM   365  C CB  B ILE A 1 43  ? -5.492  -2.954  7.870   0.50 29.79 ? 82  ILE A CB  1 
ATOM   366  C CG1 A ILE A 1 43  ? -6.929  -3.658  7.502   0.50 29.09 ? 82  ILE A CG1 1 
ATOM   367  C CG1 B ILE A 1 43  ? -6.806  -3.562  7.372   0.50 31.58 ? 82  ILE A CG1 1 
ATOM   368  C CG2 A ILE A 1 43  ? -4.765  -2.721  6.640   0.50 26.32 ? 82  ILE A CG2 1 
ATOM   369  C CG2 B ILE A 1 43  ? -4.577  -2.648  6.699   0.50 28.18 ? 82  ILE A CG2 1 
ATOM   370  C CD1 A ILE A 1 43  ? -7.851  -2.821  6.643   0.50 25.66 ? 82  ILE A CD1 1 
ATOM   371  C CD1 B ILE A 1 43  ? -6.628  -4.877  6.648   0.50 31.10 ? 82  ILE A CD1 1 
ATOM   372  N N   . GLN A 1 44  ? -3.431  -2.393  10.136  1.00 25.25 ? 83  GLN A N   1 
ATOM   373  C CA  . GLN A 1 44  ? -2.193  -1.777  10.580  1.00 22.54 ? 83  GLN A CA  1 
ATOM   374  C C   . GLN A 1 44  ? -1.148  -2.826  10.976  1.00 20.42 ? 83  GLN A C   1 
ATOM   375  O O   . GLN A 1 44  ? 0.002   -2.765  10.546  1.00 22.59 ? 83  GLN A O   1 
ATOM   376  C CB  . GLN A 1 44  ? -2.471  -0.840  11.752  1.00 22.19 ? 83  GLN A CB  1 
ATOM   377  C CG  . GLN A 1 44  ? -1.223  -0.213  12.358  1.00 20.80 ? 83  GLN A CG  1 
ATOM   378  C CD  . GLN A 1 44  ? -0.612  0.883   11.489  1.00 21.53 ? 83  GLN A CD  1 
ATOM   379  O OE1 . GLN A 1 44  ? -1.045  1.122   10.355  1.00 21.60 ? 83  GLN A OE1 1 
ATOM   380  N NE2 . GLN A 1 44  ? 0.402   1.551   12.021  1.00 22.04 ? 83  GLN A NE2 1 
ATOM   381  N N   . ALA A 1 45  ? -1.562  -3.803  11.798  1.00 24.74 ? 84  ALA A N   1 
ATOM   382  C CA  . ALA A 1 45  ? -0.668  -4.868  12.256  1.00 25.89 ? 84  ALA A CA  1 
ATOM   383  C C   . ALA A 1 45  ? -0.018  -5.673  11.132  1.00 22.09 ? 84  ALA A C   1 
ATOM   384  O O   . ALA A 1 45  ? 1.197   -5.916  11.136  1.00 25.18 ? 84  ALA A O   1 
ATOM   385  C CB  . ALA A 1 45  ? -1.428  -5.814  13.185  1.00 27.63 ? 84  ALA A CB  1 
ATOM   386  N N   A ILE A 1 46  ? -0.829  -6.075  10.164  0.50 25.36 ? 85  ILE A N   1 
ATOM   387  N N   B ILE A 1 46  ? -0.831  -6.087  10.169  0.50 25.54 ? 85  ILE A N   1 
ATOM   388  C CA  A ILE A 1 46  ? -0.335  -6.854  9.038   0.50 23.79 ? 85  ILE A CA  1 
ATOM   389  C CA  B ILE A 1 46  ? -0.329  -6.866  9.044   0.50 24.12 ? 85  ILE A CA  1 
ATOM   390  C C   A ILE A 1 46  ? 0.560   -6.010  8.143   0.50 21.10 ? 85  ILE A C   1 
ATOM   391  C C   B ILE A 1 46  ? 0.553   -6.017  8.134   0.50 21.32 ? 85  ILE A C   1 
ATOM   392  O O   A ILE A 1 46  ? 1.642   -6.445  7.744   0.50 23.07 ? 85  ILE A O   1 
ATOM   393  O O   B ILE A 1 46  ? 1.627   -6.455  7.717   0.50 23.34 ? 85  ILE A O   1 
ATOM   394  C CB  A ILE A 1 46  ? -1.504  -7.410  8.212   0.50 23.79 ? 85  ILE A CB  1 
ATOM   395  C CB  B ILE A 1 46  ? -1.499  -7.491  8.231   0.50 24.48 ? 85  ILE A CB  1 
ATOM   396  C CG1 A ILE A 1 46  ? -2.337  -8.351  9.090   0.50 21.43 ? 85  ILE A CG1 1 
ATOM   397  C CG1 B ILE A 1 46  ? -1.011  -7.902  6.841   0.50 21.99 ? 85  ILE A CG1 1 
ATOM   398  C CG2 A ILE A 1 46  ? -0.977  -8.117  6.964   0.50 20.41 ? 85  ILE A CG2 1 
ATOM   399  C CG2 B ILE A 1 46  ? -2.680  -6.533  8.174   0.50 21.65 ? 85  ILE A CG2 1 
ATOM   400  C CD1 A ILE A 1 46  ? -3.635  -8.774  8.464   0.50 22.43 ? 85  ILE A CD1 1 
ATOM   401  C CD1 B ILE A 1 46  ? -2.101  -8.433  5.950   0.50 23.79 ? 85  ILE A CD1 1 
ATOM   402  N N   . ALA A 1 47  ? 0.110   -4.793  7.846   1.00 22.74 ? 86  ALA A N   1 
ATOM   403  C CA  . ALA A 1 47  ? 0.881   -3.885  6.997   1.00 21.20 ? 86  ALA A CA  1 
ATOM   404  C C   . ALA A 1 47  ? 2.288   -3.642  7.565   1.00 17.41 ? 86  ALA A C   1 
ATOM   405  O O   . ALA A 1 47  ? 3.280   -3.642  6.835   1.00 19.08 ? 86  ALA A O   1 
ATOM   406  C CB  . ALA A 1 47  ? 0.128   -2.555  6.821   1.00 20.48 ? 86  ALA A CB  1 
ATOM   407  N N   . GLU A 1 48  ? 2.395   -3.464  8.883   1.00 23.08 ? 87  GLU A N   1 
ATOM   408  C CA  . GLU A 1 48  ? 3.704   -3.235  9.503   1.00 23.66 ? 87  GLU A CA  1 
ATOM   409  C C   . GLU A 1 48  ? 4.719   -4.406  9.467   1.00 21.83 ? 87  GLU A C   1 
ATOM   410  O O   . GLU A 1 48  ? 5.919   -4.190  9.196   1.00 24.27 ? 87  GLU A O   1 
ATOM   411  C CB  . GLU A 1 48  ? 3.491   -2.743  10.935  1.00 27.86 ? 87  GLU A CB  1 
ATOM   412  C CG  . GLU A 1 48  ? 2.898   -1.339  10.976  1.00 32.21 ? 87  GLU A CG  1 
ATOM   413  C CD  . GLU A 1 48  ? 3.869   -0.303  10.439  1.00 34.50 ? 87  GLU A CD  1 
ATOM   414  O OE1 . GLU A 1 48  ? 4.954   -0.174  11.042  1.00 37.02 ? 87  GLU A OE1 1 
ATOM   415  O OE2 . GLU A 1 48  ? 3.562   0.365   9.422   1.00 29.94 ? 87  GLU A OE2 1 
ATOM   416  N N   . ALA A 1 49  ? 4.248   -5.632  9.699   1.00 22.85 ? 88  ALA A N   1 
ATOM   417  C CA  . ALA A 1 49  ? 5.138   -6.805  9.647   1.00 20.92 ? 88  ALA A CA  1 
ATOM   418  C C   . ALA A 1 49  ? 5.624   -7.014  8.218   1.00 21.15 ? 88  ALA A C   1 
ATOM   419  O O   . ALA A 1 49  ? 6.821   -7.243  7.966   1.00 21.65 ? 88  ALA A O   1 
ATOM   420  C CB  . ALA A 1 49  ? 4.393   -8.044  10.135  1.00 23.36 ? 88  ALA A CB  1 
ATOM   421  N N   . VAL A 1 50  ? 4.697   -6.907  7.263   1.00 17.22 ? 89  VAL A N   1 
ATOM   422  C CA  . VAL A 1 50  ? 5.061   -7.103  5.881   1.00 19.02 ? 89  VAL A CA  1 
ATOM   423  C C   . VAL A 1 50  ? 6.054   -6.042  5.411   1.00 18.74 ? 89  VAL A C   1 
ATOM   424  O O   . VAL A 1 50  ? 6.959   -6.314  4.624   1.00 19.00 ? 89  VAL A O   1 
ATOM   425  C CB  . VAL A 1 50  ? 3.807   -7.066  5.028   1.00 14.71 ? 89  VAL A CB  1 
ATOM   426  C CG1 . VAL A 1 50  ? 4.167   -7.148  3.576   1.00 16.12 ? 89  VAL A CG1 1 
ATOM   427  C CG2 . VAL A 1 50  ? 2.905   -8.247  5.441   1.00 15.93 ? 89  VAL A CG2 1 
ATOM   428  N N   A ARG A 1 51  ? 5.876   -4.822  5.894   0.50 20.67 ? 90  ARG A N   1 
ATOM   429  N N   B ARG A 1 51  ? 5.866   -4.827  5.908   0.50 20.47 ? 90  ARG A N   1 
ATOM   430  C CA  A ARG A 1 51  ? 6.754   -3.733  5.498   0.50 21.47 ? 90  ARG A CA  1 
ATOM   431  C CA  B ARG A 1 51  ? 6.721   -3.704  5.552   0.50 21.17 ? 90  ARG A CA  1 
ATOM   432  C C   A ARG A 1 51  ? 8.199   -4.021  5.897   0.50 22.44 ? 90  ARG A C   1 
ATOM   433  C C   B ARG A 1 51  ? 8.181   -3.979  5.914   0.50 22.33 ? 90  ARG A C   1 
ATOM   434  O O   A ARG A 1 51  ? 9.123   -3.908  5.085   0.50 21.54 ? 90  ARG A O   1 
ATOM   435  O O   B ARG A 1 51  ? 9.092   -3.827  5.095   0.50 22.10 ? 90  ARG A O   1 
ATOM   436  C CB  A ARG A 1 51  ? 6.287   -2.445  6.158   0.50 23.39 ? 90  ARG A CB  1 
ATOM   437  C CB  B ARG A 1 51  ? 6.226   -2.454  6.281   0.50 22.06 ? 90  ARG A CB  1 
ATOM   438  C CG  A ARG A 1 51  ? 6.864   -1.193  5.537   0.50 25.34 ? 90  ARG A CG  1 
ATOM   439  C CG  B ARG A 1 51  ? 6.997   -1.193  5.938   0.50 22.54 ? 90  ARG A CG  1 
ATOM   440  C CD  A ARG A 1 51  ? 6.593   -0.013  6.435   0.50 28.19 ? 90  ARG A CD  1 
ATOM   441  C CD  B ARG A 1 51  ? 6.445   0.027   6.666   0.50 24.60 ? 90  ARG A CD  1 
ATOM   442  N NE  A ARG A 1 51  ? 7.488   -0.017  7.587   0.50 30.44 ? 90  ARG A NE  1 
ATOM   443  N NE  B ARG A 1 51  ? 6.488   -0.109  8.121   0.50 25.67 ? 90  ARG A NE  1 
ATOM   444  C CZ  A ARG A 1 51  ? 7.194   0.525   8.764   0.50 33.37 ? 90  ARG A CZ  1 
ATOM   445  C CZ  B ARG A 1 51  ? 7.588   -0.379  8.823   0.50 28.08 ? 90  ARG A CZ  1 
ATOM   446  N NH1 A ARG A 1 51  ? 6.019   1.108   8.950   0.50 34.30 ? 90  ARG A NH1 1 
ATOM   447  N NH1 B ARG A 1 51  ? 8.757   -0.547  8.216   0.50 27.65 ? 90  ARG A NH1 1 
ATOM   448  N NH2 A ARG A 1 51  ? 8.083   0.499   9.746   0.50 33.49 ? 90  ARG A NH2 1 
ATOM   449  N NH2 B ARG A 1 51  ? 7.516   -0.486  10.142  0.50 28.26 ? 90  ARG A NH2 1 
ATOM   450  N N   . LYS A 1 52  ? 8.390   -4.394  7.155   1.00 22.68 ? 91  LYS A N   1 
ATOM   451  C CA  . LYS A 1 52  ? 9.723   -4.704  7.661   1.00 24.03 ? 91  LYS A CA  1 
ATOM   452  C C   . LYS A 1 52  ? 10.425  -5.823  6.877   1.00 23.86 ? 91  LYS A C   1 
ATOM   453  O O   . LYS A 1 52  ? 11.564  -5.680  6.426   1.00 24.88 ? 91  LYS A O   1 
ATOM   454  C CB  . LYS A 1 52  ? 9.600   -5.086  9.133   1.00 26.49 ? 91  LYS A CB  1 
ATOM   455  C CG  . LYS A 1 52  ? 10.894  -5.558  9.767   1.00 33.12 ? 91  LYS A CG  1 
ATOM   456  C CD  . LYS A 1 52  ? 10.693  -5.843  11.252  1.00 35.81 ? 91  LYS A CD  1 
ATOM   457  C CE  . LYS A 1 52  ? 11.993  -6.257  11.935  1.00 38.85 ? 91  LYS A CE  1 
ATOM   458  N NZ  . LYS A 1 52  ? 11.824  -6.299  13.417  1.00 41.13 ? 91  LYS A NZ  1 
ATOM   459  N N   . ARG A 1 53  ? 9.734   -6.936  6.708   1.00 25.82 ? 92  ARG A N   1 
ATOM   460  C CA  . ARG A 1 53  ? 10.336  -8.068  6.013   1.00 24.09 ? 92  ARG A CA  1 
ATOM   461  C C   . ARG A 1 53  ? 10.684  -7.862  4.548   1.00 24.92 ? 92  ARG A C   1 
ATOM   462  O O   . ARG A 1 53  ? 11.562  -8.543  4.016   1.00 24.34 ? 92  ARG A O   1 
ATOM   463  C CB  . ARG A 1 53  ? 9.434   -9.272  6.118   1.00 25.51 ? 92  ARG A CB  1 
ATOM   464  C CG  . ARG A 1 53  ? 10.051  -10.525 5.523   1.00 24.14 ? 92  ARG A CG  1 
ATOM   465  C CD  . ARG A 1 53  ? 10.092  -11.575 6.572   1.00 25.65 ? 92  ARG A CD  1 
ATOM   466  N NE  . ARG A 1 53  ? 10.376  -12.888 6.029   1.00 21.53 ? 92  ARG A NE  1 
ATOM   467  C CZ  . ARG A 1 53  ? 9.804   -14.018 6.435   1.00 23.83 ? 92  ARG A CZ  1 
ATOM   468  N NH1 . ARG A 1 53  ? 8.880   -14.007 7.394   1.00 20.77 ? 92  ARG A NH1 1 
ATOM   469  N NH2 . ARG A 1 53  ? 10.202  -15.171 5.905   1.00 21.31 ? 92  ARG A NH2 1 
ATOM   470  N N   . ASN A 1 54  ? 9.993   -6.950  3.876   1.00 20.10 ? 93  ASN A N   1 
ATOM   471  C CA  . ASN A 1 54  ? 10.297  -6.705  2.473   1.00 20.87 ? 93  ASN A CA  1 
ATOM   472  C C   . ASN A 1 54  ? 11.117  -5.430  2.246   1.00 19.93 ? 93  ASN A C   1 
ATOM   473  O O   . ASN A 1 54  ? 11.266  -4.976  1.109   1.00 22.10 ? 93  ASN A O   1 
ATOM   474  C CB  . ASN A 1 54  ? 9.003   -6.662  1.658   1.00 16.70 ? 93  ASN A CB  1 
ATOM   475  C CG  . ASN A 1 54  ? 8.332   -8.025  1.551   1.00 18.14 ? 93  ASN A CG  1 
ATOM   476  O OD1 . ASN A 1 54  ? 7.348   -8.315  2.258   1.00 20.36 ? 93  ASN A OD1 1 
ATOM   477  N ND2 . ASN A 1 54  ? 8.849   -8.865  0.673   1.00 16.36 ? 93  ASN A ND2 1 
ATOM   478  N N   . ASP A 1 55  ? 11.624  -4.866  3.345   1.00 22.15 ? 94  ASP A N   1 
ATOM   479  C CA  . ASP A 1 55  ? 12.467  -3.668  3.342   1.00 27.16 ? 94  ASP A CA  1 
ATOM   480  C C   . ASP A 1 55  ? 11.804  -2.510  2.614   1.00 25.58 ? 94  ASP A C   1 
ATOM   481  O O   . ASP A 1 55  ? 12.343  -1.948  1.649   1.00 27.53 ? 94  ASP A O   1 
ATOM   482  C CB  . ASP A 1 55  ? 13.834  -3.982  2.715   1.00 31.80 ? 94  ASP A CB  1 
ATOM   483  C CG  . ASP A 1 55  ? 14.939  -3.074  3.248   1.00 37.40 ? 94  ASP A CG  1 
ATOM   484  O OD1 . ASP A 1 55  ? 16.101  -3.216  2.806   1.00 42.34 ? 94  ASP A OD1 1 
ATOM   485  O OD2 . ASP A 1 55  ? 14.645  -2.217  4.115   1.00 40.23 ? 94  ASP A OD2 1 
ATOM   486  N N   . LEU A 1 56  ? 10.631  -2.139  3.116   1.00 21.46 ? 95  LEU A N   1 
ATOM   487  C CA  . LEU A 1 56  ? 9.855   -1.076  2.514   1.00 19.26 ? 95  LEU A CA  1 
ATOM   488  C C   . LEU A 1 56  ? 9.656   0.107   3.464   1.00 18.63 ? 95  LEU A C   1 
ATOM   489  O O   . LEU A 1 56  ? 9.682   -0.019  4.689   1.00 20.91 ? 95  LEU A O   1 
ATOM   490  C CB  . LEU A 1 56  ? 8.494   -1.645  2.076   1.00 18.24 ? 95  LEU A CB  1 
ATOM   491  C CG  . LEU A 1 56  ? 8.581   -2.828  1.099   1.00 16.50 ? 95  LEU A CG  1 
ATOM   492  C CD1 . LEU A 1 56  ? 7.224   -3.538  1.033   1.00 17.90 ? 95  LEU A CD1 1 
ATOM   493  C CD2 . LEU A 1 56  ? 9.012   -2.350  -0.290  1.00 15.23 ? 95  LEU A CD2 1 
ATOM   494  N N   . LEU A 1 57  ? 9.426   1.279   2.883   1.00 16.91 ? 96  LEU A N   1 
ATOM   495  C CA  . LEU A 1 57  ? 9.212   2.484   3.664   1.00 16.25 ? 96  LEU A CA  1 
ATOM   496  C C   . LEU A 1 57  ? 7.816   2.573   4.265   1.00 16.62 ? 96  LEU A C   1 
ATOM   497  O O   . LEU A 1 57  ? 7.625   3.037   5.368   1.00 16.00 ? 96  LEU A O   1 
ATOM   498  C CB  . LEU A 1 57  ? 9.458   3.724   2.779   1.00 15.78 ? 96  LEU A CB  1 
ATOM   499  C CG  . LEU A 1 57  ? 9.228   5.081   3.458   1.00 14.58 ? 96  LEU A CG  1 
ATOM   500  C CD1 . LEU A 1 57  ? 10.370  5.380   4.455   1.00 15.90 ? 96  LEU A CD1 1 
ATOM   501  C CD2 . LEU A 1 57  ? 9.184   6.193   2.403   1.00 17.46 ? 96  LEU A CD2 1 
ATOM   502  N N   . PHE A 1 58  ? 6.813   2.184   3.489   1.00 13.91 ? 97  PHE A N   1 
ATOM   503  C CA  . PHE A 1 58  ? 5.460   2.229   4.002   1.00 15.71 ? 97  PHE A CA  1 
ATOM   504  C C   . PHE A 1 58  ? 4.524   1.319   3.218   1.00 11.52 ? 97  PHE A C   1 
ATOM   505  O O   . PHE A 1 58  ? 4.757   1.028   2.066   1.00 13.62 ? 97  PHE A O   1 
ATOM   506  C CB  . PHE A 1 58  ? 4.890   3.660   3.925   1.00 14.81 ? 97  PHE A CB  1 
ATOM   507  C CG  . PHE A 1 58  ? 4.563   4.147   2.513   1.00 15.14 ? 97  PHE A CG  1 
ATOM   508  C CD1 . PHE A 1 58  ? 3.373   3.779   1.870   1.00 14.88 ? 97  PHE A CD1 1 
ATOM   509  C CD2 . PHE A 1 58  ? 5.419   5.045   1.862   1.00 14.00 ? 97  PHE A CD2 1 
ATOM   510  C CE1 . PHE A 1 58  ? 3.046   4.304   0.602   1.00 12.16 ? 97  PHE A CE1 1 
ATOM   511  C CE2 . PHE A 1 58  ? 5.090   5.577   0.588   1.00 13.06 ? 97  PHE A CE2 1 
ATOM   512  C CZ  . PHE A 1 58  ? 3.903   5.208   -0.038  1.00 12.25 ? 97  PHE A CZ  1 
ATOM   513  N N   . ILE A 1 59  ? 3.491   0.848   3.914   1.00 13.64 ? 98  ILE A N   1 
ATOM   514  C CA  . ILE A 1 59  ? 2.426   0.062   3.288   1.00 11.87 ? 98  ILE A CA  1 
ATOM   515  C C   . ILE A 1 59  ? 1.139   0.697   3.796   1.00 11.81 ? 98  ILE A C   1 
ATOM   516  O O   . ILE A 1 59  ? 0.770   0.567   4.967   1.00 13.22 ? 98  ILE A O   1 
ATOM   517  C CB  . ILE A 1 59  ? 2.466   -1.433  3.673   1.00 11.58 ? 98  ILE A CB  1 
ATOM   518  C CG1 . ILE A 1 59  ? 3.736   -2.084  3.118   1.00 12.99 ? 98  ILE A CG1 1 
ATOM   519  C CG2 . ILE A 1 59  ? 1.207   -2.108  3.103   1.00 13.18 ? 98  ILE A CG2 1 
ATOM   520  C CD1 . ILE A 1 59  ? 3.790   -3.607  3.360   1.00 14.09 ? 98  ILE A CD1 1 
ATOM   521  N N   . VAL A 1 60  ? 0.474   1.443   2.912   1.00 11.41 ? 99  VAL A N   1 
ATOM   522  C CA  . VAL A 1 60  ? -0.737  2.155   3.240   1.00 10.73 ? 99  VAL A CA  1 
ATOM   523  C C   . VAL A 1 60  ? -1.945  1.636   2.442   1.00 12.87 ? 99  VAL A C   1 
ATOM   524  O O   . VAL A 1 60  ? -2.001  1.756   1.230   1.00 11.09 ? 99  VAL A O   1 
ATOM   525  C CB  . VAL A 1 60  ? -0.534  3.663   2.932   1.00 10.42 ? 99  VAL A CB  1 
ATOM   526  C CG1 . VAL A 1 60  ? -1.857  4.436   2.995   1.00 11.48 ? 99  VAL A CG1 1 
ATOM   527  C CG2 . VAL A 1 60  ? 0.467   4.234   3.929   1.00 12.61 ? 99  VAL A CG2 1 
ATOM   528  N N   . VAL A 1 61  ? -2.907  1.046   3.147   1.00 14.12 ? 100 VAL A N   1 
ATOM   529  C CA  . VAL A 1 61  ? -4.125  0.541   2.530   1.00 14.21 ? 100 VAL A CA  1 
ATOM   530  C C   . VAL A 1 61  ? -5.154  1.644   2.659   1.00 13.26 ? 100 VAL A C   1 
ATOM   531  O O   . VAL A 1 61  ? -5.241  2.259   3.717   1.00 16.51 ? 100 VAL A O   1 
ATOM   532  C CB  . VAL A 1 61  ? -4.640  -0.672  3.309   1.00 15.27 ? 100 VAL A CB  1 
ATOM   533  C CG1 . VAL A 1 61  ? -6.032  -1.087  2.819   1.00 16.44 ? 100 VAL A CG1 1 
ATOM   534  C CG2 . VAL A 1 61  ? -3.673  -1.782  3.162   1.00 15.85 ? 100 VAL A CG2 1 
ATOM   535  N N   . THR A 1 62  ? -5.894  1.939   1.594   1.00 13.01 ? 101 THR A N   1 
ATOM   536  C CA  . THR A 1 62  ? -6.947  2.944   1.659   1.00 12.80 ? 101 THR A CA  1 
ATOM   537  C C   . THR A 1 62  ? -8.262  2.400   1.112   1.00 15.12 ? 101 THR A C   1 
ATOM   538  O O   . THR A 1 62  ? -8.291  1.354   0.429   1.00 13.89 ? 101 THR A O   1 
ATOM   539  C CB  . THR A 1 62  ? -6.650  4.216   0.824   1.00 15.37 ? 101 THR A CB  1 
ATOM   540  O OG1 . THR A 1 62  ? -6.924  3.978   -0.564  1.00 14.15 ? 101 THR A OG1 1 
ATOM   541  C CG2 . THR A 1 62  ? -5.214  4.643   0.990   1.00 15.02 ? 101 THR A CG2 1 
ATOM   542  N N   . ASP A 1 63  ? -9.352  3.100   1.446   1.00 16.37 ? 102 ASP A N   1 
ATOM   543  C CA  . ASP A 1 63  ? -10.651 2.775   0.872   1.00 15.95 ? 102 ASP A CA  1 
ATOM   544  C C   . ASP A 1 63  ? -10.794 3.587   -0.439  1.00 17.06 ? 102 ASP A C   1 
ATOM   545  O O   . ASP A 1 63  ? -9.810  4.235   -0.902  1.00 15.08 ? 102 ASP A O   1 
ATOM   546  C CB  . ASP A 1 63  ? -11.811 3.091   1.844   1.00 17.52 ? 102 ASP A CB  1 
ATOM   547  C CG  . ASP A 1 63  ? -11.860 4.545   2.284   1.00 19.78 ? 102 ASP A CG  1 
ATOM   548  O OD1 . ASP A 1 63  ? -11.404 5.472   1.563   1.00 18.78 ? 102 ASP A OD1 1 
ATOM   549  O OD2 . ASP A 1 63  ? -12.432 4.750   3.378   1.00 23.66 ? 102 ASP A OD2 1 
ATOM   550  N N   . MET A 1 64  ? -11.994 3.589   -1.039  1.00 15.20 ? 103 MET A N   1 
ATOM   551  C CA  . MET A 1 64  ? -12.206 4.280   -2.309  1.00 16.56 ? 103 MET A CA  1 
ATOM   552  C C   . MET A 1 64  ? -12.247 5.815   -2.255  1.00 14.89 ? 103 MET A C   1 
ATOM   553  O O   . MET A 1 64  ? -12.274 6.479   -3.285  1.00 16.29 ? 103 MET A O   1 
ATOM   554  C CB  . MET A 1 64  ? -13.460 3.720   -2.998  1.00 17.62 ? 103 MET A CB  1 
ATOM   555  C CG  . MET A 1 64  ? -13.283 2.245   -3.402  1.00 16.65 ? 103 MET A CG  1 
ATOM   556  S SD  . MET A 1 64  ? -11.858 1.932   -4.527  1.00 15.07 ? 103 MET A SD  1 
ATOM   557  C CE  . MET A 1 64  ? -12.275 3.024   -5.958  1.00 16.21 ? 103 MET A CE  1 
ATOM   558  N N   . GLN A 1 65  ? -12.223 6.356   -1.051  1.00 15.46 ? 104 GLN A N   1 
ATOM   559  C CA  . GLN A 1 65  ? -12.192 7.802   -0.880  1.00 16.27 ? 104 GLN A CA  1 
ATOM   560  C C   . GLN A 1 65  ? -10.769 8.215   -0.480  1.00 18.10 ? 104 GLN A C   1 
ATOM   561  O O   . GLN A 1 65  ? -10.511 9.384   -0.209  1.00 19.27 ? 104 GLN A O   1 
ATOM   562  C CB  . GLN A 1 65  ? -13.180 8.232   0.209   1.00 18.82 ? 104 GLN A CB  1 
ATOM   563  C CG  . GLN A 1 65  ? -14.656 8.153   -0.217  1.00 21.21 ? 104 GLN A CG  1 
ATOM   564  C CD  . GLN A 1 65  ? -15.146 6.742   -0.457  1.00 24.02 ? 104 GLN A CD  1 
ATOM   565  O OE1 . GLN A 1 65  ? -15.142 5.907   0.447   1.00 26.53 ? 104 GLN A OE1 1 
ATOM   566  N NE2 . GLN A 1 65  ? -15.576 6.469   -1.683  1.00 23.07 ? 104 GLN A NE2 1 
ATOM   567  N N   . SER A 1 66  ? -9.874  7.226   -0.441  1.00 18.19 ? 105 SER A N   1 
ATOM   568  C CA  . SER A 1 66  ? -8.467  7.400   -0.090  1.00 19.47 ? 105 SER A CA  1 
ATOM   569  C C   . SER A 1 66  ? -8.145  7.480   1.415   1.00 19.78 ? 105 SER A C   1 
ATOM   570  O O   . SER A 1 66  ? -7.024  7.833   1.796   1.00 17.96 ? 105 SER A O   1 
ATOM   571  C CB  . SER A 1 66  ? -7.870  8.594   -0.845  1.00 19.88 ? 105 SER A CB  1 
ATOM   572  O OG  . SER A 1 66  ? -7.986  9.809   -0.137  1.00 22.43 ? 105 SER A OG  1 
ATOM   573  N N   . LEU A 1 67  ? -9.116  7.160   2.274   1.00 19.02 ? 106 LEU A N   1 
ATOM   574  C CA  . LEU A 1 67  ? -8.861  7.156   3.723   1.00 19.21 ? 106 LEU A CA  1 
ATOM   575  C C   . LEU A 1 67  ? -7.927  6.030   4.093   1.00 18.69 ? 106 LEU A C   1 
ATOM   576  O O   . LEU A 1 67  ? -8.143  4.886   3.681   1.00 18.66 ? 106 LEU A O   1 
ATOM   577  C CB  . LEU A 1 67  ? -10.140 6.960   4.523   1.00 24.38 ? 106 LEU A CB  1 
ATOM   578  C CG  . LEU A 1 67  ? -11.087 8.123   4.630   1.00 25.25 ? 106 LEU A CG  1 
ATOM   579  C CD1 . LEU A 1 67  ? -12.064 7.770   5.745   1.00 24.16 ? 106 LEU A CD1 1 
ATOM   580  C CD2 . LEU A 1 67  ? -10.333 9.424   4.941   1.00 23.93 ? 106 LEU A CD2 1 
ATOM   581  N N   . ARG A 1 68  ? -6.920  6.319   4.913   1.00 17.60 ? 107 ARG A N   1 
ATOM   582  C CA  . ARG A 1 68  ? -5.940  5.313   5.292   1.00 18.27 ? 107 ARG A CA  1 
ATOM   583  C C   . ARG A 1 68  ? -6.358  4.316   6.349   1.00 19.02 ? 107 ARG A C   1 
ATOM   584  O O   . ARG A 1 68  ? -6.971  4.702   7.358   1.00 21.31 ? 107 ARG A O   1 
ATOM   585  C CB  . ARG A 1 68  ? -4.663  5.974   5.809   1.00 16.45 ? 107 ARG A CB  1 
ATOM   586  C CG  . ARG A 1 68  ? -4.014  6.996   4.894   1.00 17.63 ? 107 ARG A CG  1 
ATOM   587  C CD  . ARG A 1 68  ? -2.658  7.278   5.469   1.00 15.10 ? 107 ARG A CD  1 
ATOM   588  N NE  . ARG A 1 68  ? -1.980  8.423   4.863   1.00 14.90 ? 107 ARG A NE  1 
ATOM   589  C CZ  . ARG A 1 68  ? -2.239  9.695   5.163   1.00 15.38 ? 107 ARG A CZ  1 
ATOM   590  N NH1 . ARG A 1 68  ? -3.183  10.010  6.053   1.00 17.84 ? 107 ARG A NH1 1 
ATOM   591  N NH2 . ARG A 1 68  ? -1.523  10.672  4.621   1.00 16.48 ? 107 ARG A NH2 1 
ATOM   592  N N   . TYR A 1 69  ? -6.011  3.054   6.117   1.00 18.97 ? 108 TYR A N   1 
ATOM   593  C CA  . TYR A 1 69  ? -6.251  1.980   7.069   1.00 18.23 ? 108 TYR A CA  1 
ATOM   594  C C   . TYR A 1 69  ? -4.949  1.536   7.745   1.00 20.43 ? 108 TYR A C   1 
ATOM   595  O O   . TYR A 1 69  ? -4.948  0.713   8.657   1.00 20.97 ? 108 TYR A O   1 
ATOM   596  C CB  . TYR A 1 69  ? -6.919  0.808   6.372   1.00 22.53 ? 108 TYR A CB  1 
ATOM   597  C CG  . TYR A 1 69  ? -8.404  0.954   6.365   1.00 21.83 ? 108 TYR A CG  1 
ATOM   598  C CD1 . TYR A 1 69  ? -9.032  1.988   5.669   1.00 22.89 ? 108 TYR A CD1 1 
ATOM   599  C CD2 . TYR A 1 69  ? -9.195  0.080   7.112   1.00 27.42 ? 108 TYR A CD2 1 
ATOM   600  C CE1 . TYR A 1 69  ? -10.413 2.146   5.721   1.00 28.30 ? 108 TYR A CE1 1 
ATOM   601  C CE2 . TYR A 1 69  ? -10.559 0.227   7.169   1.00 27.38 ? 108 TYR A CE2 1 
ATOM   602  C CZ  . TYR A 1 69  ? -11.166 1.254   6.478   1.00 28.02 ? 108 TYR A CZ  1 
ATOM   603  O OH  . TYR A 1 69  ? -12.531 1.370   6.545   1.00 31.22 ? 108 TYR A OH  1 
ATOM   604  N N   . SER A 1 70  ? -3.828  2.078   7.274   1.00 16.20 ? 109 SER A N   1 
ATOM   605  C CA  . SER A 1 70  ? -2.520  1.775   7.825   1.00 15.84 ? 109 SER A CA  1 
ATOM   606  C C   . SER A 1 70  ? -1.540  2.866   7.405   1.00 17.03 ? 109 SER A C   1 
ATOM   607  O O   . SER A 1 70  ? -1.775  3.565   6.406   1.00 17.13 ? 109 SER A O   1 
ATOM   608  C CB  . SER A 1 70  ? -2.004  0.423   7.331   1.00 18.37 ? 109 SER A CB  1 
ATOM   609  O OG  . SER A 1 70  ? -1.864  0.384   5.916   1.00 14.07 ? 109 SER A OG  1 
ATOM   610  N N   . HIS A 1 71  ? -0.480  3.027   8.199   1.00 16.52 ? 110 HIS A N   1 
ATOM   611  C CA  . HIS A 1 71  ? 0.586   3.997   7.927   1.00 16.58 ? 110 HIS A CA  1 
ATOM   612  C C   . HIS A 1 71  ? 1.642   3.808   9.002   1.00 16.50 ? 110 HIS A C   1 
ATOM   613  O O   . HIS A 1 71  ? 1.297   3.469   10.126  1.00 19.49 ? 110 HIS A O   1 
ATOM   614  C CB  . HIS A 1 71  ? 0.075   5.431   8.038   1.00 15.68 ? 110 HIS A CB  1 
ATOM   615  C CG  . HIS A 1 71  ? 1.004   6.455   7.464   1.00 13.96 ? 110 HIS A CG  1 
ATOM   616  N ND1 . HIS A 1 71  ? 2.087   6.979   8.154   1.00 13.79 ? 110 HIS A ND1 1 
ATOM   617  C CD2 . HIS A 1 71  ? 0.988   7.078   6.262   1.00 13.27 ? 110 HIS A CD2 1 
ATOM   618  C CE1 . HIS A 1 71  ? 2.697   7.877   7.393   1.00 14.92 ? 110 HIS A CE1 1 
ATOM   619  N NE2 . HIS A 1 71  ? 2.046   7.952   6.240   1.00 13.72 ? 110 HIS A NE2 1 
ATOM   620  N N   . PRO A 1 72  ? 2.932   4.020   8.680   1.00 17.35 ? 111 PRO A N   1 
ATOM   621  C CA  . PRO A 1 72  ? 3.943   3.847   9.734   1.00 17.75 ? 111 PRO A CA  1 
ATOM   622  C C   . PRO A 1 72  ? 3.681   4.755   10.936  1.00 18.48 ? 111 PRO A C   1 
ATOM   623  O O   . PRO A 1 72  ? 4.067   4.414   12.055  1.00 18.82 ? 111 PRO A O   1 
ATOM   624  C CB  . PRO A 1 72  ? 5.249   4.190   9.030   1.00 17.41 ? 111 PRO A CB  1 
ATOM   625  C CG  . PRO A 1 72  ? 5.004   3.715   7.636   1.00 17.56 ? 111 PRO A CG  1 
ATOM   626  C CD  . PRO A 1 72  ? 3.575   4.158   7.362   1.00 17.00 ? 111 PRO A CD  1 
ATOM   627  N N   . GLU A 1 73  ? 3.063   5.910   10.689  1.00 16.45 ? 112 GLU A N   1 
ATOM   628  C CA  . GLU A 1 73  ? 2.677   6.875   11.729  1.00 18.07 ? 112 GLU A CA  1 
ATOM   629  C C   . GLU A 1 73  ? 1.198   6.618   11.978  1.00 18.59 ? 112 GLU A C   1 
ATOM   630  O O   . GLU A 1 73  ? 0.326   7.056   11.215  1.00 19.47 ? 112 GLU A O   1 
ATOM   631  C CB  . GLU A 1 73  ? 2.900   8.311   11.247  1.00 17.34 ? 112 GLU A CB  1 
ATOM   632  C CG  . GLU A 1 73  ? 4.352   8.587   10.897  1.00 19.39 ? 112 GLU A CG  1 
ATOM   633  C CD  . GLU A 1 73  ? 4.585   9.998   10.379  1.00 23.26 ? 112 GLU A CD  1 
ATOM   634  O OE1 . GLU A 1 73  ? 3.605   10.773  10.243  1.00 26.38 ? 112 GLU A OE1 1 
ATOM   635  O OE2 . GLU A 1 73  ? 5.762   10.311  10.120  1.00 28.21 ? 112 GLU A OE2 1 
ATOM   636  N N   . ALA A 1 74  ? 0.906   5.908   13.060  1.00 19.28 ? 113 ALA A N   1 
ATOM   637  C CA  . ALA A 1 74  ? -0.471  5.546   13.369  1.00 20.65 ? 113 ALA A CA  1 
ATOM   638  C C   . ALA A 1 74  ? -1.449  6.703   13.435  1.00 20.86 ? 113 ALA A C   1 
ATOM   639  O O   . ALA A 1 74  ? -2.631  6.531   13.174  1.00 21.32 ? 113 ALA A O   1 
ATOM   640  C CB  . ALA A 1 74  ? -0.530  4.732   14.659  1.00 21.97 ? 113 ALA A CB  1 
ATOM   641  N N   . GLN A 1 75  ? -0.976  7.894   13.784  1.00 20.15 ? 114 GLN A N   1 
ATOM   642  C CA  . GLN A 1 75  ? -1.878  9.040   13.845  1.00 20.52 ? 114 GLN A CA  1 
ATOM   643  C C   . GLN A 1 75  ? -2.503  9.375   12.485  1.00 22.90 ? 114 GLN A C   1 
ATOM   644  O O   . GLN A 1 75  ? -3.467  10.138  12.409  1.00 22.49 ? 114 GLN A O   1 
ATOM   645  C CB  . GLN A 1 75  ? -1.121  10.276  14.328  1.00 24.05 ? 114 GLN A CB  1 
ATOM   646  C CG  . GLN A 1 75  ? -0.041  10.694  13.336  1.00 26.01 ? 114 GLN A CG  1 
ATOM   647  C CD  . GLN A 1 75  ? 0.673   11.967  13.723  1.00 26.76 ? 114 GLN A CD  1 
ATOM   648  O OE1 . GLN A 1 75  ? 1.661   12.344  13.100  1.00 27.87 ? 114 GLN A OE1 1 
ATOM   649  N NE2 . GLN A 1 75  ? 0.178   12.635  14.757  1.00 29.73 ? 114 GLN A NE2 1 
ATOM   650  N N   . ARG A 1 76  ? -1.959  8.817   11.410  1.00 21.33 ? 115 ARG A N   1 
ATOM   651  C CA  . ARG A 1 76  ? -2.485  9.150   10.086  1.00 23.00 ? 115 ARG A CA  1 
ATOM   652  C C   . ARG A 1 76  ? -3.579  8.235   9.591   1.00 21.12 ? 115 ARG A C   1 
ATOM   653  O O   . ARG A 1 76  ? -4.163  8.448   8.525   1.00 19.94 ? 115 ARG A O   1 
ATOM   654  C CB  . ARG A 1 76  ? -1.333  9.228   9.097   1.00 23.77 ? 115 ARG A CB  1 
ATOM   655  C CG  . ARG A 1 76  ? -0.361  10.316  9.529   1.00 25.46 ? 115 ARG A CG  1 
ATOM   656  C CD  . ARG A 1 76  ? 0.629   10.705  8.478   1.00 26.37 ? 115 ARG A CD  1 
ATOM   657  N NE  . ARG A 1 76  ? 1.536   11.734  8.993   1.00 28.21 ? 115 ARG A NE  1 
ATOM   658  C CZ  . ARG A 1 76  ? 1.222   13.017  9.163   1.00 27.18 ? 115 ARG A CZ  1 
ATOM   659  N NH1 . ARG A 1 76  ? 0.012   13.480  8.863   1.00 28.73 ? 115 ARG A NH1 1 
ATOM   660  N NH2 . ARG A 1 76  ? 2.140   13.845  9.633   1.00 31.09 ? 115 ARG A NH2 1 
ATOM   661  N N   . ILE A 1 77  ? -3.856  7.211   10.382  1.00 20.36 ? 116 ILE A N   1 
ATOM   662  C CA  . ILE A 1 77  ? -4.919  6.283   10.050  1.00 21.36 ? 116 ILE A CA  1 
ATOM   663  C C   . ILE A 1 77  ? -6.236  7.051   10.156  1.00 19.69 ? 116 ILE A C   1 
ATOM   664  O O   . ILE A 1 77  ? -6.455  7.828   11.092  1.00 22.47 ? 116 ILE A O   1 
ATOM   665  C CB  . ILE A 1 77  ? -4.887  5.099   11.005  1.00 18.93 ? 116 ILE A CB  1 
ATOM   666  C CG1 . ILE A 1 77  ? -3.570  4.361   10.810  1.00 19.75 ? 116 ILE A CG1 1 
ATOM   667  C CG2 . ILE A 1 77  ? -6.091  4.181   10.767  1.00 22.09 ? 116 ILE A CG2 1 
ATOM   668  C CD1 . ILE A 1 77  ? -3.358  3.223   11.739  1.00 20.99 ? 116 ILE A CD1 1 
ATOM   669  N N   . GLY A 1 78  ? -7.112  6.854   9.181   1.00 21.76 ? 117 GLY A N   1 
ATOM   670  C CA  . GLY A 1 78  ? -8.370  7.568   9.184   1.00 19.24 ? 117 GLY A CA  1 
ATOM   671  C C   . GLY A 1 78  ? -8.373  8.914   8.476   1.00 24.37 ? 117 GLY A C   1 
ATOM   672  O O   . GLY A 1 78  ? -9.408  9.564   8.398   1.00 24.92 ? 117 GLY A O   1 
ATOM   673  N N   . GLN A 1 79  ? -7.217  9.350   7.983   1.00 20.99 ? 118 GLN A N   1 
ATOM   674  C CA  . GLN A 1 79  ? -7.111  10.608  7.262   1.00 21.87 ? 118 GLN A CA  1 
ATOM   675  C C   . GLN A 1 79  ? -6.837  10.311  5.783   1.00 18.44 ? 118 GLN A C   1 
ATOM   676  O O   . GLN A 1 79  ? -6.411  9.195   5.437   1.00 19.28 ? 118 GLN A O   1 
ATOM   677  C CB  . GLN A 1 79  ? -6.006  11.479  7.870   1.00 23.12 ? 118 GLN A CB  1 
ATOM   678  C CG  . GLN A 1 79  ? -6.283  11.752  9.357   1.00 27.11 ? 118 GLN A CG  1 
ATOM   679  C CD  . GLN A 1 79  ? -5.221  12.574  10.046  1.00 32.10 ? 118 GLN A CD  1 
ATOM   680  O OE1 . GLN A 1 79  ? -4.029  12.418  9.782   1.00 32.51 ? 118 GLN A OE1 1 
ATOM   681  N NE2 . GLN A 1 79  ? -5.647  13.447  10.961  1.00 32.08 ? 118 GLN A NE2 1 
ATOM   682  N N   . PRO A 1 80  ? -7.077  11.290  4.899   1.00 20.63 ? 119 PRO A N   1 
ATOM   683  C CA  . PRO A 1 80  ? -6.849  11.083  3.469   1.00 19.64 ? 119 PRO A CA  1 
ATOM   684  C C   . PRO A 1 80  ? -5.400  10.925  3.067   1.00 16.51 ? 119 PRO A C   1 
ATOM   685  O O   . PRO A 1 80  ? -4.499  11.612  3.571   1.00 17.41 ? 119 PRO A O   1 
ATOM   686  C CB  . PRO A 1 80  ? -7.440  12.332  2.814   1.00 19.79 ? 119 PRO A CB  1 
ATOM   687  C CG  . PRO A 1 80  ? -8.346  12.919  3.862   1.00 26.36 ? 119 PRO A CG  1 
ATOM   688  C CD  . PRO A 1 80  ? -7.637  12.630  5.148   1.00 21.66 ? 119 PRO A CD  1 
ATOM   689  N N   . PHE A 1 81  ? -5.196  10.003  2.133   1.00 14.00 ? 120 PHE A N   1 
ATOM   690  C CA  . PHE A 1 81  ? -3.878  9.758   1.561   1.00 13.30 ? 120 PHE A CA  1 
ATOM   691  C C   . PHE A 1 81  ? -3.317  11.063  0.974   1.00 15.26 ? 120 PHE A C   1 
ATOM   692  O O   . PHE A 1 81  ? -4.069  11.877  0.431   1.00 16.74 ? 120 PHE A O   1 
ATOM   693  C CB  . PHE A 1 81  ? -4.037  8.730   0.450   1.00 12.93 ? 120 PHE A CB  1 
ATOM   694  C CG  . PHE A 1 81  ? -2.728  8.253   -0.130  1.00 11.53 ? 120 PHE A CG  1 
ATOM   695  C CD1 . PHE A 1 81  ? -2.149  8.883   -1.224  1.00 11.83 ? 120 PHE A CD1 1 
ATOM   696  C CD2 . PHE A 1 81  ? -2.047  7.176   0.455   1.00 12.37 ? 120 PHE A CD2 1 
ATOM   697  C CE1 . PHE A 1 81  ? -0.930  8.466   -1.735  1.00 12.01 ? 120 PHE A CE1 1 
ATOM   698  C CE2 . PHE A 1 81  ? -0.814  6.746   -0.050  1.00 11.86 ? 120 PHE A CE2 1 
ATOM   699  C CZ  . PHE A 1 81  ? -0.251  7.374   -1.131  1.00 12.26 ? 120 PHE A CZ  1 
ATOM   700  N N   . LYS A 1 82  ? -2.010  11.261  1.088   1.00 13.54 ? 121 LYS A N   1 
ATOM   701  C CA  . LYS A 1 82  ? -1.372  12.434  0.512   1.00 13.95 ? 121 LYS A CA  1 
ATOM   702  C C   . LYS A 1 82  ? -0.530  12.011  -0.688  1.00 14.01 ? 121 LYS A C   1 
ATOM   703  O O   . LYS A 1 82  ? 0.409   11.238  -0.545  1.00 14.19 ? 121 LYS A O   1 
ATOM   704  C CB  . LYS A 1 82  ? -0.482  13.151  1.538   1.00 14.73 ? 121 LYS A CB  1 
ATOM   705  C CG  . LYS A 1 82  ? 0.221   14.353  0.915   1.00 17.82 ? 121 LYS A CG  1 
ATOM   706  C CD  . LYS A 1 82  ? 1.212   15.015  1.853   1.00 27.07 ? 121 LYS A CD  1 
ATOM   707  C CE  . LYS A 1 82  ? 0.534   15.961  2.810   1.00 30.70 ? 121 LYS A CE  1 
ATOM   708  N NZ  . LYS A 1 82  ? 1.564   16.707  3.600   1.00 35.51 ? 121 LYS A NZ  1 
ATOM   709  N N   . GLY A 1 83  ? -0.883  12.514  -1.866  1.00 13.01 ? 122 GLY A N   1 
ATOM   710  C CA  . GLY A 1 83  ? -0.163  12.193  -3.083  1.00 11.18 ? 122 GLY A CA  1 
ATOM   711  C C   . GLY A 1 83  ? -1.125  11.944  -4.224  1.00 11.30 ? 122 GLY A C   1 
ATOM   712  O O   . GLY A 1 83  ? -2.020  11.079  -4.104  1.00 14.36 ? 122 GLY A O   1 
ATOM   713  N N   . ASP A 1 84  ? -0.956  12.665  -5.334  1.00 10.86 ? 123 ASP A N   1 
ATOM   714  C CA  . ASP A 1 84  ? -1.852  12.472  -6.467  1.00 13.03 ? 123 ASP A CA  1 
ATOM   715  C C   . ASP A 1 84  ? -1.601  11.170  -7.215  1.00 12.22 ? 123 ASP A C   1 
ATOM   716  O O   . ASP A 1 84  ? -2.392  10.757  -8.086  1.00 11.38 ? 123 ASP A O   1 
ATOM   717  C CB  . ASP A 1 84  ? -1.752  13.659  -7.429  1.00 14.97 ? 123 ASP A CB  1 
ATOM   718  C CG  . ASP A 1 84  ? -2.395  14.908  -6.854  1.00 20.29 ? 123 ASP A CG  1 
ATOM   719  O OD1 . ASP A 1 84  ? -3.247  14.779  -5.938  1.00 21.41 ? 123 ASP A OD1 1 
ATOM   720  O OD2 . ASP A 1 84  ? -2.041  16.008  -7.335  1.00 27.34 ? 123 ASP A OD2 1 
ATOM   721  N N   . ASP A 1 85  ? -0.516  10.484  -6.852  1.00 11.30 ? 124 ASP A N   1 
ATOM   722  C CA  . ASP A 1 85  ? -0.218  9.236   -7.519  1.00 11.30 ? 124 ASP A CA  1 
ATOM   723  C C   . ASP A 1 85  ? -1.164  8.090   -7.189  1.00 11.01 ? 124 ASP A C   1 
ATOM   724  O O   . ASP A 1 85  ? -1.181  7.098   -7.905  1.00 11.78 ? 124 ASP A O   1 
ATOM   725  C CB  . ASP A 1 85  ? 1.272   8.835   -7.374  1.00 12.25 ? 124 ASP A CB  1 
ATOM   726  C CG  . ASP A 1 85  ? 1.862   9.041   -5.964  1.00 11.38 ? 124 ASP A CG  1 
ATOM   727  O OD1 . ASP A 1 85  ? 1.373   9.832   -5.131  1.00 11.04 ? 124 ASP A OD1 1 
ATOM   728  O OD2 . ASP A 1 85  ? 2.908   8.403   -5.721  1.00 10.89 ? 124 ASP A OD2 1 
ATOM   729  N N   . ILE A 1 86  ? -1.994  8.264   -6.165  1.00 11.10 ? 125 ILE A N   1 
ATOM   730  C CA  . ILE A 1 86  ? -2.993  7.248   -5.856  1.00 11.44 ? 125 ILE A CA  1 
ATOM   731  C C   . ILE A 1 86  ? -4.205  7.346   -6.798  1.00 11.97 ? 125 ILE A C   1 
ATOM   732  O O   . ILE A 1 86  ? -4.971  6.392   -6.949  1.00 12.16 ? 125 ILE A O   1 
ATOM   733  C CB  . ILE A 1 86  ? -3.507  7.386   -4.397  1.00 11.43 ? 125 ILE A CB  1 
ATOM   734  C CG1 . ILE A 1 86  ? -4.313  6.141   -4.007  1.00 10.58 ? 125 ILE A CG1 1 
ATOM   735  C CG2 . ILE A 1 86  ? -4.368  8.665   -4.240  1.00 11.82 ? 125 ILE A CG2 1 
ATOM   736  C CD1 . ILE A 1 86  ? -4.556  6.007   -2.509  1.00 13.27 ? 125 ILE A CD1 1 
ATOM   737  N N   . LEU A 1 87  ? -4.377  8.500   -7.448  1.00 11.25 ? 126 LEU A N   1 
ATOM   738  C CA  . LEU A 1 87  ? -5.581  8.674   -8.257  1.00 14.14 ? 126 LEU A CA  1 
ATOM   739  C C   . LEU A 1 87  ? -5.800  7.638   -9.354  1.00 12.99 ? 126 LEU A C   1 
ATOM   740  O O   . LEU A 1 87  ? -6.920  7.140   -9.503  1.00 13.16 ? 126 LEU A O   1 
ATOM   741  C CB  . LEU A 1 87  ? -5.643  10.106  -8.813  1.00 13.10 ? 126 LEU A CB  1 
ATOM   742  C CG  . LEU A 1 87  ? -5.719  11.164  -7.716  1.00 13.36 ? 126 LEU A CG  1 
ATOM   743  C CD1 . LEU A 1 87  ? -5.435  12.546  -8.328  1.00 13.30 ? 126 LEU A CD1 1 
ATOM   744  C CD2 . LEU A 1 87  ? -7.070  11.115  -7.026  1.00 16.58 ? 126 LEU A CD2 1 
ATOM   745  N N   . LYS A 1 88  ? -4.765  7.284   -10.114 1.00 12.97 ? 127 LYS A N   1 
ATOM   746  C CA  . LYS A 1 88  ? -4.960  6.262   -11.139 1.00 13.41 ? 127 LYS A CA  1 
ATOM   747  C C   . LYS A 1 88  ? -5.466  4.947   -10.508 1.00 12.62 ? 127 LYS A C   1 
ATOM   748  O O   . LYS A 1 88  ? -6.319  4.261   -11.067 1.00 14.00 ? 127 LYS A O   1 
ATOM   749  C CB  . LYS A 1 88  ? -3.643  5.996   -11.886 1.00 16.14 ? 127 LYS A CB  1 
ATOM   750  C CG  . LYS A 1 88  ? -3.319  7.007   -12.976 1.00 22.32 ? 127 LYS A CG  1 
ATOM   751  C CD  . LYS A 1 88  ? -2.019  6.656   -13.708 1.00 26.45 ? 127 LYS A CD  1 
ATOM   752  C CE  . LYS A 1 88  ? -2.098  5.294   -14.374 1.00 31.77 ? 127 LYS A CE  1 
ATOM   753  N NZ  . LYS A 1 88  ? -0.866  4.959   -15.164 1.00 36.47 ? 127 LYS A NZ  1 
ATOM   754  N N   . ALA A 1 89  ? -4.931  4.607   -9.336  1.00 11.95 ? 128 ALA A N   1 
ATOM   755  C CA  . ALA A 1 89  ? -5.305  3.374   -8.670  1.00 13.28 ? 128 ALA A CA  1 
ATOM   756  C C   . ALA A 1 89  ? -6.737  3.375   -8.176  1.00 10.97 ? 128 ALA A C   1 
ATOM   757  O O   . ALA A 1 89  ? -7.341  2.294   -8.075  1.00 12.38 ? 128 ALA A O   1 
ATOM   758  C CB  . ALA A 1 89  ? -4.323  3.076   -7.531  1.00 12.74 ? 128 ALA A CB  1 
ATOM   759  N N   . LEU A 1 90  ? -7.309  4.560   -7.903  1.00 11.57 ? 129 LEU A N   1 
ATOM   760  C CA  . LEU A 1 90  ? -8.697  4.655   -7.467  1.00 11.05 ? 129 LEU A CA  1 
ATOM   761  C C   . LEU A 1 90  ? -9.636  4.457   -8.668  1.00 12.23 ? 129 LEU A C   1 
ATOM   762  O O   . LEU A 1 90  ? -10.844 4.444   -8.488  1.00 13.98 ? 129 LEU A O   1 
ATOM   763  C CB  . LEU A 1 90  ? -8.942  6.007   -6.801  1.00 13.89 ? 129 LEU A CB  1 
ATOM   764  C CG  . LEU A 1 90  ? -8.302  6.061   -5.409  1.00 11.10 ? 129 LEU A CG  1 
ATOM   765  C CD1 . LEU A 1 90  ? -8.281  7.518   -4.955  1.00 13.54 ? 129 LEU A CD1 1 
ATOM   766  C CD2 . LEU A 1 90  ? -9.065  5.174   -4.426  1.00 11.77 ? 129 LEU A CD2 1 
ATOM   767  N N   . ASN A 1 91  ? -9.053  4.277   -9.855  1.00 12.65 ? 130 ASN A N   1 
ATOM   768  C CA  . ASN A 1 91  ? -9.818  4.013   -11.081 1.00 12.89 ? 130 ASN A CA  1 
ATOM   769  C C   . ASN A 1 91  ? -9.449  2.662   -11.663 1.00 16.45 ? 130 ASN A C   1 
ATOM   770  O O   . ASN A 1 91  ? -9.545  2.437   -12.867 1.00 17.16 ? 130 ASN A O   1 
ATOM   771  C CB  . ASN A 1 91  ? -9.570  5.103   -12.115 1.00 14.62 ? 130 ASN A CB  1 
ATOM   772  C CG  . ASN A 1 91  ? -10.101 6.443   -11.668 1.00 14.47 ? 130 ASN A CG  1 
ATOM   773  O OD1 . ASN A 1 91  ? -11.293 6.738   -11.829 1.00 16.96 ? 130 ASN A OD1 1 
ATOM   774  N ND2 . ASN A 1 91  ? -9.247  7.258   -11.079 1.00 14.81 ? 130 ASN A ND2 1 
ATOM   775  N N   . GLY A 1 92  ? -8.988  1.768   -10.782 1.00 14.86 ? 131 GLY A N   1 
ATOM   776  C CA  . GLY A 1 92  ? -8.676  0.409   -11.184 1.00 15.70 ? 131 GLY A CA  1 
ATOM   777  C C   . GLY A 1 92  ? -7.388  0.129   -11.917 1.00 15.78 ? 131 GLY A C   1 
ATOM   778  O O   . GLY A 1 92  ? -7.213  -0.974  -12.459 1.00 20.93 ? 131 GLY A O   1 
ATOM   779  N N   . GLU A 1 93  ? -6.473  1.081   -11.943 1.00 15.48 ? 132 GLU A N   1 
ATOM   780  C CA  . GLU A 1 93  ? -5.215  0.869   -12.638 1.00 17.24 ? 132 GLU A CA  1 
ATOM   781  C C   . GLU A 1 93  ? -4.038  0.907   -11.686 1.00 17.77 ? 132 GLU A C   1 
ATOM   782  O O   . GLU A 1 93  ? -4.073  1.631   -10.697 1.00 22.31 ? 132 GLU A O   1 
ATOM   783  C CB  . GLU A 1 93  ? -5.021  1.970   -13.680 1.00 22.04 ? 132 GLU A CB  1 
ATOM   784  C CG  . GLU A 1 93  ? -5.900  1.830   -14.915 1.00 32.21 ? 132 GLU A CG  1 
ATOM   785  C CD  . GLU A 1 93  ? -5.427  0.713   -15.846 1.00 39.46 ? 132 GLU A CD  1 
ATOM   786  O OE1 . GLU A 1 93  ? -5.763  -0.474  -15.597 1.00 43.21 ? 132 GLU A OE1 1 
ATOM   787  O OE2 . GLU A 1 93  ? -4.705  1.022   -16.825 1.00 44.26 ? 132 GLU A OE2 1 
ATOM   788  N N   . GLU A 1 94  ? -2.996  0.141   -11.967 1.00 14.10 ? 133 GLU A N   1 
ATOM   789  C CA  . GLU A 1 94  ? -1.809  0.199   -11.128 1.00 12.72 ? 133 GLU A CA  1 
ATOM   790  C C   . GLU A 1 94  ? -1.029  1.447   -11.491 1.00 12.99 ? 133 GLU A C   1 
ATOM   791  O O   . GLU A 1 94  ? -1.238  2.038   -12.577 1.00 15.98 ? 133 GLU A O   1 
ATOM   792  C CB  . GLU A 1 94  ? -0.937  -1.037  -11.354 1.00 13.39 ? 133 GLU A CB  1 
ATOM   793  C CG  . GLU A 1 94  ? -1.629  -2.300  -10.823 1.00 14.27 ? 133 GLU A CG  1 
ATOM   794  C CD  . GLU A 1 94  ? -0.764  -3.533  -10.837 1.00 16.78 ? 133 GLU A CD  1 
ATOM   795  O OE1 . GLU A 1 94  ? 0.043   -3.698  -11.788 1.00 20.90 ? 133 GLU A OE1 1 
ATOM   796  O OE2 . GLU A 1 94  ? -0.904  -4.345  -9.905  1.00 14.53 ? 133 GLU A OE2 1 
ATOM   797  N N   . ASN A 1 95  ? -0.147  1.867   -10.593 1.00 11.60 ? 134 ASN A N   1 
ATOM   798  C CA  . ASN A 1 95  ? 0.657   3.057   -10.865 1.00 11.22 ? 134 ASN A CA  1 
ATOM   799  C C   . ASN A 1 95  ? 1.975   2.993   -10.117 1.00 12.80 ? 134 ASN A C   1 
ATOM   800  O O   . ASN A 1 95  ? 2.095   2.304   -9.089  1.00 12.60 ? 134 ASN A O   1 
ATOM   801  C CB  . ASN A 1 95  ? -0.134  4.321   -10.474 1.00 12.58 ? 134 ASN A CB  1 
ATOM   802  C CG  . ASN A 1 95  ? 0.471   5.595   -11.025 1.00 13.00 ? 134 ASN A CG  1 
ATOM   803  O OD1 . ASN A 1 95  ? 1.091   5.591   -12.089 1.00 15.96 ? 134 ASN A OD1 1 
ATOM   804  N ND2 . ASN A 1 95  ? 0.273   6.695   -10.311 1.00 13.93 ? 134 ASN A ND2 1 
ATOM   805  N N   . VAL A 1 96  ? 2.966   3.674   -10.679 1.00 13.01 ? 135 VAL A N   1 
ATOM   806  C CA  . VAL A 1 96  ? 4.286   3.759   -10.099 1.00 12.54 ? 135 VAL A CA  1 
ATOM   807  C C   . VAL A 1 96  ? 4.692   5.235   -10.265 1.00 12.88 ? 135 VAL A C   1 
ATOM   808  O O   . VAL A 1 96  ? 4.539   5.816   -11.358 1.00 15.90 ? 135 VAL A O   1 
ATOM   809  C CB  . VAL A 1 96  ? 5.291   2.850   -10.865 1.00 16.01 ? 135 VAL A CB  1 
ATOM   810  C CG1 . VAL A 1 96  ? 6.686   2.953   -10.235 1.00 17.31 ? 135 VAL A CG1 1 
ATOM   811  C CG2 . VAL A 1 96  ? 4.807   1.388   -10.845 1.00 16.77 ? 135 VAL A CG2 1 
ATOM   812  N N   . ALA A 1 97  ? 5.194   5.815   -9.192  1.00 12.52 ? 136 ALA A N   1 
ATOM   813  C CA  . ALA A 1 97  ? 5.572   7.235   -9.210  1.00 10.91 ? 136 ALA A CA  1 
ATOM   814  C C   . ALA A 1 97  ? 6.620   7.560   -8.176  1.00 11.96 ? 136 ALA A C   1 
ATOM   815  O O   . ALA A 1 97  ? 6.887   6.774   -7.267  1.00 15.12 ? 136 ALA A O   1 
ATOM   816  C CB  . ALA A 1 97  ? 4.316   8.096   -8.930  1.00 11.44 ? 136 ALA A CB  1 
ATOM   817  N N   . ILE A 1 98  ? 7.223   8.741   -8.289  1.00 12.29 ? 137 ILE A N   1 
ATOM   818  C CA  . ILE A 1 98  ? 8.171   9.211   -7.286  1.00 12.32 ? 137 ILE A CA  1 
ATOM   819  C C   . ILE A 1 98  ? 7.449   10.397  -6.618  1.00 14.07 ? 137 ILE A C   1 
ATOM   820  O O   . ILE A 1 98  ? 7.015   11.349  -7.280  1.00 14.26 ? 137 ILE A O   1 
ATOM   821  C CB  . ILE A 1 98  ? 9.499   9.662   -7.928  1.00 13.65 ? 137 ILE A CB  1 
ATOM   822  C CG1 . ILE A 1 98  ? 10.185  8.433   -8.527  1.00 15.45 ? 137 ILE A CG1 1 
ATOM   823  C CG2 . ILE A 1 98  ? 10.365  10.349  -6.898  1.00 15.11 ? 137 ILE A CG2 1 
ATOM   824  C CD1 . ILE A 1 98  ? 11.439  8.725   -9.319  1.00 16.12 ? 137 ILE A CD1 1 
ATOM   825  N N   . ASN A 1 99  ? 7.269   10.342  -5.308  1.00 12.75 ? 138 ASN A N   1 
ATOM   826  C CA  . ASN A 1 99  ? 6.533   11.402  -4.623  1.00 11.77 ? 138 ASN A CA  1 
ATOM   827  C C   . ASN A 1 99  ? 6.746   11.280  -3.119  1.00 10.83 ? 138 ASN A C   1 
ATOM   828  O O   . ASN A 1 99  ? 7.594   10.504  -2.655  1.00 12.06 ? 138 ASN A O   1 
ATOM   829  C CB  . ASN A 1 99  ? 5.024   11.244  -4.942  1.00 11.14 ? 138 ASN A CB  1 
ATOM   830  C CG  . ASN A 1 99  ? 4.217   12.534  -4.774  1.00 11.79 ? 138 ASN A CG  1 
ATOM   831  O OD1 . ASN A 1 99  ? 4.766   13.598  -4.505  1.00 14.58 ? 138 ASN A OD1 1 
ATOM   832  N ND2 . ASN A 1 99  ? 2.914   12.424  -4.930  1.00 13.93 ? 138 ASN A ND2 1 
ATOM   833  N N   . ARG A 1 100 ? 5.998   12.068  -2.359  1.00 13.42 ? 139 ARG A N   1 
ATOM   834  C CA  . ARG A 1 100 ? 6.067   11.949  -0.910  1.00 13.79 ? 139 ARG A CA  1 
ATOM   835  C C   . ARG A 1 100 ? 4.805   12.494  -0.302  1.00 15.65 ? 139 ARG A C   1 
ATOM   836  O O   . ARG A 1 100 ? 4.137   13.353  -0.887  1.00 15.48 ? 139 ARG A O   1 
ATOM   837  C CB  . ARG A 1 100 ? 7.279   12.676  -0.339  1.00 22.61 ? 139 ARG A CB  1 
ATOM   838  C CG  . ARG A 1 100 ? 7.263   14.158  -0.477  1.00 26.99 ? 139 ARG A CG  1 
ATOM   839  C CD  . ARG A 1 100 ? 8.310   14.753  0.462   1.00 32.94 ? 139 ARG A CD  1 
ATOM   840  N NE  . ARG A 1 100 ? 7.775   14.765  1.810   1.00 36.51 ? 139 ARG A NE  1 
ATOM   841  C CZ  . ARG A 1 100 ? 8.493   14.817  2.919   1.00 38.32 ? 139 ARG A CZ  1 
ATOM   842  N NH1 . ARG A 1 100 ? 9.821   14.866  2.864   1.00 38.52 ? 139 ARG A NH1 1 
ATOM   843  N NH2 . ARG A 1 100 ? 7.868   14.804  4.091   1.00 34.61 ? 139 ARG A NH2 1 
ATOM   844  N N   . GLY A 1 101 ? 4.445   11.911  0.835   1.00 13.07 ? 140 GLY A N   1 
ATOM   845  C CA  . GLY A 1 101 ? 3.307   12.342  1.615   1.00 13.85 ? 140 GLY A CA  1 
ATOM   846  C C   . GLY A 1 101 ? 3.927   12.991  2.844   1.00 14.69 ? 140 GLY A C   1 
ATOM   847  O O   . GLY A 1 101 ? 4.455   14.105  2.751   1.00 16.60 ? 140 GLY A O   1 
ATOM   848  N N   . PHE A 1 102 ? 3.914   12.293  3.977   1.00 13.80 ? 141 PHE A N   1 
ATOM   849  C CA  . PHE A 1 102 ? 4.539   12.791  5.204   1.00 14.29 ? 141 PHE A CA  1 
ATOM   850  C C   . PHE A 1 102 ? 5.877   12.124  5.511   1.00 15.22 ? 141 PHE A C   1 
ATOM   851  O O   . PHE A 1 102 ? 6.642   12.611  6.359   1.00 17.24 ? 141 PHE A O   1 
ATOM   852  C CB  . PHE A 1 102 ? 3.577   12.617  6.376   1.00 15.66 ? 141 PHE A CB  1 
ATOM   853  C CG  . PHE A 1 102 ? 2.379   13.470  6.252   1.00 16.22 ? 141 PHE A CG  1 
ATOM   854  C CD1 . PHE A 1 102 ? 2.461   14.831  6.544   1.00 20.93 ? 141 PHE A CD1 1 
ATOM   855  C CD2 . PHE A 1 102 ? 1.191   12.968  5.733   1.00 19.66 ? 141 PHE A CD2 1 
ATOM   856  C CE1 . PHE A 1 102 ? 1.384   15.679  6.315   1.00 21.19 ? 141 PHE A CE1 1 
ATOM   857  C CE2 . PHE A 1 102 ? 0.102   13.811  5.498   1.00 21.47 ? 141 PHE A CE2 1 
ATOM   858  C CZ  . PHE A 1 102 ? 0.202   15.172  5.790   1.00 23.09 ? 141 PHE A CZ  1 
ATOM   859  N N   . LEU A 1 103 ? 6.161   11.011  4.841   1.00 15.38 ? 142 LEU A N   1 
ATOM   860  C CA  . LEU A 1 103 ? 7.409   10.292  5.047   1.00 15.50 ? 142 LEU A CA  1 
ATOM   861  C C   . LEU A 1 103 ? 8.452   10.781  4.056   1.00 15.55 ? 142 LEU A C   1 
ATOM   862  O O   . LEU A 1 103 ? 8.212   11.777  3.356   1.00 16.79 ? 142 LEU A O   1 
ATOM   863  C CB  . LEU A 1 103 ? 7.164   8.786   4.882   1.00 14.59 ? 142 LEU A CB  1 
ATOM   864  C CG  . LEU A 1 103 ? 6.072   8.244   5.816   1.00 14.12 ? 142 LEU A CG  1 
ATOM   865  C CD1 . LEU A 1 103 ? 5.822   6.769   5.512   1.00 16.72 ? 142 LEU A CD1 1 
ATOM   866  C CD2 . LEU A 1 103 ? 6.487   8.422   7.285   1.00 17.96 ? 142 LEU A CD2 1 
ATOM   867  N N   . ALA A 1 104 ? 9.593   10.106  3.968   1.00 16.62 ? 143 ALA A N   1 
ATOM   868  C CA  . ALA A 1 104 ? 10.632  10.516  3.038   1.00 15.88 ? 143 ALA A CA  1 
ATOM   869  C C   . ALA A 1 104 ? 10.162  10.336  1.592   1.00 14.10 ? 143 ALA A C   1 
ATOM   870  O O   . ALA A 1 104 ? 9.190   9.614   1.300   1.00 13.47 ? 143 ALA A O   1 
ATOM   871  C CB  . ALA A 1 104 ? 11.884  9.686   3.260   1.00 17.49 ? 143 ALA A CB  1 
ATOM   872  N N   . GLN A 1 105 ? 10.851  11.015  0.681   1.00 15.44 ? 144 GLN A N   1 
ATOM   873  C CA  . GLN A 1 105 ? 10.618  10.916  -0.754  1.00 14.85 ? 144 GLN A CA  1 
ATOM   874  C C   . GLN A 1 105 ? 10.821  9.454   -1.114  1.00 15.06 ? 144 GLN A C   1 
ATOM   875  O O   . GLN A 1 105 ? 11.768  8.788   -0.629  1.00 18.48 ? 144 GLN A O   1 
ATOM   876  C CB  . GLN A 1 105 ? 11.601  11.801  -1.482  1.00 19.70 ? 144 GLN A CB  1 
ATOM   877  C CG  . GLN A 1 105 ? 11.317  13.261  -1.232  1.00 21.95 ? 144 GLN A CG  1 
ATOM   878  C CD  . GLN A 1 105 ? 12.266  14.142  -1.989  1.00 28.94 ? 144 GLN A CD  1 
ATOM   879  O OE1 . GLN A 1 105 ? 12.074  15.360  -2.099  1.00 30.23 ? 144 GLN A OE1 1 
ATOM   880  N NE2 . GLN A 1 105 ? 13.315  13.526  -2.524  1.00 28.66 ? 144 GLN A NE2 1 
ATOM   881  N N   . ALA A 1 106 ? 9.949   8.966   -1.985  1.00 13.72 ? 145 ALA A N   1 
ATOM   882  C CA  . ALA A 1 106 ? 9.925   7.557   -2.296  1.00 14.50 ? 145 ALA A CA  1 
ATOM   883  C C   . ALA A 1 106 ? 9.478   7.165   -3.678  1.00 12.98 ? 145 ALA A C   1 
ATOM   884  O O   . ALA A 1 106 ? 8.819   7.936   -4.368  1.00 14.02 ? 145 ALA A O   1 
ATOM   885  C CB  . ALA A 1 106 ? 8.986   6.884   -1.297  1.00 14.01 ? 145 ALA A CB  1 
ATOM   886  N N   . LEU A 1 107 ? 9.864   5.946   -4.056  1.00 13.29 ? 146 LEU A N   1 
ATOM   887  C CA  . LEU A 1 107 ? 9.437   5.281   -5.274  1.00 14.57 ? 146 LEU A CA  1 
ATOM   888  C C   . LEU A 1 107 ? 8.209   4.553   -4.718  1.00 13.98 ? 146 LEU A C   1 
ATOM   889  O O   . LEU A 1 107 ? 8.294   3.757   -3.773  1.00 15.62 ? 146 LEU A O   1 
ATOM   890  C CB  . LEU A 1 107 ? 10.490  4.280   -5.734  1.00 15.07 ? 146 LEU A CB  1 
ATOM   891  C CG  . LEU A 1 107 ? 10.067  3.442   -6.932  1.00 18.06 ? 146 LEU A CG  1 
ATOM   892  C CD1 . LEU A 1 107 ? 9.743   4.313   -8.117  1.00 21.00 ? 146 LEU A CD1 1 
ATOM   893  C CD2 . LEU A 1 107 ? 11.222  2.482   -7.266  1.00 19.55 ? 146 LEU A CD2 1 
ATOM   894  N N   . ARG A 1 108 ? 7.058   4.861   -5.296  1.00 11.93 ? 147 ARG A N   1 
ATOM   895  C CA  . ARG A 1 108 ? 5.787   4.355   -4.796  1.00 11.54 ? 147 ARG A CA  1 
ATOM   896  C C   . ARG A 1 108 ? 5.000   3.602   -5.837  1.00 9.58  ? 147 ARG A C   1 
ATOM   897  O O   . ARG A 1 108 ? 4.960   3.972   -6.992  1.00 12.22 ? 147 ARG A O   1 
ATOM   898  C CB  . ARG A 1 108 ? 4.989   5.576   -4.313  1.00 10.31 ? 147 ARG A CB  1 
ATOM   899  C CG  . ARG A 1 108 ? 5.706   6.339   -3.203  1.00 10.62 ? 147 ARG A CG  1 
ATOM   900  C CD  . ARG A 1 108 ? 5.541   7.878   -3.289  1.00 10.62 ? 147 ARG A CD  1 
ATOM   901  N NE  . ARG A 1 108 ? 4.149   8.354   -3.287  1.00 9.62  ? 147 ARG A NE  1 
ATOM   902  C CZ  . ARG A 1 108 ? 3.512   8.828   -2.229  1.00 9.13  ? 147 ARG A CZ  1 
ATOM   903  N NH1 . ARG A 1 108 ? 4.089   8.899   -1.032  1.00 11.42 ? 147 ARG A NH1 1 
ATOM   904  N NH2 . ARG A 1 108 ? 2.286   9.323   -2.389  1.00 10.91 ? 147 ARG A NH2 1 
ATOM   905  N N   . VAL A 1 109 ? 4.364   2.519   -5.397  1.00 11.05 ? 148 VAL A N   1 
ATOM   906  C CA  . VAL A 1 109 ? 3.544   1.699   -6.266  1.00 10.75 ? 148 VAL A CA  1 
ATOM   907  C C   . VAL A 1 109 ? 2.147   1.543   -5.665  1.00 9.65  ? 148 VAL A C   1 
ATOM   908  O O   . VAL A 1 109 ? 1.939   1.624   -4.431  1.00 9.98  ? 148 VAL A O   1 
ATOM   909  C CB  . VAL A 1 109 ? 4.181   0.286   -6.534  1.00 11.92 ? 148 VAL A CB  1 
ATOM   910  C CG1 . VAL A 1 109 ? 5.619   0.491   -7.058  1.00 14.01 ? 148 VAL A CG1 1 
ATOM   911  C CG2 . VAL A 1 109 ? 4.172   -0.603  -5.287  1.00 11.64 ? 148 VAL A CG2 1 
ATOM   912  N N   . PHE A 1 110 ? 1.203   1.277   -6.564  1.00 9.40  ? 149 PHE A N   1 
ATOM   913  C CA  . PHE A 1 110 ? -0.207  1.226   -6.157  1.00 8.10  ? 149 PHE A CA  1 
ATOM   914  C C   . PHE A 1 110 ? -0.931  0.155   -6.923  1.00 10.29 ? 149 PHE A C   1 
ATOM   915  O O   . PHE A 1 110 ? -0.725  0.000   -8.129  1.00 12.10 ? 149 PHE A O   1 
ATOM   916  C CB  . PHE A 1 110 ? -0.920  2.568   -6.516  1.00 9.42  ? 149 PHE A CB  1 
ATOM   917  C CG  . PHE A 1 110 ? -0.311  3.774   -5.880  1.00 8.44  ? 149 PHE A CG  1 
ATOM   918  C CD1 . PHE A 1 110 ? 0.856   4.345   -6.411  1.00 10.23 ? 149 PHE A CD1 1 
ATOM   919  C CD2 . PHE A 1 110 ? -0.892  4.352   -4.749  1.00 9.34  ? 149 PHE A CD2 1 
ATOM   920  C CE1 . PHE A 1 110 ? 1.427   5.484   -5.807  1.00 11.13 ? 149 PHE A CE1 1 
ATOM   921  C CE2 . PHE A 1 110 ? -0.329  5.474   -4.161  1.00 9.29  ? 149 PHE A CE2 1 
ATOM   922  C CZ  . PHE A 1 110 ? 0.835   6.047   -4.690  1.00 9.20  ? 149 PHE A CZ  1 
ATOM   923  N N   . THR A 1 111 ? -1.807  -0.575  -6.237  1.00 9.25  ? 150 THR A N   1 
ATOM   924  C CA  . THR A 1 111 ? -2.628  -1.574  -6.912  1.00 9.74  ? 150 THR A CA  1 
ATOM   925  C C   . THR A 1 111 ? -4.034  -1.583  -6.278  1.00 9.71  ? 150 THR A C   1 
ATOM   926  O O   . THR A 1 111 ? -4.192  -1.354  -5.082  1.00 10.31 ? 150 THR A O   1 
ATOM   927  C CB  . THR A 1 111 ? -1.953  -2.991  -6.868  1.00 8.91  ? 150 THR A CB  1 
ATOM   928  O OG1 . THR A 1 111 ? -2.530  -3.820  -7.887  1.00 11.28 ? 150 THR A OG1 1 
ATOM   929  C CG2 . THR A 1 111 ? -2.152  -3.671  -5.496  1.00 11.70 ? 150 THR A CG2 1 
ATOM   930  N N   . PRO A 1 112 ? -5.076  -1.845  -7.087  1.00 9.92  ? 151 PRO A N   1 
ATOM   931  C CA  . PRO A 1 112 ? -6.431  -1.858  -6.532  1.00 11.13 ? 151 PRO A CA  1 
ATOM   932  C C   . PRO A 1 112 ? -6.780  -3.085  -5.702  1.00 12.44 ? 151 PRO A C   1 
ATOM   933  O O   . PRO A 1 112 ? -6.196  -4.170  -5.920  1.00 13.79 ? 151 PRO A O   1 
ATOM   934  C CB  . PRO A 1 112 ? -7.335  -1.706  -7.772  1.00 13.44 ? 151 PRO A CB  1 
ATOM   935  C CG  . PRO A 1 112 ? -6.502  -2.256  -8.899  1.00 16.05 ? 151 PRO A CG  1 
ATOM   936  C CD  . PRO A 1 112 ? -5.060  -1.942  -8.559  1.00 13.13 ? 151 PRO A CD  1 
ATOM   937  N N   . ILE A 1 113 ? -7.721  -2.925  -4.770  1.00 11.56 ? 152 ILE A N   1 
ATOM   938  C CA  . ILE A 1 113 ? -8.237  -4.011  -3.921  1.00 12.12 ? 152 ILE A CA  1 
ATOM   939  C C   . ILE A 1 113 ? -9.680  -4.239  -4.412  1.00 11.83 ? 152 ILE A C   1 
ATOM   940  O O   . ILE A 1 113 ? -10.467 -3.270  -4.523  1.00 11.04 ? 152 ILE A O   1 
ATOM   941  C CB  . ILE A 1 113 ? -8.292  -3.610  -2.439  1.00 12.67 ? 152 ILE A CB  1 
ATOM   942  C CG1 . ILE A 1 113 ? -6.886  -3.240  -1.947  1.00 10.66 ? 152 ILE A CG1 1 
ATOM   943  C CG2 . ILE A 1 113 ? -8.830  -4.803  -1.587  1.00 13.62 ? 152 ILE A CG2 1 
ATOM   944  C CD1 . ILE A 1 113 ? -6.836  -2.731  -0.523  1.00 12.86 ? 152 ILE A CD1 1 
ATOM   945  N N   . TYR A 1 114 ? -10.039 -5.491  -4.690  1.00 14.42 ? 153 TYR A N   1 
ATOM   946  C CA  . TYR A 1 114 ? -11.373 -5.838  -5.174  1.00 14.86 ? 153 TYR A CA  1 
ATOM   947  C C   . TYR A 1 114 ? -12.099 -6.770  -4.221  1.00 16.11 ? 153 TYR A C   1 
ATOM   948  O O   . TYR A 1 114 ? -11.456 -7.551  -3.499  1.00 18.26 ? 153 TYR A O   1 
ATOM   949  C CB  . TYR A 1 114 ? -11.224 -6.537  -6.528  1.00 15.98 ? 153 TYR A CB  1 
ATOM   950  C CG  . TYR A 1 114 ? -10.654 -5.658  -7.612  1.00 17.39 ? 153 TYR A CG  1 
ATOM   951  C CD1 . TYR A 1 114 ? -11.438 -4.667  -8.214  1.00 19.01 ? 153 TYR A CD1 1 
ATOM   952  C CD2 . TYR A 1 114 ? -9.337  -5.813  -8.042  1.00 21.32 ? 153 TYR A CD2 1 
ATOM   953  C CE1 . TYR A 1 114 ? -10.925 -3.858  -9.214  1.00 19.72 ? 153 TYR A CE1 1 
ATOM   954  C CE2 . TYR A 1 114 ? -8.817  -5.003  -9.050  1.00 18.48 ? 153 TYR A CE2 1 
ATOM   955  C CZ  . TYR A 1 114 ? -9.617  -4.035  -9.628  1.00 21.37 ? 153 TYR A CZ  1 
ATOM   956  O OH  . TYR A 1 114 ? -9.126  -3.245  -10.646 1.00 21.90 ? 153 TYR A OH  1 
ATOM   957  N N   . ASP A 1 115 ? -13.431 -6.680  -4.191  1.00 16.31 ? 154 ASP A N   1 
ATOM   958  C CA  . ASP A 1 115 ? -14.178 -7.637  -3.374  1.00 17.08 ? 154 ASP A CA  1 
ATOM   959  C C   . ASP A 1 115 ? -14.366 -8.897  -4.233  1.00 20.11 ? 154 ASP A C   1 
ATOM   960  O O   . ASP A 1 115 ? -13.811 -9.001  -5.337  1.00 20.84 ? 154 ASP A O   1 
ATOM   961  C CB  . ASP A 1 115 ? -15.521 -7.073  -2.883  1.00 20.14 ? 154 ASP A CB  1 
ATOM   962  C CG  . ASP A 1 115 ? -16.499 -6.737  -4.007  1.00 19.65 ? 154 ASP A CG  1 
ATOM   963  O OD1 . ASP A 1 115 ? -16.348 -7.226  -5.151  1.00 17.58 ? 154 ASP A OD1 1 
ATOM   964  O OD2 . ASP A 1 115 ? -17.446 -5.965  -3.714  1.00 22.47 ? 154 ASP A OD2 1 
ATOM   965  N N   . GLU A 1 116 ? -15.126 -9.863  -3.726  1.00 22.49 ? 155 GLU A N   1 
ATOM   966  C CA  . GLU A 1 116 ? -15.332 -11.117 -4.445  1.00 25.98 ? 155 GLU A CA  1 
ATOM   967  C C   . GLU A 1 116 ? -15.955 -11.016 -5.828  1.00 24.39 ? 155 GLU A C   1 
ATOM   968  O O   . GLU A 1 116 ? -15.773 -11.904 -6.660  1.00 26.18 ? 155 GLU A O   1 
ATOM   969  C CB  . GLU A 1 116 ? -16.178 -12.071 -3.593  1.00 31.94 ? 155 GLU A CB  1 
ATOM   970  C CG  . GLU A 1 116 ? -15.425 -12.677 -2.418  1.00 40.58 ? 155 GLU A CG  1 
ATOM   971  C CD  . GLU A 1 116 ? -14.121 -13.349 -2.833  1.00 44.89 ? 155 GLU A CD  1 
ATOM   972  O OE1 . GLU A 1 116 ? -13.926 -13.621 -4.039  1.00 49.14 ? 155 GLU A OE1 1 
ATOM   973  O OE2 . GLU A 1 116 ? -13.288 -13.618 -1.942  1.00 50.02 ? 155 GLU A OE2 1 
ATOM   974  N N   . ASN A 1 117 ? -16.689 -9.939  -6.067  1.00 22.76 ? 156 ASN A N   1 
ATOM   975  C CA  . ASN A 1 117 ? -17.371 -9.739  -7.339  1.00 23.13 ? 156 ASN A CA  1 
ATOM   976  C C   . ASN A 1 117 ? -16.596 -8.831  -8.267  1.00 21.96 ? 156 ASN A C   1 
ATOM   977  O O   . ASN A 1 117 ? -17.097 -8.421  -9.321  1.00 21.18 ? 156 ASN A O   1 
ATOM   978  C CB  . ASN A 1 117 ? -18.746 -9.139  -7.083  1.00 24.70 ? 156 ASN A CB  1 
ATOM   979  C CG  . ASN A 1 117 ? -19.603 -10.023 -6.201  1.00 27.74 ? 156 ASN A CG  1 
ATOM   980  O OD1 . ASN A 1 117 ? -19.693 -11.234 -6.425  1.00 27.32 ? 156 ASN A OD1 1 
ATOM   981  N ND2 . ASN A 1 117 ? -20.227 -9.430  -5.192  1.00 30.04 ? 156 ASN A ND2 1 
ATOM   982  N N   . HIS A 1 118 ? -15.366 -8.541  -7.854  1.00 20.37 ? 157 HIS A N   1 
ATOM   983  C CA  . HIS A 1 118 ? -14.450 -7.670  -8.569  1.00 20.15 ? 157 HIS A CA  1 
ATOM   984  C C   . HIS A 1 118 ? -14.878 -6.215  -8.625  1.00 20.52 ? 157 HIS A C   1 
ATOM   985  O O   . HIS A 1 118 ? -14.623 -5.523  -9.605  1.00 22.88 ? 157 HIS A O   1 
ATOM   986  C CB  . HIS A 1 118 ? -14.140 -8.175  -9.982  1.00 23.40 ? 157 HIS A CB  1 
ATOM   987  C CG  . HIS A 1 118 ? -12.849 -7.636  -10.528 1.00 22.61 ? 157 HIS A CG  1 
ATOM   988  N ND1 . HIS A 1 118 ? -11.638 -8.266  -10.337 1.00 27.44 ? 157 HIS A ND1 1 
ATOM   989  C CD2 . HIS A 1 118 ? -12.578 -6.503  -11.219 1.00 23.27 ? 157 HIS A CD2 1 
ATOM   990  C CE1 . HIS A 1 118 ? -10.676 -7.546  -10.889 1.00 20.32 ? 157 HIS A CE1 1 
ATOM   991  N NE2 . HIS A 1 118 ? -11.217 -6.472  -11.431 1.00 24.47 ? 157 HIS A NE2 1 
ATOM   992  N N   . LYS A 1 119 ? -15.552 -5.766  -7.578  1.00 18.56 ? 158 LYS A N   1 
ATOM   993  C CA  . LYS A 1 119 ? -15.942 -4.374  -7.421  1.00 19.81 ? 158 LYS A CA  1 
ATOM   994  C C   . LYS A 1 119 ? -14.770 -3.781  -6.608  1.00 18.30 ? 158 LYS A C   1 
ATOM   995  O O   . LYS A 1 119 ? -14.377 -4.347  -5.588  1.00 17.56 ? 158 LYS A O   1 
ATOM   996  C CB  . LYS A 1 119 ? -17.253 -4.293  -6.621  1.00 24.09 ? 158 LYS A CB  1 
ATOM   997  C CG  . LYS A 1 119 ? -17.684 -2.903  -6.218  1.00 31.08 ? 158 LYS A CG  1 
ATOM   998  C CD  . LYS A 1 119 ? -16.985 -2.433  -4.937  1.00 34.95 ? 158 LYS A CD  1 
ATOM   999  C CE  . LYS A 1 119 ? -17.428 -1.019  -4.551  1.00 37.45 ? 158 LYS A CE  1 
ATOM   1000 N NZ  . LYS A 1 119 ? -16.687 -0.462  -3.383  1.00 35.01 ? 158 LYS A NZ  1 
ATOM   1001 N N   . GLN A 1 120 ? -14.215 -2.652  -7.038  1.00 16.54 ? 159 GLN A N   1 
ATOM   1002 C CA  . GLN A 1 120 ? -13.095 -2.090  -6.300  1.00 16.06 ? 159 GLN A CA  1 
ATOM   1003 C C   . GLN A 1 120 ? -13.536 -1.565  -4.950  1.00 15.07 ? 159 GLN A C   1 
ATOM   1004 O O   . GLN A 1 120 ? -14.536 -0.814  -4.861  1.00 17.39 ? 159 GLN A O   1 
ATOM   1005 C CB  . GLN A 1 120 ? -12.429 -0.972  -7.093  1.00 15.94 ? 159 GLN A CB  1 
ATOM   1006 C CG  . GLN A 1 120 ? -11.001 -0.760  -6.574  1.00 13.24 ? 159 GLN A CG  1 
ATOM   1007 C CD  . GLN A 1 120 ? -10.209 0.295   -7.298  1.00 12.64 ? 159 GLN A CD  1 
ATOM   1008 O OE1 . GLN A 1 120 ? -10.411 0.548   -8.497  1.00 15.69 ? 159 GLN A OE1 1 
ATOM   1009 N NE2 . GLN A 1 120 ? -9.252  0.895   -6.586  1.00 12.33 ? 159 GLN A NE2 1 
ATOM   1010 N N   . ILE A 1 121 ? -12.779 -1.927  -3.909  1.00 14.21 ? 160 ILE A N   1 
ATOM   1011 C CA  . ILE A 1 121 ? -13.065 -1.491  -2.548  1.00 14.47 ? 160 ILE A CA  1 
ATOM   1012 C C   . ILE A 1 121 ? -11.931 -0.704  -1.886  1.00 15.59 ? 160 ILE A C   1 
ATOM   1013 O O   . ILE A 1 121 ? -12.114 -0.132  -0.800  1.00 17.24 ? 160 ILE A O   1 
ATOM   1014 C CB  . ILE A 1 121 ? -13.463 -2.678  -1.626  1.00 15.59 ? 160 ILE A CB  1 
ATOM   1015 C CG1 . ILE A 1 121 ? -12.375 -3.748  -1.612  1.00 15.47 ? 160 ILE A CG1 1 
ATOM   1016 C CG2 . ILE A 1 121 ? -14.806 -3.265  -2.113  1.00 14.67 ? 160 ILE A CG2 1 
ATOM   1017 C CD1 . ILE A 1 121 ? -12.610 -4.863  -0.586  1.00 17.06 ? 160 ILE A CD1 1 
ATOM   1018 N N   . GLY A 1 122 ? -10.766 -0.657  -2.521  1.00 12.63 ? 161 GLY A N   1 
ATOM   1019 C CA  . GLY A 1 122 ? -9.674  0.093   -1.941  1.00 13.33 ? 161 GLY A CA  1 
ATOM   1020 C C   . GLY A 1 122 ? -8.432  0.058   -2.794  1.00 10.01 ? 161 GLY A C   1 
ATOM   1021 O O   . GLY A 1 122 ? -8.484  -0.290  -3.968  1.00 11.43 ? 161 GLY A O   1 
ATOM   1022 N N   . VAL A 1 123 ? -7.328  0.458   -2.173  1.00 10.29 ? 162 VAL A N   1 
ATOM   1023 C CA  . VAL A 1 123 ? -6.027  0.513   -2.809  1.00 10.58 ? 162 VAL A CA  1 
ATOM   1024 C C   . VAL A 1 123 ? -4.944  0.112   -1.812  1.00 11.37 ? 162 VAL A C   1 
ATOM   1025 O O   . VAL A 1 123 ? -5.069  0.372   -0.623  1.00 10.05 ? 162 VAL A O   1 
ATOM   1026 C CB  . VAL A 1 123 ? -5.731  1.978   -3.258  1.00 10.24 ? 162 VAL A CB  1 
ATOM   1027 C CG1 . VAL A 1 123 ? -4.304  2.100   -3.805  1.00 10.60 ? 162 VAL A CG1 1 
ATOM   1028 C CG2 . VAL A 1 123 ? -6.739  2.407   -4.325  1.00 12.63 ? 162 VAL A CG2 1 
ATOM   1029 N N   . VAL A 1 124 ? -3.923  -0.578  -2.304  1.00 10.89 ? 163 VAL A N   1 
ATOM   1030 C CA  . VAL A 1 124 ? -2.734  -0.834  -1.478  1.00 10.40 ? 163 VAL A CA  1 
ATOM   1031 C C   . VAL A 1 124 ? -1.635  0.023   -2.131  1.00 8.34  ? 163 VAL A C   1 
ATOM   1032 O O   . VAL A 1 124 ? -1.331  -0.116  -3.325  1.00 9.24  ? 163 VAL A O   1 
ATOM   1033 C CB  . VAL A 1 124 ? -2.244  -2.292  -1.471  1.00 9.16  ? 163 VAL A CB  1 
ATOM   1034 C CG1 . VAL A 1 124 ? -1.027  -2.388  -0.563  1.00 10.68 ? 163 VAL A CG1 1 
ATOM   1035 C CG2 . VAL A 1 124 ? -3.334  -3.236  -0.974  1.00 10.46 ? 163 VAL A CG2 1 
ATOM   1036 N N   . ALA A 1 125 ? -1.078  0.929   -1.317  1.00 9.09  ? 164 ALA A N   1 
ATOM   1037 C CA  . ALA A 1 125 ? 0.007   1.823   -1.723  1.00 10.31 ? 164 ALA A CA  1 
ATOM   1038 C C   . ALA A 1 125 ? 1.283   1.426   -0.963  1.00 10.83 ? 164 ALA A C   1 
ATOM   1039 O O   . ALA A 1 125 ? 1.238   1.280   0.264   1.00 11.44 ? 164 ALA A O   1 
ATOM   1040 C CB  . ALA A 1 125 ? -0.370  3.277   -1.379  1.00 11.12 ? 164 ALA A CB  1 
ATOM   1041 N N   . ILE A 1 126 ? 2.409   1.283   -1.666  1.00 10.09 ? 165 ILE A N   1 
ATOM   1042 C CA  . ILE A 1 126 ? 3.680   0.898   -0.999  1.00 11.59 ? 165 ILE A CA  1 
ATOM   1043 C C   . ILE A 1 126 ? 4.823   1.795   -1.480  1.00 10.50 ? 165 ILE A C   1 
ATOM   1044 O O   . ILE A 1 126 ? 4.907   2.105   -2.663  1.00 12.78 ? 165 ILE A O   1 
ATOM   1045 C CB  . ILE A 1 126 ? 4.024   -0.586  -1.293  1.00 12.53 ? 165 ILE A CB  1 
ATOM   1046 C CG1 . ILE A 1 126 ? 2.943   -1.465  -0.665  1.00 11.37 ? 165 ILE A CG1 1 
ATOM   1047 C CG2 . ILE A 1 126 ? 5.434   -0.943  -0.771  1.00 14.59 ? 165 ILE A CG2 1 
ATOM   1048 C CD1 . ILE A 1 126 ? 3.254   -2.984  -0.707  1.00 13.07 ? 165 ILE A CD1 1 
ATOM   1049 N N   . GLY A 1 127 ? 5.664   2.242   -0.552  1.00 12.06 ? 166 GLY A N   1 
ATOM   1050 C CA  . GLY A 1 127 ? 6.780   3.079   -0.936  1.00 13.60 ? 166 GLY A CA  1 
ATOM   1051 C C   . GLY A 1 127 ? 8.124   2.480   -0.549  1.00 15.71 ? 166 GLY A C   1 
ATOM   1052 O O   . GLY A 1 127 ? 8.232   1.770   0.466   1.00 17.31 ? 166 GLY A O   1 
ATOM   1053 N N   . LEU A 1 128 ? 9.119   2.799   -1.367  1.00 16.48 ? 167 LEU A N   1 
ATOM   1054 C CA  . LEU A 1 128 ? 10.519  2.403   -1.217  1.00 19.07 ? 167 LEU A CA  1 
ATOM   1055 C C   . LEU A 1 128 ? 11.240  3.748   -1.087  1.00 18.43 ? 167 LEU A C   1 
ATOM   1056 O O   . LEU A 1 128 ? 11.124  4.582   -1.973  1.00 18.86 ? 167 LEU A O   1 
ATOM   1057 C CB  . LEU A 1 128 ? 11.029  1.733   -2.509  1.00 21.35 ? 167 LEU A CB  1 
ATOM   1058 C CG  . LEU A 1 128 ? 10.522  0.391   -3.053  1.00 23.88 ? 167 LEU A CG  1 
ATOM   1059 C CD1 . LEU A 1 128 ? 10.557  0.349   -4.572  1.00 24.08 ? 167 LEU A CD1 1 
ATOM   1060 C CD2 . LEU A 1 128 ? 11.389  -0.706  -2.482  1.00 25.76 ? 167 LEU A CD2 1 
ATOM   1061 N N   . GLU A 1 129 ? 11.996  3.950   -0.016  1.00 20.16 ? 168 GLU A N   1 
ATOM   1062 C CA  . GLU A 1 129 ? 12.724  5.204   0.185   1.00 20.84 ? 168 GLU A CA  1 
ATOM   1063 C C   . GLU A 1 129 ? 13.668  5.482   -1.001  1.00 22.46 ? 168 GLU A C   1 
ATOM   1064 O O   . GLU A 1 129 ? 14.460  4.620   -1.394  1.00 21.26 ? 168 GLU A O   1 
ATOM   1065 C CB  . GLU A 1 129 ? 13.499  5.101   1.500   1.00 25.33 ? 168 GLU A CB  1 
ATOM   1066 C CG  . GLU A 1 129 ? 13.812  6.416   2.169   1.00 30.11 ? 168 GLU A CG  1 
ATOM   1067 C CD  . GLU A 1 129 ? 14.267  6.233   3.612   1.00 31.81 ? 168 GLU A CD  1 
ATOM   1068 O OE1 . GLU A 1 129 ? 14.670  7.237   4.238   1.00 33.41 ? 168 GLU A OE1 1 
ATOM   1069 O OE2 . GLU A 1 129 ? 14.214  5.084   4.120   1.00 32.88 ? 168 GLU A OE2 1 
ATOM   1070 N N   . LEU A 1 130 ? 13.584  6.673   -1.593  1.00 19.86 ? 169 LEU A N   1 
ATOM   1071 C CA  . LEU A 1 130 ? 14.434  6.991   -2.733  1.00 22.05 ? 169 LEU A CA  1 
ATOM   1072 C C   . LEU A 1 130 ? 15.924  6.796   -2.441  1.00 21.13 ? 169 LEU A C   1 
ATOM   1073 O O   . LEU A 1 130 ? 16.657  6.288   -3.294  1.00 24.24 ? 169 LEU A O   1 
ATOM   1074 C CB  . LEU A 1 130 ? 14.223  8.441   -3.194  1.00 23.92 ? 169 LEU A CB  1 
ATOM   1075 C CG  . LEU A 1 130 ? 13.276  8.750   -4.338  1.00 25.69 ? 169 LEU A CG  1 
ATOM   1076 C CD1 . LEU A 1 130 ? 13.596  10.174  -4.832  1.00 22.58 ? 169 LEU A CD1 1 
ATOM   1077 C CD2 . LEU A 1 130 ? 13.438  7.737   -5.459  1.00 21.79 ? 169 LEU A CD2 1 
ATOM   1078 N N   . SER A 1 131 ? 16.354  7.220   -1.258  1.00 24.09 ? 170 SER A N   1 
ATOM   1079 C CA  . SER A 1 131 ? 17.766  7.110   -0.892  1.00 27.14 ? 170 SER A CA  1 
ATOM   1080 C C   . SER A 1 131 ? 18.211  5.658   -0.864  1.00 29.43 ? 170 SER A C   1 
ATOM   1081 O O   . SER A 1 131 ? 19.379  5.346   -1.124  1.00 28.59 ? 170 SER A O   1 
ATOM   1082 C CB  . SER A 1 131 ? 18.025  7.787   0.461   1.00 28.66 ? 170 SER A CB  1 
ATOM   1083 O OG  . SER A 1 131 ? 17.250  7.215   1.494   1.00 31.52 ? 170 SER A OG  1 
ATOM   1084 N N   . ARG A 1 132 ? 17.280  4.761   -0.566  1.00 30.30 ? 171 ARG A N   1 
ATOM   1085 C CA  . ARG A 1 132 ? 17.608  3.347   -0.537  1.00 31.69 ? 171 ARG A CA  1 
ATOM   1086 C C   . ARG A 1 132 ? 17.697  2.839   -1.976  1.00 30.72 ? 171 ARG A C   1 
ATOM   1087 O O   . ARG A 1 132 ? 18.429  1.897   -2.265  1.00 30.62 ? 171 ARG A O   1 
ATOM   1088 C CB  . ARG A 1 132 ? 16.566  2.581   0.284   1.00 35.46 ? 171 ARG A CB  1 
ATOM   1089 C CG  . ARG A 1 132 ? 16.367  3.200   1.659   1.00 39.30 ? 171 ARG A CG  1 
ATOM   1090 C CD  . ARG A 1 132 ? 15.526  2.333   2.578   1.00 44.26 ? 171 ARG A CD  1 
ATOM   1091 N NE  . ARG A 1 132 ? 16.322  1.284   3.212   1.00 48.58 ? 171 ARG A NE  1 
ATOM   1092 C CZ  . ARG A 1 132 ? 15.863  0.456   4.147   1.00 50.36 ? 171 ARG A CZ  1 
ATOM   1093 N NH1 . ARG A 1 132 ? 14.603  0.546   4.560   1.00 51.52 ? 171 ARG A NH1 1 
ATOM   1094 N NH2 . ARG A 1 132 ? 16.671  -0.456  4.680   1.00 52.89 ? 171 ARG A NH2 1 
ATOM   1095 N N   . VAL A 1 133 ? 16.982  3.479   -2.901  1.00 29.62 ? 172 VAL A N   1 
ATOM   1096 C CA  . VAL A 1 133 ? 17.076  3.064   -4.293  1.00 27.33 ? 172 VAL A CA  1 
ATOM   1097 C C   . VAL A 1 133 ? 18.480  3.408   -4.796  1.00 28.93 ? 172 VAL A C   1 
ATOM   1098 O O   . VAL A 1 133 ? 19.072  2.668   -5.579  1.00 29.16 ? 172 VAL A O   1 
ATOM   1099 C CB  . VAL A 1 133 ? 16.008  3.763   -5.187  1.00 29.68 ? 172 VAL A CB  1 
ATOM   1100 C CG1 . VAL A 1 133 ? 16.295  3.496   -6.652  1.00 26.73 ? 172 VAL A CG1 1 
ATOM   1101 C CG2 . VAL A 1 133 ? 14.622  3.246   -4.837  1.00 31.82 ? 172 VAL A CG2 1 
ATOM   1102 N N   . THR A 1 134 ? 19.014  4.544   -4.348  1.00 29.67 ? 173 THR A N   1 
ATOM   1103 C CA  . THR A 1 134 ? 20.364  4.944   -4.741  1.00 28.87 ? 173 THR A CA  1 
ATOM   1104 C C   . THR A 1 134 ? 21.357  3.934   -4.180  1.00 29.95 ? 173 THR A C   1 
ATOM   1105 O O   . THR A 1 134 ? 22.271  3.500   -4.875  1.00 28.91 ? 173 THR A O   1 
ATOM   1106 C CB  . THR A 1 134 ? 20.718  6.343   -4.207  1.00 29.45 ? 173 THR A CB  1 
ATOM   1107 O OG1 . THR A 1 134 ? 20.029  7.324   -4.982  1.00 26.86 ? 173 THR A OG1 1 
ATOM   1108 C CG2 . THR A 1 134 ? 22.219  6.601   -4.296  1.00 28.25 ? 173 THR A CG2 1 
ATOM   1109 N N   . GLN A 1 135 ? 21.163  3.566   -2.920  1.00 31.87 ? 174 GLN A N   1 
ATOM   1110 C CA  . GLN A 1 135 ? 22.045  2.604   -2.269  1.00 34.72 ? 174 GLN A CA  1 
ATOM   1111 C C   . GLN A 1 135 ? 22.113  1.290   -3.039  1.00 35.70 ? 174 GLN A C   1 
ATOM   1112 O O   . GLN A 1 135 ? 23.186  0.707   -3.183  1.00 34.47 ? 174 GLN A O   1 
ATOM   1113 C CB  . GLN A 1 135 ? 21.566  2.348   -0.840  1.00 36.06 ? 174 GLN A CB  1 
ATOM   1114 C CG  . GLN A 1 135 ? 21.733  3.548   0.089   1.00 41.56 ? 174 GLN A CG  1 
ATOM   1115 C CD  . GLN A 1 135 ? 21.107  3.324   1.455   1.00 44.69 ? 174 GLN A CD  1 
ATOM   1116 O OE1 . GLN A 1 135 ? 21.289  2.272   2.068   1.00 47.57 ? 174 GLN A OE1 1 
ATOM   1117 N NE2 . GLN A 1 135 ? 20.370  4.321   1.945   1.00 46.65 ? 174 GLN A NE2 1 
ATOM   1118 N N   . GLN A 1 136 ? 20.966  0.834   -3.541  1.00 37.26 ? 175 GLN A N   1 
ATOM   1119 C CA  . GLN A 1 136 ? 20.888  -0.413  -4.295  1.00 40.77 ? 175 GLN A CA  1 
ATOM   1120 C C   . GLN A 1 136 ? 21.568  -0.300  -5.646  1.00 43.02 ? 175 GLN A C   1 
ATOM   1121 O O   . GLN A 1 136 ? 22.231  -1.235  -6.105  1.00 42.83 ? 175 GLN A O   1 
ATOM   1122 C CB  . GLN A 1 136 ? 19.429  -0.818  -4.512  1.00 42.75 ? 175 GLN A CB  1 
ATOM   1123 C CG  . GLN A 1 136 ? 18.664  -1.094  -3.236  1.00 45.80 ? 175 GLN A CG  1 
ATOM   1124 C CD  . GLN A 1 136 ? 19.133  -2.349  -2.535  1.00 48.76 ? 175 GLN A CD  1 
ATOM   1125 O OE1 . GLN A 1 136 ? 20.301  -2.466  -2.149  1.00 48.50 ? 175 GLN A OE1 1 
ATOM   1126 N NE2 . GLN A 1 136 ? 18.222  -3.303  -2.366  1.00 50.50 ? 175 GLN A NE2 1 
ATOM   1127 N N   . ILE A 1 137 ? 21.394  0.847   -6.291  1.00 44.39 ? 176 ILE A N   1 
ATOM   1128 C CA  . ILE A 1 137 ? 21.993  1.067   -7.597  1.00 47.40 ? 176 ILE A CA  1 
ATOM   1129 C C   . ILE A 1 137 ? 23.518  1.017   -7.523  1.00 48.32 ? 176 ILE A C   1 
ATOM   1130 O O   . ILE A 1 137 ? 24.160  0.350   -8.331  1.00 49.95 ? 176 ILE A O   1 
ATOM   1131 C CB  . ILE A 1 137 ? 21.553  2.424   -8.183  1.00 46.67 ? 176 ILE A CB  1 
ATOM   1132 C CG1 . ILE A 1 137 ? 20.028  2.451   -8.335  1.00 47.62 ? 176 ILE A CG1 1 
ATOM   1133 C CG2 . ILE A 1 137 ? 22.228  2.649   -9.526  1.00 47.81 ? 176 ILE A CG2 1 
ATOM   1134 C CD1 . ILE A 1 137 ? 19.474  3.781   -8.804  1.00 45.80 ? 176 ILE A CD1 1 
ATOM   1135 N N   . ASN A 1 138 ? 24.088  1.713   -6.548  1.00 50.51 ? 177 ASN A N   1 
ATOM   1136 C CA  . ASN A 1 138 ? 25.538  1.751   -6.374  1.00 52.99 ? 177 ASN A CA  1 
ATOM   1137 C C   . ASN A 1 138 ? 26.184  0.375   -6.507  1.00 55.09 ? 177 ASN A C   1 
ATOM   1138 O O   . ASN A 1 138 ? 27.066  0.168   -7.343  1.00 56.78 ? 177 ASN A O   1 
ATOM   1139 C CB  . ASN A 1 138 ? 25.893  2.351   -5.010  1.00 51.87 ? 177 ASN A CB  1 
ATOM   1140 C CG  . ASN A 1 138 ? 25.589  3.838   -4.927  1.00 52.97 ? 177 ASN A CG  1 
ATOM   1141 O OD1 . ASN A 1 138 ? 25.148  4.451   -5.901  1.00 51.36 ? 177 ASN A OD1 1 
ATOM   1142 N ND2 . ASN A 1 138 ? 25.830  4.426   -3.761  1.00 53.14 ? 177 ASN A ND2 1 
ATOM   1143 N N   . ASP A 1 139 ? 25.742  -0.561  -5.675  1.00 56.36 ? 178 ASP A N   1 
ATOM   1144 C CA  . ASP A 1 139 ? 26.269  -1.923  -5.682  1.00 57.13 ? 178 ASP A CA  1 
ATOM   1145 C C   . ASP A 1 139 ? 26.244  -2.528  -7.087  1.00 58.21 ? 178 ASP A C   1 
ATOM   1146 O O   . ASP A 1 139 ? 27.338  -2.745  -7.656  1.00 58.39 ? 178 ASP A O   1 
ATOM   1147 C CB  . ASP A 1 139 ? 25.439  -2.787  -4.734  1.00 56.90 ? 178 ASP A CB  1 
ATOM   1148 C CG  . ASP A 1 139 ? 25.233  -2.132  -3.379  1.00 56.11 ? 178 ASP A CG  1 
ATOM   1149 O OD1 . ASP A 1 139 ? 24.276  -2.516  -2.679  1.00 54.67 ? 178 ASP A OD1 1 
ATOM   1150 O OD2 . ASP A 1 139 ? 26.024  -1.238  -3.011  1.00 57.02 ? 178 ASP A OD2 1 
HETATM 1151 C C1  . LMR B 2 .   ? 0.485   8.644   2.491   1.00 14.13 ? 1   LMR A C1  1 
HETATM 1152 O O1A . LMR B 2 .   ? 0.237   7.818   3.332   1.00 13.75 ? 1   LMR A O1A 1 
HETATM 1153 O O1B . LMR B 2 .   ? -0.087  9.754   2.517   1.00 14.45 ? 1   LMR A O1B 1 
HETATM 1154 C C2  . LMR B 2 .   ? 1.733   8.444   1.688   1.00 13.78 ? 1   LMR A C2  1 
HETATM 1155 O O2  . LMR B 2 .   ? 2.047   9.647   0.862   1.00 13.56 ? 1   LMR A O2  1 
HETATM 1156 C C3  . LMR B 2 .   ? 2.912   7.905   2.521   1.00 13.25 ? 1   LMR A C3  1 
HETATM 1157 C C4  . LMR B 2 .   ? 3.610   9.077   3.240   1.00 12.93 ? 1   LMR A C4  1 
HETATM 1158 O O4A . LMR B 2 .   ? 3.044   9.615   4.190   1.00 14.28 ? 1   LMR A O4A 1 
HETATM 1159 O O4B . LMR B 2 .   ? 4.715   9.511   2.804   1.00 12.91 ? 1   LMR A O4B 1 
HETATM 1160 O O   . HOH C 3 .   ? 6.439   8.851   0.750   1.00 13.57 ? 182 HOH A O   1 
HETATM 1161 O O   . HOH C 3 .   ? 1.080   14.664  -5.367  1.00 17.11 ? 183 HOH A O   1 
HETATM 1162 O O   . HOH C 3 .   ? -2.566  9.161   -10.428 1.00 15.45 ? 184 HOH A O   1 
HETATM 1163 O O   . HOH C 3 .   ? -2.639  14.704  -2.300  1.00 25.46 ? 185 HOH A O   1 
HETATM 1164 O O   . HOH C 3 .   ? -8.057  -7.510  -4.610  1.00 19.87 ? 186 HOH A O   1 
HETATM 1165 O O   . HOH C 3 .   ? 4.131   16.066  -4.013  1.00 26.51 ? 187 HOH A O   1 
HETATM 1166 O O   . HOH C 3 .   ? -15.693 -11.948 -9.606  1.00 26.78 ? 188 HOH A O   1 
HETATM 1167 O O   . HOH C 3 .   ? -5.591  -0.841  10.719  1.00 31.84 ? 189 HOH A O   1 
HETATM 1168 O O   . HOH C 3 .   ? 1.243   9.461   -11.039 1.00 27.05 ? 190 HOH A O   1 
HETATM 1169 O O   . HOH C 3 .   ? 1.730   7.762   -13.753 1.00 44.67 ? 191 HOH A O   1 
HETATM 1170 O O   . HOH C 3 .   ? 21.219  7.696   -7.635  1.00 23.37 ? 192 HOH A O   1 
HETATM 1171 O O   . HOH C 3 .   ? 12.997  12.882  1.284   1.00 27.25 ? 193 HOH A O   1 
HETATM 1172 O O   . HOH C 3 .   ? -19.964 -6.501  -4.861  1.00 30.62 ? 194 HOH A O   1 
HETATM 1173 O O   . HOH C 3 .   ? 12.834  -3.051  -1.374  1.00 42.39 ? 195 HOH A O   1 
HETATM 1174 O O   . HOH C 3 .   ? 11.064  -8.697  -0.896  1.00 21.61 ? 196 HOH A O   1 
HETATM 1175 O O   . HOH C 3 .   ? 14.431  9.147   0.231   1.00 22.77 ? 197 HOH A O   1 
HETATM 1176 O O   . HOH C 3 .   ? -13.979 -0.306  0.873   1.00 33.93 ? 198 HOH A O   1 
HETATM 1177 O O   . HOH C 3 .   ? 10.865  -5.833  -1.324  1.00 49.71 ? 199 HOH A O   1 
HETATM 1178 O O   . HOH C 3 .   ? 11.559  -7.594  -11.943 1.00 28.23 ? 200 HOH A O   1 
HETATM 1179 O O   . HOH C 3 .   ? -11.121 -2.020  -12.193 1.00 35.29 ? 201 HOH A O   1 
HETATM 1180 O O   . HOH C 3 .   ? 3.062   0.979   6.675   1.00 23.30 ? 202 HOH A O   1 
HETATM 1181 O O   . HOH C 3 .   ? 12.692  -13.168 4.558   1.00 22.95 ? 203 HOH A O   1 
HETATM 1182 O O   . HOH C 3 .   ? 11.280  -3.829  -3.319  1.00 29.47 ? 204 HOH A O   1 
HETATM 1183 O O   . HOH C 3 .   ? 6.792   12.295  9.100   1.00 40.81 ? 205 HOH A O   1 
HETATM 1184 O O   . HOH C 3 .   ? 10.484  8.536   6.254   1.00 20.41 ? 206 HOH A O   1 
HETATM 1185 O O   . HOH C 3 .   ? 19.865  9.168   -2.974  1.00 30.87 ? 207 HOH A O   1 
HETATM 1186 O O   . HOH C 3 .   ? 9.594   6.719   8.144   1.00 28.93 ? 208 HOH A O   1 
HETATM 1187 O O   . HOH C 3 .   ? 0.157   11.857  -10.068 1.00 32.46 ? 209 HOH A O   1 
HETATM 1188 O O   . HOH C 3 .   ? 0.477   16.202  -3.287  1.00 49.88 ? 210 HOH A O   1 
HETATM 1189 O O   . HOH C 3 .   ? 9.065   3.854   7.617   1.00 26.73 ? 211 HOH A O   1 
HETATM 1190 O O   . HOH C 3 .   ? 23.379  2.818   -17.895 1.00 54.26 ? 212 HOH A O   1 
HETATM 1191 O O   . HOH C 3 .   ? 12.691  2.460   4.379   1.00 30.57 ? 213 HOH A O   1 
HETATM 1192 O O   . HOH C 3 .   ? 3.356   -5.925  13.218  1.00 32.82 ? 214 HOH A O   1 
HETATM 1193 O O   . HOH C 3 .   ? -13.455 4.018   -9.232  1.00 29.77 ? 215 HOH A O   1 
HETATM 1194 O O   . HOH C 3 .   ? -5.633  -10.088 12.557  1.00 55.92 ? 216 HOH A O   1 
HETATM 1195 O O   . HOH C 3 .   ? 10.564  1.757   -12.151 1.00 37.69 ? 217 HOH A O   1 
HETATM 1196 O O   . HOH C 3 .   ? 5.933   -6.202  12.870  1.00 32.24 ? 218 HOH A O   1 
HETATM 1197 O O   . HOH C 3 .   ? 4.990   -7.341  -9.513  1.00 26.92 ? 219 HOH A O   1 
HETATM 1198 O O   . HOH C 3 .   ? 15.404  9.372   2.810   1.00 26.23 ? 220 HOH A O   1 
HETATM 1199 O O   . HOH C 3 .   ? 10.301  10.751  7.575   1.00 33.21 ? 221 HOH A O   1 
HETATM 1200 O O   . HOH C 3 .   ? 16.161  11.139  -0.871  1.00 30.94 ? 222 HOH A O   1 
HETATM 1201 O O   . HOH C 3 .   ? -15.768 0.895   -6.599  1.00 30.67 ? 223 HOH A O   1 
HETATM 1202 O O   . HOH C 3 .   ? -6.043  11.510  -1.364  1.00 29.32 ? 224 HOH A O   1 
HETATM 1203 O O   . HOH C 3 .   ? 8.437   -8.846  9.631   1.00 30.11 ? 225 HOH A O   1 
HETATM 1204 O O   . HOH C 3 .   ? 11.598  2.963   6.951   1.00 39.65 ? 226 HOH A O   1 
HETATM 1205 O O   . HOH C 3 .   ? 5.234   -6.753  -12.470 1.00 40.51 ? 227 HOH A O   1 
HETATM 1206 O O   . HOH C 3 .   ? 3.975   17.740  -6.143  1.00 31.25 ? 228 HOH A O   1 
HETATM 1207 O O   . HOH C 3 .   ? 17.482  10.142  -3.002  1.00 30.71 ? 229 HOH A O   1 
HETATM 1208 O O   . HOH C 3 .   ? 9.320   13.079  6.399   1.00 29.94 ? 230 HOH A O   1 
HETATM 1209 O O   . HOH C 3 .   ? -14.400 -1.951  -9.853  1.00 33.43 ? 231 HOH A O   1 
HETATM 1210 O O   . HOH C 3 .   ? 8.302   9.906   10.148  1.00 47.44 ? 232 HOH A O   1 
HETATM 1211 O O   . HOH C 3 .   ? -5.185  10.917  14.351  1.00 51.04 ? 233 HOH A O   1 
HETATM 1212 O O   . HOH C 3 .   ? -11.877 -10.264 -6.616  1.00 33.68 ? 234 HOH A O   1 
HETATM 1213 O O   . HOH C 3 .   ? -16.533 1.183   -1.464  1.00 48.79 ? 235 HOH A O   1 
HETATM 1214 O O   . HOH C 3 .   ? 4.847   4.980   -13.723 1.00 42.49 ? 236 HOH A O   1 
HETATM 1215 O O   . HOH C 3 .   ? -15.049 7.356   -4.111  1.00 28.51 ? 237 HOH A O   1 
HETATM 1216 O O   . HOH C 3 .   ? -14.509 2.304   -0.064  1.00 27.22 ? 238 HOH A O   1 
HETATM 1217 O O   . HOH C 3 .   ? 23.541  -1.687  -0.637  1.00 50.20 ? 239 HOH A O   1 
HETATM 1218 O O   . HOH C 3 .   ? 8.497   3.436   10.301  1.00 32.88 ? 240 HOH A O   1 
HETATM 1219 O O   . HOH C 3 .   ? 21.749  9.032   -1.292  1.00 36.00 ? 241 HOH A O   1 
HETATM 1220 O O   . HOH C 3 .   ? -13.617 -3.824  -11.941 1.00 35.99 ? 242 HOH A O   1 
HETATM 1221 O O   . HOH C 3 .   ? 19.723  4.258   -13.030 1.00 51.11 ? 243 HOH A O   1 
HETATM 1222 O O   . HOH C 3 .   ? -12.107 0.047   -10.478 1.00 28.65 ? 244 HOH A O   1 
HETATM 1223 O O   . HOH C 3 .   ? 0.394   1.226   15.182  1.00 45.60 ? 245 HOH A O   1 
HETATM 1224 O O   . HOH C 3 .   ? 4.764   8.468   -12.319 1.00 39.29 ? 246 HOH A O   1 
HETATM 1225 O O   . HOH C 3 .   ? -2.628  12.473  7.631   1.00 33.96 ? 247 HOH A O   1 
HETATM 1226 O O   . HOH C 3 .   ? -1.046  -3.438  -14.682 1.00 41.10 ? 248 HOH A O   1 
HETATM 1227 O O   . HOH C 3 .   ? 2.682   -6.465  -14.451 1.00 44.88 ? 249 HOH A O   1 
HETATM 1228 O O   . HOH C 3 .   ? -13.590 4.807   -11.568 1.00 48.37 ? 250 HOH A O   1 
HETATM 1229 O O   . HOH C 3 .   ? 6.301   2.353   12.042  1.00 41.38 ? 251 HOH A O   1 
HETATM 1230 O O   . HOH C 3 .   ? -2.733  13.783  12.253  1.00 50.95 ? 252 HOH A O   1 
HETATM 1231 O O   . HOH C 3 .   ? -3.639  -8.421  12.604  1.00 41.44 ? 253 HOH A O   1 
HETATM 1232 O O   . HOH C 3 .   ? -5.436  -5.647  15.262  1.00 49.18 ? 254 HOH A O   1 
HETATM 1233 O O   . HOH C 3 .   ? 13.122  8.009   6.457   1.00 38.94 ? 255 HOH A O   1 
HETATM 1234 O O   . HOH C 3 .   ? -2.997  -1.442  -14.425 1.00 29.87 ? 256 HOH A O   1 
HETATM 1235 O O   . HOH C 3 .   ? 3.727   16.084  0.619   1.00 32.56 ? 257 HOH A O   1 
HETATM 1236 O O   . HOH C 3 .   ? 12.451  1.589   1.608   1.00 33.16 ? 258 HOH A O   1 
HETATM 1237 O O   . HOH C 3 .   ? 20.582  2.740   -17.519 1.00 47.53 ? 259 HOH A O   1 
HETATM 1238 O O   . HOH C 3 .   ? 21.552  6.780   -0.311  1.00 38.92 ? 260 HOH A O   1 
HETATM 1239 O O   . HOH C 3 .   ? 2.751   3.609   -14.012 1.00 40.45 ? 261 HOH A O   1 
HETATM 1240 O O   . HOH C 3 .   ? -4.470  15.772  -0.812  1.00 57.84 ? 262 HOH A O   1 
HETATM 1241 O O   . HOH C 3 .   ? 16.237  -4.669  -7.853  1.00 40.25 ? 263 HOH A O   1 
HETATM 1242 O O   . HOH C 3 .   ? 17.110  12.771  1.573   1.00 52.69 ? 264 HOH A O   1 
HETATM 1243 O O   . HOH C 3 .   ? 8.474   -3.651  -15.460 1.00 50.73 ? 265 HOH A O   1 
HETATM 1244 O O   . HOH C 3 .   ? 6.271   14.806  8.243   1.00 40.96 ? 266 HOH A O   1 
HETATM 1245 O O   . HOH C 3 .   ? 4.934   18.140  -2.697  1.00 42.59 ? 267 HOH A O   1 
HETATM 1246 O O   . HOH C 3 .   ? -4.964  -2.932  -12.017 1.00 41.18 ? 268 HOH A O   1 
HETATM 1247 O O   . HOH C 3 .   ? 20.051  0.236   -13.212 1.00 41.04 ? 269 HOH A O   1 
HETATM 1248 O O   . HOH C 3 .   ? 1.806   16.115  -7.411  1.00 36.67 ? 270 HOH A O   1 
HETATM 1249 O O   . HOH C 3 .   ? -9.105  -9.738  -5.831  1.00 32.85 ? 271 HOH A O   1 
HETATM 1250 O O   . HOH C 3 .   ? 1.644   -2.365  -13.420 1.00 34.66 ? 272 HOH A O   1 
HETATM 1251 O O   . HOH C 3 .   ? 6.737   5.765   12.129  1.00 48.12 ? 273 HOH A O   1 
HETATM 1252 O O   . HOH C 3 .   ? -3.440  13.147  5.316   1.00 49.48 ? 274 HOH A O   1 
HETATM 1253 O O   . HOH C 3 .   ? -4.637  4.337   -15.394 1.00 42.32 ? 275 HOH A O   1 
HETATM 1254 O O   . HOH C 3 .   ? 7.696   -3.094  11.343  1.00 58.98 ? 276 HOH A O   1 
HETATM 1255 O O   . HOH C 3 .   ? 3.364   12.110  -8.656  1.00 35.09 ? 277 HOH A O   1 
HETATM 1256 O O   . HOH C 3 .   ? 28.809  -1.040  -9.021  1.00 59.09 ? 278 HOH A O   1 
HETATM 1257 O O   . HOH C 3 .   ? -11.555 -13.514 -9.016  1.00 54.30 ? 279 HOH A O   1 
HETATM 1258 O O   . HOH C 3 .   ? -8.709  -1.734  -16.700 1.00 59.59 ? 280 HOH A O   1 
HETATM 1259 O O   . HOH C 3 .   ? 4.752   13.421  9.977   1.00 43.77 ? 281 HOH A O   1 
HETATM 1260 O O   . HOH C 3 .   ? -16.475 -9.944  -1.364  1.00 32.01 ? 282 HOH A O   1 
HETATM 1261 O O   . HOH C 3 .   ? 20.638  10.191  1.251   1.00 48.71 ? 283 HOH A O   1 
HETATM 1262 O O   . HOH C 3 .   ? -15.623 -16.206 -3.960  1.00 47.25 ? 284 HOH A O   1 
HETATM 1263 O O   . HOH C 3 .   ? 7.807   0.806   -12.976 1.00 58.49 ? 285 HOH A O   1 
HETATM 1264 O O   . HOH C 3 .   ? 3.653   -8.545  -13.358 1.00 47.28 ? 286 HOH A O   1 
HETATM 1265 O O   . HOH C 3 .   ? 26.810  -2.791  -10.015 1.00 63.59 ? 287 HOH A O   1 
HETATM 1266 O O   . HOH C 3 .   ? 8.611   -6.899  -15.672 1.00 52.78 ? 288 HOH A O   1 
HETATM 1267 O O   . HOH C 3 .   ? 23.219  11.592  1.637   1.00 47.94 ? 289 HOH A O   1 
HETATM 1268 O O   . HOH C 3 .   ? 8.038   7.184   10.306  1.00 58.36 ? 290 HOH A O   1 
HETATM 1269 O O   . HOH C 3 .   ? 0.172   -0.731  -15.759 1.00 48.61 ? 291 HOH A O   1 
HETATM 1270 O O   . HOH C 3 .   ? 2.014   15.157  -1.678  1.00 54.21 ? 292 HOH A O   1 
HETATM 1271 O O   . HOH C 3 .   ? 21.504  -1.429  -16.353 1.00 48.93 ? 293 HOH A O   1 
HETATM 1272 O O   . HOH C 3 .   ? 18.604  13.976  4.399   1.00 57.11 ? 294 HOH A O   1 
HETATM 1273 O O   . HOH C 3 .   ? -23.225 -11.589 -1.366  1.00 46.28 ? 295 HOH A O   1 
HETATM 1274 O O   . HOH C 3 .   ? -10.583 4.922   18.418  1.00 50.96 ? 296 HOH A O   1 
HETATM 1275 O O   . HOH C 3 .   ? -3.353  16.527  -3.928  1.00 49.04 ? 297 HOH A O   1 
HETATM 1276 O O   . HOH C 3 .   ? 15.887  11.732  3.638   1.00 53.76 ? 298 HOH A O   1 
HETATM 1277 O O   . HOH C 3 .   ? -1.150  -8.718  14.318  1.00 48.89 ? 299 HOH A O   1 
HETATM 1278 O O   . HOH C 3 .   ? -5.591  -2.617  13.739  1.00 33.36 ? 300 HOH A O   1 
HETATM 1279 O O   . HOH C 3 .   ? 12.204  -1.748  5.598   1.00 48.80 ? 301 HOH A O   1 
HETATM 1280 O O   . HOH C 3 .   ? 25.429  2.571   -19.554 1.00 59.29 ? 302 HOH A O   1 
HETATM 1281 O O   . HOH C 3 .   ? -9.225  10.337  11.988  1.00 53.91 ? 303 HOH A O   1 
HETATM 1282 O O   . HOH C 3 .   ? 9.978   4.134   -11.748 1.00 49.48 ? 304 HOH A O   1 
HETATM 1283 O O   . HOH C 3 .   ? 4.393   -9.858  -17.133 1.00 51.91 ? 305 HOH A O   1 
HETATM 1284 O O   . HOH C 3 .   ? 13.511  -7.258  -0.444  1.00 45.73 ? 306 HOH A O   1 
HETATM 1285 O O   . HOH C 3 .   ? -10.124 -1.870  -14.522 1.00 52.80 ? 307 HOH A O   1 
HETATM 1286 O O   . HOH C 3 .   ? -0.507  20.664  -7.099  1.00 51.21 ? 308 HOH A O   1 
HETATM 1287 O O   . HOH C 3 .   ? 18.168  -4.002  -5.065  1.00 49.68 ? 309 HOH A O   1 
HETATM 1288 O O   . HOH C 3 .   ? -13.712 -19.028 -5.196  1.00 53.05 ? 310 HOH A O   1 
HETATM 1289 O O   . HOH C 3 .   ? -4.651  -0.810  -20.313 1.00 44.24 ? 311 HOH A O   1 
HETATM 1290 O O   . HOH C 3 .   ? -16.150 8.565   11.969  1.00 56.90 ? 312 HOH A O   1 
HETATM 1291 O O   . HOH C 3 .   ? -15.332 3.261   17.739  1.00 50.58 ? 313 HOH A O   1 
HETATM 1292 O O   . HOH C 3 .   ? -23.043 -12.796 1.177   1.00 55.58 ? 314 HOH A O   1 
HETATM 1293 O O   . HOH C 3 .   ? -15.316 -5.000  2.202   1.00 49.66 ? 315 HOH A O   1 
HETATM 1294 O O   . HOH C 3 .   ? 9.714   -1.154  13.018  1.00 53.20 ? 316 HOH A O   1 
HETATM 1295 O O   . HOH C 3 .   ? -16.298 -6.695  0.303   1.00 44.41 ? 317 HOH A O   1 
HETATM 1296 O O   . HOH C 3 .   ? 2.547   14.228  -9.334  1.00 41.87 ? 318 HOH A O   1 
HETATM 1297 O O   . HOH C 3 .   ? 12.752  -13.317 8.804   1.00 45.66 ? 319 HOH A O   1 
HETATM 1298 O O   . HOH C 3 .   ? 20.208  9.038   3.560   1.00 55.21 ? 320 HOH A O   1 
HETATM 1299 O O   . HOH C 3 .   ? -2.865  -0.613  -17.327 1.00 51.27 ? 321 HOH A O   1 
HETATM 1300 O O   . HOH C 3 .   ? -13.171 -11.349 -9.514  1.00 48.81 ? 322 HOH A O   1 
HETATM 1301 O O   . HOH C 3 .   ? -25.236 -13.148 -1.272  1.00 51.45 ? 323 HOH A O   1 
HETATM 1302 O O   . HOH C 3 .   ? -4.496  14.533  1.552   1.00 54.67 ? 324 HOH A O   1 
HETATM 1303 O O   . HOH C 3 .   ? -1.125  18.455  -3.449  1.00 43.09 ? 325 HOH A O   1 
HETATM 1304 O O   . HOH C 3 .   ? -11.519 8.593   16.944  1.00 60.38 ? 326 HOH A O   1 
HETATM 1305 O O   . HOH C 3 .   ? -11.405 4.629   21.350  1.00 45.03 ? 327 HOH A O   1 
HETATM 1306 O O   . HOH C 3 .   ? -11.251 5.962   12.522  1.00 43.87 ? 328 HOH A O   1 
HETATM 1307 O O   . HOH C 3 .   ? -14.278 -14.569 -6.550  1.00 53.71 ? 329 HOH A O   1 
HETATM 1308 O O   . HOH C 3 .   ? -20.677 -11.097 -1.015  1.00 50.06 ? 330 HOH A O   1 
HETATM 1309 O O   . HOH C 3 .   ? 12.879  11.082  6.100   1.00 45.99 ? 331 HOH A O   1 
HETATM 1310 O O   . HOH C 3 .   ? -16.913 -18.536 -6.194  1.00 46.70 ? 332 HOH A O   1 
HETATM 1311 O O   . HOH C 3 .   ? -12.297 2.757   23.146  1.00 45.98 ? 333 HOH A O   1 
# 
